data_7XLY
#
_entry.id   7XLY
#
_cell.length_a   109.782
_cell.length_b   109.782
_cell.length_c   353.112
_cell.angle_alpha   90.000
_cell.angle_beta   90.000
_cell.angle_gamma   120.000
#
_symmetry.space_group_name_H-M   'P 32 2 1'
#
loop_
_entity.id
_entity.type
_entity.pdbx_description
1 polymer 'Probable acetyl-CoA acyltransferase FadA2 (3-ketoacyl-CoA thiolase) (Beta-ketothiolase)'
2 non-polymer 'SULFATE ION'
#
_entity_poly.entity_id   1
_entity_poly.type   'polypeptide(L)'
_entity_poly.pdbx_seq_one_letter_code
;MAPAAKNTSQTRRRVAVLGGNRIPFARSDGAYADASNQDMFTAALSGLVDRFGLAGERLDMVVGGAVLKHSRDFNLMREC
VLGSELSPYTPAFDLQQA(CSX)GTGLQAAIAAADGIAAGRYEVAAAGGVDTTSDPPIGLGDDLRRTLLKLRRSRSNVQR
LKLVGTLPASLGVEIPANSEPRTGLSMGEHAAVTAKQMGIKRVDQDELAAASHRNMADAYDRGFFDDLVSPFLGLYRDDN
LRPNSSVEKLATLRPVFGVKAGDATMTAGNSTPLTDGASVALLASEQWAEAHSLAPLAYLVDAETAAVDYVNGNDGLLMA
PTYAVPRLLARNGLSLQDFDFYEIHEAFASVVLAHLAAWESEEYCKRRLGLDAALGSIDRSKLNVNGSSLAAGHPFAATG
GRILAQTAKQLAEKKAAKKGGGPLRGLISICAAGGQGVAAILEA
;
_entity_poly.pdbx_strand_id   C,A,B,D
#
# COMPACT_ATOMS: atom_id res chain seq x y z
N ARG A 12 13.06 -43.73 1.37
CA ARG A 12 12.06 -42.85 0.77
C ARG A 12 10.82 -43.63 0.35
N ARG A 13 10.09 -44.16 1.32
CA ARG A 13 8.94 -44.98 1.01
C ARG A 13 7.73 -44.11 0.69
N ARG A 14 6.69 -44.75 0.14
CA ARG A 14 5.53 -44.04 -0.38
C ARG A 14 4.54 -43.73 0.74
N VAL A 15 3.67 -42.75 0.46
CA VAL A 15 2.68 -42.24 1.41
C VAL A 15 1.31 -42.68 0.95
N ALA A 16 0.45 -43.04 1.90
CA ALA A 16 -0.91 -43.48 1.59
C ALA A 16 -1.92 -42.62 2.32
N VAL A 17 -2.74 -41.89 1.55
CA VAL A 17 -3.96 -41.31 2.09
C VAL A 17 -4.99 -42.43 2.17
N LEU A 18 -5.46 -42.72 3.39
CA LEU A 18 -6.44 -43.78 3.61
C LEU A 18 -7.85 -43.23 3.77
N GLY A 19 -8.07 -41.98 3.38
CA GLY A 19 -9.35 -41.33 3.55
C GLY A 19 -9.31 -40.35 4.69
N GLY A 20 -10.46 -39.71 4.93
CA GLY A 20 -10.54 -38.73 6.00
C GLY A 20 -11.99 -38.44 6.31
N ASN A 21 -12.18 -37.80 7.45
CA ASN A 21 -13.50 -37.41 7.91
C ASN A 21 -13.56 -35.88 8.04
N ARG A 22 -14.78 -35.38 8.16
CA ARG A 22 -15.05 -33.95 8.12
C ARG A 22 -16.49 -33.74 8.56
N ILE A 23 -16.73 -32.64 9.28
CA ILE A 23 -18.10 -32.26 9.63
C ILE A 23 -18.56 -31.27 8.58
N PRO A 24 -19.86 -31.12 8.34
CA PRO A 24 -20.31 -30.14 7.35
C PRO A 24 -20.00 -28.72 7.79
N PHE A 25 -19.79 -27.86 6.81
CA PHE A 25 -19.40 -26.47 7.06
C PHE A 25 -20.63 -25.58 7.09
N ALA A 26 -20.83 -24.90 8.22
CA ALA A 26 -21.96 -24.01 8.40
C ALA A 26 -21.55 -22.56 8.16
N ARG A 27 -22.42 -21.80 7.48
CA ARG A 27 -22.30 -20.35 7.49
C ARG A 27 -22.06 -19.88 8.91
N SER A 28 -21.37 -18.75 9.06
CA SER A 28 -20.98 -18.32 10.39
C SER A 28 -22.15 -17.65 11.11
N ASP A 29 -22.08 -17.68 12.45
CA ASP A 29 -23.11 -17.11 13.30
C ASP A 29 -24.47 -17.76 13.01
N GLY A 30 -24.46 -19.09 12.89
CA GLY A 30 -25.67 -19.87 12.71
C GLY A 30 -25.55 -21.19 13.44
N ALA A 31 -25.62 -22.30 12.70
CA ALA A 31 -25.22 -23.58 13.26
C ALA A 31 -23.74 -23.52 13.64
N TYR A 32 -23.39 -24.21 14.71
CA TYR A 32 -22.06 -24.20 15.32
C TYR A 32 -21.73 -22.86 15.96
N ALA A 33 -22.65 -21.89 16.00
CA ALA A 33 -22.33 -20.57 16.51
C ALA A 33 -21.83 -20.62 17.95
N ASP A 34 -22.16 -21.68 18.70
CA ASP A 34 -21.62 -21.89 20.02
C ASP A 34 -20.62 -23.05 20.04
N ALA A 35 -20.12 -23.44 18.87
CA ALA A 35 -19.17 -24.55 18.76
C ALA A 35 -17.75 -24.01 18.83
N SER A 36 -16.95 -24.58 19.73
CA SER A 36 -15.56 -24.19 19.90
C SER A 36 -14.67 -24.94 18.92
N ASN A 37 -13.55 -24.32 18.56
CA ASN A 37 -12.59 -24.98 17.69
C ASN A 37 -12.31 -26.40 18.16
N GLN A 38 -12.11 -26.58 19.47
CA GLN A 38 -11.89 -27.91 20.02
C GLN A 38 -13.14 -28.77 19.87
N ASP A 39 -14.32 -28.20 20.14
CA ASP A 39 -15.56 -28.95 19.95
C ASP A 39 -15.61 -29.56 18.55
N MET A 40 -15.44 -28.72 17.52
CA MET A 40 -15.64 -29.17 16.16
C MET A 40 -14.52 -30.11 15.71
N PHE A 41 -13.27 -29.80 16.06
CA PHE A 41 -12.22 -30.70 15.62
C PHE A 41 -12.31 -32.06 16.32
N THR A 42 -12.59 -32.07 17.62
CA THR A 42 -12.72 -33.35 18.31
C THR A 42 -13.93 -34.12 17.80
N ALA A 43 -14.97 -33.43 17.36
CA ALA A 43 -16.07 -34.11 16.67
C ALA A 43 -15.57 -34.80 15.39
N ALA A 44 -14.88 -34.04 14.53
CA ALA A 44 -14.37 -34.60 13.30
C ALA A 44 -13.42 -35.76 13.58
N LEU A 45 -12.57 -35.62 14.59
CA LEU A 45 -11.63 -36.67 14.94
C LEU A 45 -12.37 -37.93 15.37
N SER A 46 -13.38 -37.78 16.23
CA SER A 46 -14.19 -38.93 16.64
C SER A 46 -14.76 -39.65 15.44
N GLY A 47 -15.31 -38.88 14.49
CA GLY A 47 -15.85 -39.51 13.28
C GLY A 47 -14.79 -40.28 12.51
N LEU A 48 -13.60 -39.71 12.37
CA LEU A 48 -12.52 -40.41 11.69
C LEU A 48 -12.18 -41.72 12.42
N VAL A 49 -12.04 -41.64 13.74
CA VAL A 49 -11.77 -42.81 14.56
C VAL A 49 -12.77 -43.90 14.24
N ASP A 50 -14.06 -43.57 14.39
CA ASP A 50 -15.12 -44.55 14.16
C ASP A 50 -15.03 -45.15 12.77
N ARG A 51 -15.01 -44.30 11.75
CA ARG A 51 -14.99 -44.80 10.38
C ARG A 51 -13.82 -45.74 10.13
N PHE A 52 -12.67 -45.51 10.78
CA PHE A 52 -11.51 -46.34 10.54
C PHE A 52 -11.13 -47.20 11.73
N GLY A 53 -11.95 -47.21 12.79
CA GLY A 53 -11.75 -48.15 13.88
C GLY A 53 -10.47 -47.94 14.64
N LEU A 54 -9.99 -46.70 14.72
CA LEU A 54 -8.77 -46.40 15.48
C LEU A 54 -9.02 -46.28 16.97
N ALA A 55 -10.22 -46.63 17.43
CA ALA A 55 -10.49 -46.60 18.86
C ALA A 55 -9.44 -47.42 19.61
N GLY A 56 -8.86 -46.81 20.64
CA GLY A 56 -7.83 -47.46 21.41
C GLY A 56 -6.45 -47.47 20.78
N GLU A 57 -6.31 -46.98 19.55
CA GLU A 57 -5.03 -47.02 18.87
C GLU A 57 -4.14 -45.87 19.31
N ARG A 58 -2.86 -45.98 18.95
CA ARG A 58 -1.91 -44.89 19.06
C ARG A 58 -1.47 -44.51 17.65
N LEU A 59 -1.68 -43.25 17.30
CA LEU A 59 -1.16 -42.72 16.04
C LEU A 59 0.17 -42.05 16.32
N ASP A 60 1.07 -42.12 15.34
CA ASP A 60 2.40 -41.57 15.56
C ASP A 60 2.39 -40.05 15.62
N MET A 61 1.32 -39.40 15.15
CA MET A 61 1.23 -37.95 15.26
C MET A 61 -0.15 -37.47 14.83
N VAL A 62 -0.60 -36.39 15.47
CA VAL A 62 -1.75 -35.62 15.03
C VAL A 62 -1.32 -34.16 14.94
N VAL A 63 -1.44 -33.57 13.75
CA VAL A 63 -1.00 -32.20 13.53
C VAL A 63 -2.13 -31.42 12.87
N GLY A 64 -2.08 -30.11 13.06
CA GLY A 64 -3.11 -29.22 12.56
C GLY A 64 -3.39 -28.11 13.54
N GLY A 65 -4.36 -27.25 13.24
CA GLY A 65 -4.72 -26.19 14.15
C GLY A 65 -5.74 -25.26 13.53
N ALA A 66 -5.97 -24.15 14.22
CA ALA A 66 -6.88 -23.11 13.77
C ALA A 66 -6.08 -21.84 13.50
N VAL A 67 -6.52 -21.07 12.50
CA VAL A 67 -5.86 -19.82 12.16
C VAL A 67 -6.51 -18.62 12.83
N LEU A 68 -7.70 -18.78 13.39
CA LEU A 68 -8.37 -17.75 14.17
C LEU A 68 -8.45 -18.17 15.63
N LYS A 69 -7.45 -18.91 16.09
CA LYS A 69 -7.46 -19.47 17.44
C LYS A 69 -7.78 -18.42 18.49
N HIS A 70 -8.64 -18.79 19.43
CA HIS A 70 -8.80 -18.02 20.65
C HIS A 70 -7.58 -18.22 21.54
N SER A 71 -7.27 -17.19 22.33
CA SER A 71 -6.08 -17.27 23.19
C SER A 71 -6.09 -18.52 24.05
N ARG A 72 -7.27 -18.91 24.56
CA ARG A 72 -7.36 -20.08 25.42
C ARG A 72 -6.70 -21.29 24.79
N ASP A 73 -7.08 -21.63 23.57
CA ASP A 73 -6.49 -22.77 22.88
C ASP A 73 -4.98 -22.61 22.80
N PHE A 74 -4.25 -23.66 23.19
CA PHE A 74 -2.79 -23.64 23.11
C PHE A 74 -2.29 -24.87 22.36
N ASN A 75 -2.44 -26.05 22.95
CA ASN A 75 -2.07 -27.30 22.29
C ASN A 75 -3.35 -27.99 21.79
N LEU A 76 -3.97 -27.35 20.79
CA LEU A 76 -5.29 -27.79 20.33
C LEU A 76 -5.27 -29.28 19.97
N MET A 77 -4.40 -29.67 19.05
CA MET A 77 -4.38 -31.07 18.61
C MET A 77 -4.09 -32.01 19.76
N ARG A 78 -3.20 -31.60 20.68
CA ARG A 78 -2.84 -32.49 21.78
C ARG A 78 -4.01 -32.67 22.73
N GLU A 79 -4.67 -31.57 23.14
CA GLU A 79 -5.82 -31.69 24.02
C GLU A 79 -6.98 -32.38 23.32
N CYS A 80 -7.06 -32.27 21.99
CA CYS A 80 -8.10 -32.97 21.25
C CYS A 80 -7.85 -34.47 21.24
N VAL A 81 -6.60 -34.89 21.06
CA VAL A 81 -6.28 -36.31 21.16
C VAL A 81 -6.42 -36.80 22.60
N LEU A 82 -6.28 -35.91 23.57
CA LEU A 82 -6.51 -36.30 24.97
C LEU A 82 -7.99 -36.43 25.28
N GLY A 83 -8.84 -35.62 24.64
CA GLY A 83 -10.27 -35.71 24.79
C GLY A 83 -10.95 -36.64 23.81
N SER A 84 -10.18 -37.30 22.95
CA SER A 84 -10.69 -38.25 21.98
C SER A 84 -10.54 -39.66 22.53
N GLU A 85 -10.90 -40.66 21.70
CA GLU A 85 -10.87 -42.05 22.10
C GLU A 85 -9.62 -42.78 21.62
N LEU A 86 -8.57 -42.05 21.26
CA LEU A 86 -7.30 -42.64 20.89
C LEU A 86 -6.39 -42.71 22.10
N SER A 87 -5.36 -43.55 22.00
CA SER A 87 -4.43 -43.69 23.11
C SER A 87 -3.85 -42.34 23.48
N PRO A 88 -3.72 -42.03 24.78
CA PRO A 88 -3.06 -40.77 25.17
C PRO A 88 -1.59 -40.71 24.80
N TYR A 89 -1.03 -41.78 24.23
CA TYR A 89 0.35 -41.79 23.79
C TYR A 89 0.52 -41.19 22.40
N THR A 90 -0.56 -41.10 21.63
CA THR A 90 -0.55 -40.40 20.36
C THR A 90 -0.03 -38.99 20.57
N PRO A 91 1.12 -38.63 20.00
CA PRO A 91 1.61 -37.26 20.13
C PRO A 91 0.96 -36.33 19.11
N ALA A 92 1.08 -35.04 19.38
CA ALA A 92 0.44 -34.06 18.52
C ALA A 92 1.16 -32.73 18.63
N PHE A 93 1.11 -31.96 17.55
CA PHE A 93 1.59 -30.58 17.61
C PHE A 93 0.80 -29.72 16.64
N ASP A 94 0.69 -28.44 16.97
CA ASP A 94 -0.11 -27.51 16.18
C ASP A 94 0.67 -27.05 14.94
N LEU A 95 -0.05 -26.41 14.02
CA LEU A 95 0.53 -25.93 12.77
C LEU A 95 -0.43 -24.91 12.17
N GLN A 96 0.13 -23.84 11.62
CA GLN A 96 -0.65 -22.74 11.08
C GLN A 96 -0.05 -22.24 9.77
N GLN A 97 -0.88 -22.19 8.73
CA GLN A 97 -0.48 -21.51 7.50
C GLN A 97 -1.74 -20.97 6.82
N ALA A 98 -2.60 -20.31 7.59
CA ALA A 98 -3.82 -19.73 7.06
C ALA A 98 -4.64 -20.78 6.31
N GLY A 100 -3.83 -22.68 3.97
CA GLY A 100 -3.06 -23.87 3.65
C GLY A 100 -2.78 -24.76 4.85
N THR A 101 -3.28 -24.35 6.01
CA THR A 101 -3.02 -25.07 7.25
C THR A 101 -3.25 -26.58 7.09
N GLY A 102 -4.39 -26.96 6.50
CA GLY A 102 -4.72 -28.37 6.40
C GLY A 102 -3.73 -29.15 5.53
N LEU A 103 -3.53 -28.67 4.29
CA LEU A 103 -2.62 -29.38 3.40
C LEU A 103 -1.19 -29.37 3.93
N GLN A 104 -0.79 -28.32 4.64
CA GLN A 104 0.52 -28.31 5.25
C GLN A 104 0.62 -29.34 6.38
N ALA A 105 -0.43 -29.47 7.19
CA ALA A 105 -0.48 -30.54 8.16
C ALA A 105 -0.31 -31.90 7.46
N ALA A 106 -0.90 -32.02 6.27
CA ALA A 106 -0.78 -33.26 5.51
C ALA A 106 0.66 -33.52 5.11
N ILE A 107 1.35 -32.49 4.59
CA ILE A 107 2.74 -32.72 4.20
C ILE A 107 3.59 -33.01 5.43
N ALA A 108 3.23 -32.44 6.58
CA ALA A 108 3.98 -32.74 7.81
C ALA A 108 3.90 -34.23 8.13
N ALA A 109 2.68 -34.77 8.20
CA ALA A 109 2.52 -36.19 8.48
C ALA A 109 3.17 -37.05 7.38
N ALA A 110 3.03 -36.62 6.12
CA ALA A 110 3.64 -37.34 5.01
C ALA A 110 5.15 -37.43 5.17
N ASP A 111 5.81 -36.27 5.30
CA ASP A 111 7.24 -36.24 5.58
C ASP A 111 7.59 -37.20 6.71
N GLY A 112 6.79 -37.19 7.78
CA GLY A 112 7.11 -38.00 8.94
C GLY A 112 7.13 -39.49 8.63
N ILE A 113 6.16 -39.97 7.85
CA ILE A 113 6.20 -41.41 7.55
C ILE A 113 7.25 -41.69 6.46
N ALA A 114 7.37 -40.83 5.46
CA ALA A 114 8.34 -41.06 4.39
C ALA A 114 9.76 -41.06 4.93
N ALA A 115 10.03 -40.20 5.93
CA ALA A 115 11.28 -40.30 6.66
C ALA A 115 11.37 -41.58 7.45
N GLY A 116 10.24 -42.19 7.80
CA GLY A 116 10.20 -43.39 8.59
C GLY A 116 10.00 -43.18 10.07
N ARG A 117 9.84 -41.93 10.52
CA ARG A 117 9.61 -41.67 11.94
C ARG A 117 8.23 -42.15 12.36
N TYR A 118 7.23 -41.94 11.51
CA TYR A 118 5.87 -42.34 11.78
C TYR A 118 5.52 -43.61 11.03
N GLU A 119 4.43 -44.25 11.45
CA GLU A 119 3.77 -45.29 10.68
C GLU A 119 2.37 -44.87 10.24
N VAL A 120 1.66 -44.14 11.09
CA VAL A 120 0.33 -43.62 10.80
C VAL A 120 0.22 -42.23 11.43
N ALA A 121 -0.54 -41.36 10.78
CA ALA A 121 -0.74 -40.01 11.30
C ALA A 121 -2.00 -39.40 10.72
N ALA A 122 -2.67 -38.58 11.53
CA ALA A 122 -3.82 -37.82 11.10
C ALA A 122 -3.46 -36.34 11.03
N ALA A 123 -4.01 -35.64 10.03
CA ALA A 123 -3.66 -34.26 9.78
C ALA A 123 -4.86 -33.50 9.23
N GLY A 124 -4.99 -32.23 9.61
CA GLY A 124 -6.12 -31.45 9.15
C GLY A 124 -6.25 -30.18 9.95
N GLY A 125 -7.43 -29.57 9.88
CA GLY A 125 -7.63 -28.28 10.53
C GLY A 125 -9.06 -28.01 10.91
N VAL A 126 -9.21 -27.05 11.83
CA VAL A 126 -10.50 -26.59 12.31
C VAL A 126 -10.47 -25.07 12.32
N ASP A 127 -11.64 -24.45 12.14
CA ASP A 127 -11.71 -23.00 12.19
C ASP A 127 -13.15 -22.54 12.37
N THR A 128 -13.38 -21.74 13.41
CA THR A 128 -14.64 -21.06 13.64
C THR A 128 -14.49 -19.58 13.33
N THR A 129 -15.46 -19.01 12.62
CA THR A 129 -15.49 -17.60 12.29
C THR A 129 -16.66 -16.88 12.95
N SER A 130 -17.16 -17.43 14.05
CA SER A 130 -18.33 -16.88 14.74
C SER A 130 -17.87 -15.99 15.88
N ASP A 131 -18.40 -14.78 15.94
CA ASP A 131 -17.98 -13.78 16.90
C ASP A 131 -16.45 -13.67 16.89
N PRO A 132 -15.86 -13.30 15.73
CA PRO A 132 -14.40 -13.33 15.54
C PRO A 132 -13.65 -12.40 16.49
N ARG A 156 -19.89 -5.47 4.62
CA ARG A 156 -19.68 -6.67 5.43
C ARG A 156 -20.93 -7.55 5.39
N LEU A 157 -21.05 -8.34 4.31
CA LEU A 157 -22.15 -9.28 4.14
C LEU A 157 -21.77 -10.69 4.54
N LYS A 158 -20.78 -10.84 5.43
CA LYS A 158 -20.31 -12.14 5.88
C LYS A 158 -19.60 -12.87 4.74
N LEU A 159 -18.48 -12.31 4.27
CA LEU A 159 -17.61 -12.96 3.29
C LEU A 159 -16.19 -12.98 3.84
N VAL A 160 -15.39 -13.95 3.37
CA VAL A 160 -13.99 -13.98 3.75
C VAL A 160 -13.28 -12.72 3.25
N GLY A 161 -13.68 -12.23 2.08
CA GLY A 161 -12.97 -11.14 1.43
C GLY A 161 -12.86 -9.88 2.26
N THR A 162 -13.75 -9.68 3.23
CA THR A 162 -13.79 -8.43 3.98
C THR A 162 -12.75 -8.35 5.10
N LEU A 163 -11.87 -9.35 5.22
CA LEU A 163 -10.92 -9.41 6.33
C LEU A 163 -9.54 -8.92 5.90
N PRO A 164 -8.67 -8.60 6.86
CA PRO A 164 -7.32 -8.14 6.50
C PRO A 164 -6.55 -9.18 5.71
N ALA A 165 -5.65 -8.69 4.85
CA ALA A 165 -4.93 -9.56 3.92
C ALA A 165 -4.04 -10.57 4.64
N SER A 166 -3.65 -10.30 5.88
CA SER A 166 -2.91 -11.26 6.70
C SER A 166 -3.76 -11.81 7.82
N LEU A 167 -5.07 -11.58 7.78
CA LEU A 167 -6.02 -11.98 8.82
C LEU A 167 -5.76 -11.29 10.16
N GLY A 168 -4.83 -10.34 10.20
CA GLY A 168 -4.53 -9.62 11.42
C GLY A 168 -4.96 -8.16 11.36
N THR A 179 -0.52 -3.69 3.79
CA THR A 179 -1.21 -2.73 2.95
C THR A 179 -2.54 -2.30 3.55
N GLY A 180 -3.00 -3.04 4.57
CA GLY A 180 -4.30 -2.80 5.16
C GLY A 180 -5.48 -3.14 4.28
N LEU A 181 -5.24 -3.47 3.01
CA LEU A 181 -6.32 -3.82 2.10
C LEU A 181 -6.89 -5.19 2.45
N SER A 182 -8.17 -5.37 2.16
CA SER A 182 -8.84 -6.64 2.44
C SER A 182 -8.49 -7.68 1.38
N MET A 183 -8.67 -8.94 1.74
CA MET A 183 -8.46 -10.03 0.79
C MET A 183 -9.20 -9.75 -0.52
N GLY A 184 -10.46 -9.30 -0.41
CA GLY A 184 -11.28 -9.15 -1.60
C GLY A 184 -10.82 -8.02 -2.50
N GLU A 185 -10.44 -6.89 -1.90
CA GLU A 185 -9.94 -5.78 -2.71
C GLU A 185 -8.64 -6.17 -3.43
N HIS A 186 -7.76 -6.89 -2.73
CA HIS A 186 -6.55 -7.39 -3.38
C HIS A 186 -6.89 -8.27 -4.58
N ALA A 187 -7.72 -9.29 -4.35
CA ALA A 187 -8.09 -10.20 -5.43
C ALA A 187 -8.78 -9.45 -6.55
N ALA A 188 -9.58 -8.42 -6.22
CA ALA A 188 -10.25 -7.64 -7.25
C ALA A 188 -9.26 -6.83 -8.07
N VAL A 189 -8.23 -6.29 -7.42
CA VAL A 189 -7.16 -5.59 -8.13
C VAL A 189 -6.57 -6.51 -9.19
N THR A 190 -6.06 -7.66 -8.76
CA THR A 190 -5.44 -8.55 -9.73
C THR A 190 -6.45 -9.06 -10.74
N ALA A 191 -7.71 -9.21 -10.34
CA ALA A 191 -8.75 -9.68 -11.26
C ALA A 191 -8.97 -8.69 -12.39
N LYS A 192 -9.14 -7.41 -12.03
CA LYS A 192 -9.33 -6.38 -13.04
C LYS A 192 -8.12 -6.27 -13.95
N GLN A 193 -6.91 -6.29 -13.37
CA GLN A 193 -5.72 -6.19 -14.21
C GLN A 193 -5.51 -7.44 -15.06
N MET A 194 -6.04 -8.58 -14.64
CA MET A 194 -5.96 -9.81 -15.41
C MET A 194 -7.03 -9.88 -16.50
N GLY A 195 -8.10 -9.10 -16.38
CA GLY A 195 -9.13 -9.07 -17.39
C GLY A 195 -10.13 -10.21 -17.33
N ILE A 196 -10.15 -10.96 -16.22
CA ILE A 196 -11.18 -11.98 -16.07
C ILE A 196 -12.55 -11.30 -16.03
N LYS A 197 -13.58 -12.02 -16.47
CA LYS A 197 -14.91 -11.45 -16.59
C LYS A 197 -15.89 -12.13 -15.62
N ARG A 198 -16.94 -11.39 -15.28
CA ARG A 198 -17.89 -11.86 -14.28
C ARG A 198 -18.68 -13.07 -14.76
N VAL A 199 -18.96 -13.18 -16.06
CA VAL A 199 -19.74 -14.32 -16.54
C VAL A 199 -19.01 -15.62 -16.23
N ASP A 200 -17.69 -15.64 -16.43
CA ASP A 200 -16.92 -16.84 -16.14
C ASP A 200 -16.86 -17.11 -14.64
N GLN A 201 -16.68 -16.05 -13.84
CA GLN A 201 -16.74 -16.21 -12.39
C GLN A 201 -18.05 -16.84 -11.96
N ASP A 202 -19.17 -16.32 -12.47
CA ASP A 202 -20.49 -16.80 -12.10
C ASP A 202 -20.69 -18.24 -12.54
N GLU A 203 -20.31 -18.56 -13.77
CA GLU A 203 -20.44 -19.94 -14.25
C GLU A 203 -19.65 -20.88 -13.35
N LEU A 204 -18.43 -20.50 -12.97
CA LEU A 204 -17.63 -21.36 -12.12
C LEU A 204 -18.28 -21.57 -10.76
N ALA A 205 -18.81 -20.51 -10.17
CA ALA A 205 -19.46 -20.62 -8.86
C ALA A 205 -20.68 -21.53 -8.94
N ALA A 206 -21.57 -21.24 -9.90
CA ALA A 206 -22.76 -22.08 -10.10
C ALA A 206 -22.35 -23.53 -10.32
N ALA A 207 -21.24 -23.75 -11.04
CA ALA A 207 -20.81 -25.12 -11.31
C ALA A 207 -20.36 -25.82 -10.04
N SER A 208 -19.62 -25.12 -9.18
CA SER A 208 -19.24 -25.73 -7.91
C SER A 208 -20.48 -26.13 -7.11
N HIS A 209 -21.45 -25.20 -7.01
CA HIS A 209 -22.67 -25.49 -6.27
C HIS A 209 -23.36 -26.74 -6.82
N ARG A 210 -23.62 -26.76 -8.12
CA ARG A 210 -24.38 -27.85 -8.72
C ARG A 210 -23.61 -29.17 -8.66
N ASN A 211 -22.30 -29.13 -8.93
CA ASN A 211 -21.51 -30.36 -8.92
C ASN A 211 -21.41 -30.94 -7.52
N MET A 212 -21.36 -30.11 -6.48
CA MET A 212 -21.31 -30.66 -5.14
C MET A 212 -22.66 -31.21 -4.72
N ALA A 213 -23.76 -30.54 -5.12
CA ALA A 213 -25.08 -31.12 -4.91
C ALA A 213 -25.16 -32.51 -5.55
N ASP A 214 -24.74 -32.61 -6.81
CA ASP A 214 -24.78 -33.89 -7.51
C ASP A 214 -23.90 -34.93 -6.83
N ALA A 215 -22.74 -34.52 -6.33
CA ALA A 215 -21.90 -35.44 -5.57
C ALA A 215 -22.65 -35.96 -4.35
N TYR A 216 -23.39 -35.07 -3.67
CA TYR A 216 -24.16 -35.50 -2.51
C TYR A 216 -25.23 -36.51 -2.90
N ASP A 217 -26.04 -36.18 -3.92
CA ASP A 217 -27.15 -37.05 -4.30
C ASP A 217 -26.67 -38.44 -4.71
N ARG A 218 -25.43 -38.57 -5.13
CA ARG A 218 -24.83 -39.87 -5.42
C ARG A 218 -24.20 -40.50 -4.19
N GLY A 219 -24.38 -39.91 -3.02
CA GLY A 219 -23.77 -40.45 -1.81
C GLY A 219 -22.26 -40.37 -1.78
N PHE A 220 -21.65 -39.53 -2.63
CA PHE A 220 -20.20 -39.48 -2.70
C PHE A 220 -19.60 -39.26 -1.33
N PHE A 221 -20.14 -38.33 -0.56
CA PHE A 221 -19.53 -37.91 0.69
C PHE A 221 -19.85 -38.85 1.84
N ASP A 222 -20.63 -39.90 1.62
CA ASP A 222 -21.11 -40.73 2.72
C ASP A 222 -19.96 -41.23 3.60
N ASP A 223 -18.82 -41.55 2.99
CA ASP A 223 -17.66 -42.03 3.74
C ASP A 223 -16.67 -40.92 4.03
N LEU A 224 -17.07 -39.66 3.88
CA LEU A 224 -16.18 -38.53 4.15
C LEU A 224 -16.73 -37.53 5.16
N VAL A 225 -18.02 -37.52 5.45
CA VAL A 225 -18.61 -36.56 6.35
C VAL A 225 -19.11 -37.26 7.62
N SER A 226 -19.53 -36.44 8.58
CA SER A 226 -19.96 -36.90 9.89
C SER A 226 -20.91 -35.87 10.50
N PRO A 227 -22.15 -36.23 10.82
CA PRO A 227 -23.08 -35.25 11.37
C PRO A 227 -22.46 -34.45 12.51
N PHE A 228 -22.88 -33.19 12.63
CA PHE A 228 -22.48 -32.36 13.76
C PHE A 228 -23.62 -31.41 14.07
N LEU A 229 -24.11 -31.45 15.31
CA LEU A 229 -25.15 -30.55 15.80
C LEU A 229 -26.31 -30.44 14.81
N GLY A 230 -26.77 -31.59 14.34
CA GLY A 230 -27.96 -31.66 13.53
C GLY A 230 -27.78 -31.31 12.07
N LEU A 231 -26.55 -31.04 11.63
CA LEU A 231 -26.29 -30.75 10.23
C LEU A 231 -25.70 -31.98 9.56
N TYR A 232 -26.17 -32.25 8.34
CA TYR A 232 -25.72 -33.41 7.58
C TYR A 232 -25.06 -33.05 6.27
N ARG A 233 -25.26 -31.83 5.76
CA ARG A 233 -24.55 -31.31 4.61
C ARG A 233 -24.21 -29.84 4.88
N ASP A 234 -23.45 -29.25 3.96
CA ASP A 234 -22.97 -27.88 4.16
C ASP A 234 -24.11 -26.89 4.03
N ASP A 235 -24.38 -26.15 5.11
CA ASP A 235 -25.33 -25.04 5.10
C ASP A 235 -25.31 -24.27 3.80
N ASN A 236 -24.14 -23.75 3.43
CA ASN A 236 -24.04 -22.81 2.33
C ASN A 236 -24.40 -23.42 0.99
N LEU A 237 -24.52 -24.75 0.90
CA LEU A 237 -24.81 -25.36 -0.39
C LEU A 237 -26.14 -24.88 -0.92
N ARG A 238 -26.18 -24.63 -2.24
CA ARG A 238 -27.37 -24.16 -2.92
C ARG A 238 -27.45 -24.89 -4.26
N PRO A 239 -28.19 -25.99 -4.33
CA PRO A 239 -28.32 -26.68 -5.63
C PRO A 239 -29.11 -25.87 -6.64
N ASN A 240 -30.02 -25.02 -6.18
CA ASN A 240 -30.80 -24.16 -7.07
C ASN A 240 -30.03 -22.87 -7.33
N SER A 241 -28.94 -23.03 -8.08
CA SER A 241 -28.06 -21.92 -8.41
C SER A 241 -27.68 -21.99 -9.89
N SER A 242 -27.70 -20.83 -10.55
CA SER A 242 -27.35 -20.76 -11.96
C SER A 242 -26.89 -19.35 -12.29
N VAL A 243 -26.15 -19.24 -13.38
CA VAL A 243 -25.68 -17.97 -13.91
C VAL A 243 -26.76 -16.90 -13.79
N GLU A 244 -27.96 -17.23 -14.28
CA GLU A 244 -29.04 -16.26 -14.36
C GLU A 244 -29.28 -15.59 -13.02
N LYS A 245 -29.43 -16.39 -11.96
CA LYS A 245 -29.61 -15.82 -10.64
C LYS A 245 -28.33 -15.18 -10.12
N LEU A 246 -27.18 -15.69 -10.55
CA LEU A 246 -25.90 -15.20 -10.06
C LEU A 246 -25.45 -13.92 -10.75
N ALA A 247 -26.10 -13.50 -11.82
CA ALA A 247 -25.70 -12.29 -12.51
C ALA A 247 -26.48 -11.05 -12.07
N THR A 248 -27.34 -11.17 -11.05
CA THR A 248 -28.15 -10.04 -10.59
C THR A 248 -27.56 -9.35 -9.37
N LEU A 249 -26.67 -10.03 -8.65
CA LEU A 249 -26.05 -9.47 -7.45
C LEU A 249 -25.13 -8.31 -7.82
N ARG A 250 -25.09 -7.32 -6.94
CA ARG A 250 -24.28 -6.13 -7.21
C ARG A 250 -22.83 -6.38 -6.80
N PRO A 251 -21.86 -6.05 -7.67
CA PRO A 251 -20.45 -6.16 -7.26
C PRO A 251 -20.22 -5.51 -5.91
N VAL A 252 -19.36 -6.15 -5.10
CA VAL A 252 -19.11 -5.70 -3.74
C VAL A 252 -17.63 -5.45 -3.45
N PHE A 253 -16.75 -5.72 -4.42
CA PHE A 253 -15.31 -5.55 -4.20
C PHE A 253 -14.69 -4.82 -5.38
N GLY A 254 -13.85 -3.83 -5.08
CA GLY A 254 -13.16 -3.07 -6.11
C GLY A 254 -14.06 -2.28 -7.01
N VAL A 255 -15.18 -1.79 -6.49
CA VAL A 255 -16.16 -1.12 -7.34
C VAL A 255 -15.82 0.35 -7.56
N LYS A 256 -15.17 1.01 -6.59
CA LYS A 256 -14.73 2.38 -6.83
C LYS A 256 -13.78 2.45 -8.02
N ALA A 257 -12.81 1.54 -8.07
CA ALA A 257 -11.85 1.52 -9.17
C ALA A 257 -12.57 1.46 -10.52
N GLY A 258 -13.63 0.66 -10.61
CA GLY A 258 -14.40 0.56 -11.82
C GLY A 258 -14.27 -0.83 -12.45
N ASP A 259 -15.32 -1.23 -13.18
CA ASP A 259 -15.36 -2.53 -13.85
C ASP A 259 -15.27 -3.67 -12.85
N ALA A 260 -15.94 -3.51 -11.71
CA ALA A 260 -15.95 -4.55 -10.69
C ALA A 260 -16.72 -5.78 -11.18
N THR A 261 -16.24 -6.96 -10.73
CA THR A 261 -16.81 -8.22 -11.16
C THR A 261 -16.71 -9.25 -10.04
N MET A 262 -17.00 -8.84 -8.81
CA MET A 262 -16.85 -9.72 -7.64
C MET A 262 -18.07 -9.52 -6.75
N THR A 263 -19.07 -10.39 -6.93
CA THR A 263 -20.31 -10.35 -6.17
C THR A 263 -20.16 -11.17 -4.89
N ALA A 264 -21.23 -11.23 -4.11
CA ALA A 264 -21.25 -12.13 -2.96
C ALA A 264 -21.64 -13.54 -3.34
N GLY A 265 -22.02 -13.79 -4.59
CA GLY A 265 -22.31 -15.12 -5.05
C GLY A 265 -21.07 -15.87 -5.53
N ASN A 266 -20.05 -15.14 -5.98
CA ASN A 266 -18.82 -15.76 -6.48
C ASN A 266 -17.63 -15.53 -5.56
N SER A 267 -17.89 -15.36 -4.27
CA SER A 267 -16.86 -15.35 -3.24
C SER A 267 -17.32 -16.23 -2.09
N THR A 268 -16.36 -16.81 -1.37
CA THR A 268 -16.75 -17.74 -0.32
C THR A 268 -17.20 -16.98 0.92
N PRO A 269 -18.29 -17.41 1.57
CA PRO A 269 -18.67 -16.82 2.86
C PRO A 269 -17.85 -17.43 4.00
N LEU A 270 -17.74 -16.66 5.08
CA LEU A 270 -17.10 -17.19 6.27
C LEU A 270 -17.93 -18.34 6.82
N THR A 271 -17.30 -19.49 7.01
CA THR A 271 -17.98 -20.66 7.52
C THR A 271 -17.15 -21.31 8.62
N ASP A 272 -17.83 -22.06 9.47
CA ASP A 272 -17.21 -22.78 10.58
C ASP A 272 -17.09 -24.25 10.20
N GLY A 273 -15.91 -24.82 10.37
CA GLY A 273 -15.75 -26.20 9.99
C GLY A 273 -14.57 -26.88 10.65
N ALA A 274 -14.47 -28.18 10.39
CA ALA A 274 -13.34 -28.99 10.81
C ALA A 274 -13.19 -30.14 9.83
N SER A 275 -11.96 -30.62 9.68
CA SER A 275 -11.68 -31.72 8.78
C SER A 275 -10.35 -32.35 9.15
N VAL A 276 -10.22 -33.65 8.85
CA VAL A 276 -9.02 -34.40 9.15
C VAL A 276 -8.91 -35.51 8.10
N ALA A 277 -7.67 -35.84 7.75
CA ALA A 277 -7.36 -36.90 6.83
C ALA A 277 -6.40 -37.86 7.53
N LEU A 278 -6.47 -39.12 7.16
CA LEU A 278 -5.62 -40.14 7.74
C LEU A 278 -4.62 -40.62 6.70
N LEU A 279 -3.37 -40.82 7.15
CA LEU A 279 -2.25 -41.12 6.29
C LEU A 279 -1.42 -42.20 6.98
N ALA A 280 -0.73 -43.01 6.18
CA ALA A 280 0.08 -44.04 6.82
C ALA A 280 0.99 -44.71 5.80
N SER A 281 2.01 -45.38 6.33
CA SER A 281 2.83 -46.27 5.52
C SER A 281 1.96 -47.39 4.96
N GLU A 282 2.40 -47.95 3.82
CA GLU A 282 1.70 -49.09 3.24
C GLU A 282 1.62 -50.24 4.23
N GLN A 283 2.69 -50.45 5.00
CA GLN A 283 2.73 -51.56 5.93
C GLN A 283 1.61 -51.44 6.96
N TRP A 284 1.46 -50.27 7.58
CA TRP A 284 0.38 -50.08 8.55
C TRP A 284 -0.97 -50.27 7.89
N ALA A 285 -1.12 -49.78 6.66
CA ALA A 285 -2.39 -49.93 5.95
C ALA A 285 -2.80 -51.39 5.85
N GLU A 286 -1.89 -52.24 5.35
CA GLU A 286 -2.25 -53.66 5.27
C GLU A 286 -2.34 -54.30 6.65
N ALA A 287 -1.49 -53.85 7.59
CA ALA A 287 -1.51 -54.40 8.94
C ALA A 287 -2.89 -54.29 9.55
N HIS A 288 -3.60 -53.21 9.27
CA HIS A 288 -4.97 -53.03 9.74
C HIS A 288 -6.00 -53.27 8.65
N SER A 289 -5.55 -53.56 7.42
CA SER A 289 -6.41 -54.03 6.33
C SER A 289 -7.30 -52.90 5.80
N LEU A 290 -6.66 -51.81 5.41
CA LEU A 290 -7.31 -50.65 4.79
C LEU A 290 -6.70 -50.46 3.41
N ALA A 291 -7.54 -50.24 2.42
CA ALA A 291 -7.00 -50.04 1.08
C ALA A 291 -6.62 -48.57 0.91
N PRO A 292 -5.58 -48.18 0.13
CA PRO A 292 -5.23 -46.75 0.11
C PRO A 292 -5.98 -46.14 -1.05
N LEU A 293 -6.40 -44.87 -0.89
CA LEU A 293 -7.11 -44.29 -2.04
C LEU A 293 -6.11 -43.80 -3.05
N ALA A 294 -5.11 -43.04 -2.57
CA ALA A 294 -4.07 -42.52 -3.43
C ALA A 294 -2.81 -42.40 -2.58
N TYR A 295 -1.72 -42.00 -3.22
CA TYR A 295 -0.47 -41.72 -2.53
C TYR A 295 -0.10 -40.26 -2.77
N LEU A 296 0.50 -39.64 -1.75
CA LEU A 296 0.99 -38.28 -1.85
C LEU A 296 2.44 -38.34 -2.31
N VAL A 297 2.68 -37.91 -3.56
CA VAL A 297 4.02 -38.03 -4.12
C VAL A 297 4.89 -36.85 -3.70
N ASP A 298 4.40 -35.63 -3.89
CA ASP A 298 5.23 -34.47 -3.64
C ASP A 298 4.37 -33.25 -3.39
N ALA A 299 5.03 -32.17 -2.98
CA ALA A 299 4.36 -30.93 -2.60
C ALA A 299 5.33 -29.78 -2.81
N GLU A 300 4.78 -28.57 -2.78
CA GLU A 300 5.58 -27.37 -3.00
C GLU A 300 4.87 -26.17 -2.37
N THR A 301 5.62 -25.40 -1.59
CA THR A 301 5.11 -24.24 -0.88
C THR A 301 5.83 -22.99 -1.38
N ALA A 302 5.08 -21.91 -1.57
CA ALA A 302 5.62 -20.70 -2.16
C ALA A 302 4.95 -19.49 -1.54
N ALA A 303 5.66 -18.36 -1.53
CA ALA A 303 5.12 -17.08 -1.11
C ALA A 303 5.38 -16.06 -2.21
N VAL A 304 4.87 -14.84 -2.02
CA VAL A 304 5.01 -13.79 -3.01
C VAL A 304 5.30 -12.46 -2.35
N ASP A 305 5.82 -11.54 -3.16
CA ASP A 305 6.02 -10.15 -2.78
C ASP A 305 4.72 -9.41 -3.08
N TYR A 306 3.89 -9.23 -2.06
CA TYR A 306 2.56 -8.67 -2.24
C TYR A 306 2.35 -7.34 -1.54
N VAL A 307 3.20 -6.99 -0.57
CA VAL A 307 2.91 -5.84 0.28
C VAL A 307 2.83 -4.56 -0.55
N ASN A 308 3.67 -4.45 -1.58
CA ASN A 308 3.74 -3.25 -2.40
C ASN A 308 3.20 -3.45 -3.82
N GLY A 309 2.70 -4.64 -4.14
CA GLY A 309 2.02 -4.86 -5.40
C GLY A 309 2.81 -5.57 -6.47
N ASN A 310 4.05 -5.98 -6.19
CA ASN A 310 4.80 -6.76 -7.18
C ASN A 310 4.03 -8.02 -7.57
N ASP A 311 3.28 -8.60 -6.65
CA ASP A 311 2.44 -9.75 -6.95
C ASP A 311 1.08 -9.58 -6.28
N GLY A 312 0.07 -10.18 -6.89
CA GLY A 312 -1.25 -10.22 -6.28
C GLY A 312 -1.24 -11.11 -5.05
N LEU A 313 -2.02 -10.71 -4.04
CA LEU A 313 -1.98 -11.39 -2.75
C LEU A 313 -2.15 -12.90 -2.89
N LEU A 314 -3.03 -13.34 -3.79
CA LEU A 314 -3.40 -14.74 -3.89
C LEU A 314 -2.83 -15.39 -5.15
N MET A 315 -1.69 -14.90 -5.61
CA MET A 315 -1.00 -15.43 -6.78
C MET A 315 0.17 -16.34 -6.43
N ALA A 316 0.39 -16.61 -5.14
CA ALA A 316 1.46 -17.52 -4.75
C ALA A 316 1.36 -18.91 -5.36
N PRO A 317 0.17 -19.52 -5.47
CA PRO A 317 0.12 -20.90 -5.99
C PRO A 317 0.63 -21.02 -7.41
N THR A 318 0.54 -19.97 -8.23
CA THR A 318 1.05 -20.05 -9.60
C THR A 318 2.57 -19.94 -9.66
N TYR A 319 3.21 -19.52 -8.57
CA TYR A 319 4.66 -19.70 -8.46
C TYR A 319 4.99 -21.12 -8.00
N ALA A 320 4.16 -21.67 -7.11
CA ALA A 320 4.50 -22.99 -6.56
C ALA A 320 4.35 -24.10 -7.58
N VAL A 321 3.23 -24.11 -8.33
CA VAL A 321 2.91 -25.29 -9.15
C VAL A 321 3.98 -25.59 -10.20
N PRO A 322 4.48 -24.63 -10.97
CA PRO A 322 5.48 -24.98 -12.00
C PRO A 322 6.73 -25.63 -11.42
N ARG A 323 7.20 -25.16 -10.26
CA ARG A 323 8.33 -25.83 -9.61
C ARG A 323 8.01 -27.28 -9.29
N LEU A 324 6.81 -27.54 -8.76
CA LEU A 324 6.40 -28.91 -8.46
C LEU A 324 6.42 -29.78 -9.71
N LEU A 325 5.72 -29.33 -10.76
CA LEU A 325 5.67 -30.10 -11.99
C LEU A 325 7.09 -30.36 -12.53
N ALA A 326 7.94 -29.33 -12.50
CA ALA A 326 9.31 -29.51 -12.99
C ALA A 326 10.03 -30.58 -12.18
N ARG A 327 10.05 -30.45 -10.86
CA ARG A 327 10.76 -31.42 -10.04
C ARG A 327 10.26 -32.84 -10.32
N ASN A 328 9.00 -32.99 -10.72
CA ASN A 328 8.47 -34.31 -11.00
C ASN A 328 8.43 -34.66 -12.48
N GLY A 329 8.64 -33.70 -13.37
CA GLY A 329 8.67 -33.99 -14.79
C GLY A 329 7.31 -34.23 -15.40
N LEU A 330 6.31 -33.46 -14.98
CA LEU A 330 5.00 -33.46 -15.61
C LEU A 330 4.73 -32.07 -16.19
N SER A 331 3.82 -32.03 -17.15
CA SER A 331 3.27 -30.76 -17.63
C SER A 331 1.92 -30.53 -16.97
N LEU A 332 1.40 -29.31 -17.12
CA LEU A 332 0.13 -28.97 -16.48
C LEU A 332 -1.01 -29.86 -16.96
N GLN A 333 -0.91 -30.37 -18.20
CA GLN A 333 -1.97 -31.17 -18.79
C GLN A 333 -1.70 -32.66 -18.65
N ASP A 334 -1.25 -33.10 -17.46
CA ASP A 334 -0.94 -34.51 -17.23
C ASP A 334 -1.60 -35.06 -15.97
N PHE A 335 -2.69 -34.46 -15.52
CA PHE A 335 -3.47 -35.04 -14.44
C PHE A 335 -4.92 -35.19 -14.89
N ASP A 336 -5.66 -36.04 -14.17
CA ASP A 336 -7.06 -36.28 -14.41
C ASP A 336 -7.97 -35.54 -13.44
N PHE A 337 -7.39 -34.91 -12.42
CA PHE A 337 -8.16 -34.12 -11.47
C PHE A 337 -7.36 -32.88 -11.08
N TYR A 338 -7.97 -31.72 -11.23
CA TYR A 338 -7.42 -30.46 -10.77
C TYR A 338 -8.30 -29.96 -9.63
N GLU A 339 -7.72 -29.82 -8.44
CA GLU A 339 -8.43 -29.41 -7.23
C GLU A 339 -7.84 -28.08 -6.80
N ILE A 340 -8.42 -27.00 -7.31
CA ILE A 340 -8.02 -25.65 -6.96
C ILE A 340 -9.02 -25.12 -5.95
N HIS A 341 -8.54 -24.77 -4.76
CA HIS A 341 -9.42 -24.15 -3.79
C HIS A 341 -9.93 -22.83 -4.33
N GLU A 342 -11.22 -22.56 -4.10
CA GLU A 342 -11.89 -21.41 -4.69
C GLU A 342 -12.16 -20.37 -3.59
N ALA A 343 -11.12 -19.60 -3.24
CA ALA A 343 -11.31 -18.44 -2.39
C ALA A 343 -12.30 -17.47 -3.04
N PHE A 344 -12.06 -17.18 -4.31
CA PHE A 344 -12.94 -16.37 -5.14
C PHE A 344 -12.90 -16.99 -6.53
N ALA A 345 -14.00 -16.88 -7.26
CA ALA A 345 -14.00 -17.35 -8.64
C ALA A 345 -12.86 -16.71 -9.40
N SER A 346 -12.72 -15.38 -9.27
CA SER A 346 -11.63 -14.67 -9.91
C SER A 346 -10.31 -15.37 -9.64
N VAL A 347 -9.93 -15.49 -8.36
CA VAL A 347 -8.62 -16.02 -8.02
C VAL A 347 -8.34 -17.33 -8.74
N VAL A 348 -9.34 -18.21 -8.81
CA VAL A 348 -9.13 -19.47 -9.55
C VAL A 348 -8.83 -19.15 -11.01
N LEU A 349 -9.69 -18.36 -11.65
CA LEU A 349 -9.52 -18.11 -13.08
C LEU A 349 -8.21 -17.39 -13.38
N ALA A 350 -7.74 -16.57 -12.42
CA ALA A 350 -6.48 -15.86 -12.58
C ALA A 350 -5.33 -16.82 -12.79
N HIS A 351 -5.27 -17.89 -12.00
CA HIS A 351 -4.20 -18.88 -12.16
C HIS A 351 -4.19 -19.42 -13.60
N LEU A 352 -5.35 -19.80 -14.11
CA LEU A 352 -5.41 -20.39 -15.44
C LEU A 352 -4.98 -19.38 -16.49
N ALA A 353 -5.40 -18.13 -16.33
CA ALA A 353 -4.94 -17.06 -17.22
C ALA A 353 -3.43 -16.84 -17.07
N ALA A 354 -2.93 -16.94 -15.84
CA ALA A 354 -1.51 -16.72 -15.57
C ALA A 354 -0.66 -17.73 -16.30
N TRP A 355 -1.06 -19.00 -16.27
CA TRP A 355 -0.33 -20.04 -16.98
C TRP A 355 -0.59 -20.03 -18.47
N GLU A 356 -1.61 -19.31 -18.92
CA GLU A 356 -2.01 -19.34 -20.32
C GLU A 356 -1.22 -18.37 -21.18
N SER A 357 -0.53 -17.41 -20.58
CA SER A 357 0.13 -16.33 -21.30
C SER A 357 1.61 -16.34 -20.95
N GLU A 358 2.45 -16.62 -21.95
CA GLU A 358 3.89 -16.58 -21.73
C GLU A 358 4.31 -15.22 -21.17
N GLU A 359 3.68 -14.14 -21.66
CA GLU A 359 3.98 -12.81 -21.14
C GLU A 359 3.92 -12.76 -19.62
N TYR A 360 3.21 -13.70 -18.99
CA TYR A 360 3.26 -13.86 -17.54
C TYR A 360 4.29 -14.90 -17.12
N CYS A 361 4.39 -15.99 -17.86
CA CYS A 361 5.19 -17.13 -17.43
C CYS A 361 6.69 -16.91 -17.51
N LYS A 362 7.15 -15.81 -18.12
CA LYS A 362 8.58 -15.49 -18.10
C LYS A 362 8.88 -14.21 -17.34
N ARG A 363 8.03 -13.18 -17.45
CA ARG A 363 8.26 -11.97 -16.68
C ARG A 363 8.16 -12.21 -15.18
N ARG A 364 7.46 -13.27 -14.76
CA ARG A 364 7.25 -13.52 -13.34
C ARG A 364 7.67 -14.94 -12.96
N LEU A 365 7.15 -15.95 -13.67
CA LEU A 365 7.49 -17.33 -13.33
C LEU A 365 8.91 -17.68 -13.78
N GLY A 366 9.40 -17.07 -14.86
CA GLY A 366 10.74 -17.34 -15.33
C GLY A 366 10.88 -18.59 -16.17
N LEU A 367 9.88 -18.89 -17.00
CA LEU A 367 9.92 -20.06 -17.86
C LEU A 367 9.82 -19.63 -19.32
N ASP A 368 10.36 -20.46 -20.21
CA ASP A 368 10.47 -20.08 -21.61
C ASP A 368 9.10 -19.86 -22.25
N ALA A 369 8.17 -20.78 -22.02
CA ALA A 369 6.84 -20.71 -22.62
C ALA A 369 5.78 -20.89 -21.54
N ALA A 370 4.53 -20.71 -21.95
CA ALA A 370 3.40 -20.87 -21.03
C ALA A 370 3.13 -22.34 -20.77
N LEU A 371 2.76 -22.66 -19.54
CA LEU A 371 2.47 -24.05 -19.20
C LEU A 371 1.25 -24.56 -19.94
N GLY A 372 0.31 -23.67 -20.25
CA GLY A 372 -0.85 -24.01 -21.06
C GLY A 372 -2.14 -23.99 -20.26
N SER A 373 -3.24 -24.09 -21.00
CA SER A 373 -4.57 -24.16 -20.40
C SER A 373 -4.93 -25.61 -20.12
N ILE A 374 -6.13 -25.83 -19.58
CA ILE A 374 -6.49 -27.12 -19.01
C ILE A 374 -7.89 -27.52 -19.47
N ASP A 375 -8.14 -28.83 -19.40
CA ASP A 375 -9.48 -29.38 -19.65
C ASP A 375 -10.35 -29.07 -18.45
N ARG A 376 -11.17 -28.01 -18.58
CA ARG A 376 -12.02 -27.58 -17.49
C ARG A 376 -12.88 -28.71 -16.93
N SER A 377 -13.23 -29.68 -17.78
CA SER A 377 -14.06 -30.79 -17.35
C SER A 377 -13.55 -31.45 -16.08
N LYS A 378 -12.23 -31.44 -15.85
CA LYS A 378 -11.62 -32.13 -14.72
C LYS A 378 -11.34 -31.21 -13.54
N LEU A 379 -11.86 -29.99 -13.55
CA LEU A 379 -11.57 -29.00 -12.52
C LEU A 379 -12.66 -29.05 -11.44
N ASN A 380 -12.27 -29.43 -10.23
CA ASN A 380 -13.14 -29.47 -9.06
C ASN A 380 -14.50 -30.12 -9.38
N VAL A 381 -14.43 -31.35 -9.90
CA VAL A 381 -15.62 -31.96 -10.48
C VAL A 381 -16.75 -32.09 -9.45
N ASN A 382 -16.44 -32.15 -8.17
CA ASN A 382 -17.46 -32.22 -7.13
C ASN A 382 -17.62 -30.91 -6.37
N GLY A 383 -17.12 -29.82 -6.92
CA GLY A 383 -17.19 -28.54 -6.26
C GLY A 383 -16.17 -28.42 -5.15
N SER A 384 -15.99 -27.19 -4.69
CA SER A 384 -15.00 -26.93 -3.66
C SER A 384 -15.49 -25.87 -2.69
N SER A 385 -14.67 -24.88 -2.38
CA SER A 385 -14.98 -23.97 -1.30
C SER A 385 -16.03 -22.92 -1.66
N LEU A 386 -16.31 -22.71 -2.95
CA LEU A 386 -17.30 -21.72 -3.32
C LEU A 386 -18.69 -22.14 -2.88
N ALA A 387 -18.92 -23.45 -2.76
CA ALA A 387 -20.18 -23.99 -2.26
C ALA A 387 -20.08 -24.41 -0.80
N ALA A 388 -19.05 -25.18 -0.46
CA ALA A 388 -18.96 -25.74 0.89
C ALA A 388 -18.70 -24.67 1.94
N GLY A 389 -17.98 -23.61 1.60
CA GLY A 389 -17.55 -22.63 2.56
C GLY A 389 -16.04 -22.71 2.78
N HIS A 390 -15.54 -21.77 3.60
CA HIS A 390 -14.11 -21.70 3.86
C HIS A 390 -13.77 -21.52 5.33
N PRO A 391 -13.75 -22.62 6.08
CA PRO A 391 -13.01 -22.62 7.36
C PRO A 391 -11.53 -22.76 7.04
N PHE A 392 -10.76 -21.71 7.35
CA PHE A 392 -9.42 -21.58 6.81
C PHE A 392 -8.62 -22.88 6.93
N ALA A 393 -8.52 -23.43 8.14
CA ALA A 393 -7.72 -24.62 8.35
C ALA A 393 -8.40 -25.91 7.90
N ALA A 394 -9.71 -25.91 7.66
CA ALA A 394 -10.41 -27.15 7.30
C ALA A 394 -10.39 -27.43 5.80
N THR A 395 -10.22 -26.39 4.97
CA THR A 395 -10.20 -26.59 3.53
C THR A 395 -9.17 -27.63 3.12
N GLY A 396 -7.97 -27.55 3.68
CA GLY A 396 -6.90 -28.46 3.32
C GLY A 396 -7.27 -29.92 3.52
N GLY A 397 -7.61 -30.29 4.75
CA GLY A 397 -8.04 -31.65 5.02
C GLY A 397 -9.15 -32.10 4.09
N ARG A 398 -10.18 -31.27 3.94
CA ARG A 398 -11.25 -31.60 3.01
C ARG A 398 -10.66 -31.98 1.65
N ILE A 399 -10.11 -30.98 0.96
CA ILE A 399 -9.65 -31.19 -0.42
C ILE A 399 -8.75 -32.40 -0.50
N LEU A 400 -7.94 -32.66 0.52
CA LEU A 400 -7.05 -33.81 0.47
C LEU A 400 -7.86 -35.11 0.36
N ALA A 401 -8.63 -35.43 1.39
CA ALA A 401 -9.36 -36.69 1.40
C ALA A 401 -10.25 -36.81 0.16
N GLN A 402 -10.96 -35.74 -0.16
CA GLN A 402 -11.82 -35.72 -1.34
C GLN A 402 -11.04 -36.13 -2.59
N THR A 403 -9.97 -35.38 -2.91
CA THR A 403 -9.13 -35.70 -4.05
C THR A 403 -8.73 -37.17 -4.06
N ALA A 404 -8.27 -37.66 -2.91
CA ALA A 404 -7.77 -39.03 -2.84
C ALA A 404 -8.81 -40.00 -3.36
N LYS A 405 -10.05 -39.85 -2.88
CA LYS A 405 -11.08 -40.78 -3.34
C LYS A 405 -11.39 -40.56 -4.82
N GLN A 406 -11.63 -39.31 -5.25
CA GLN A 406 -11.97 -39.12 -6.66
C GLN A 406 -11.00 -39.91 -7.54
N LEU A 407 -9.71 -39.79 -7.25
CA LEU A 407 -8.71 -40.57 -7.98
C LEU A 407 -8.99 -42.06 -7.88
N ALA A 408 -9.11 -42.57 -6.64
CA ALA A 408 -9.23 -44.02 -6.45
C ALA A 408 -10.46 -44.57 -7.17
N GLU A 409 -11.62 -43.95 -6.97
CA GLU A 409 -12.84 -44.42 -7.63
C GLU A 409 -12.67 -44.44 -9.14
N LYS A 410 -11.94 -43.48 -9.71
CA LYS A 410 -11.71 -43.54 -11.15
C LYS A 410 -10.85 -44.74 -11.53
N LYS A 411 -9.69 -44.90 -10.87
CA LYS A 411 -8.83 -46.04 -11.17
C LYS A 411 -9.54 -47.36 -10.86
N ALA A 412 -10.54 -47.33 -9.99
CA ALA A 412 -11.33 -48.52 -9.70
C ALA A 412 -12.28 -48.84 -10.85
N ALA A 413 -12.82 -47.79 -11.49
CA ALA A 413 -13.70 -48.01 -12.64
C ALA A 413 -12.92 -48.56 -13.82
N LYS A 414 -12.05 -47.75 -14.42
CA LYS A 414 -11.25 -48.21 -15.53
C LYS A 414 -10.32 -49.35 -15.10
N LYS A 415 -9.77 -50.04 -16.08
CA LYS A 415 -8.81 -51.11 -15.83
C LYS A 415 -7.88 -51.22 -17.03
N GLY A 416 -6.71 -51.81 -16.80
CA GLY A 416 -5.69 -51.89 -17.82
C GLY A 416 -5.00 -50.57 -18.12
N GLY A 417 -5.37 -49.48 -17.45
CA GLY A 417 -4.73 -48.20 -17.66
C GLY A 417 -3.54 -47.98 -16.73
N GLY A 418 -2.75 -46.98 -17.07
CA GLY A 418 -1.56 -46.65 -16.31
C GLY A 418 -1.89 -45.85 -15.07
N PRO A 419 -0.91 -45.07 -14.60
CA PRO A 419 -1.14 -44.29 -13.36
C PRO A 419 -1.98 -43.05 -13.61
N LEU A 420 -2.86 -42.74 -12.66
CA LEU A 420 -3.66 -41.53 -12.70
C LEU A 420 -3.25 -40.63 -11.54
N ARG A 421 -3.39 -39.32 -11.73
CA ARG A 421 -2.82 -38.36 -10.80
C ARG A 421 -3.71 -37.15 -10.67
N GLY A 422 -3.73 -36.59 -9.46
CA GLY A 422 -4.45 -35.36 -9.18
C GLY A 422 -3.52 -34.31 -8.64
N LEU A 423 -3.82 -33.05 -8.97
CA LEU A 423 -3.05 -31.91 -8.53
C LEU A 423 -3.93 -31.03 -7.64
N ILE A 424 -3.41 -30.64 -6.48
CA ILE A 424 -4.10 -29.73 -5.58
C ILE A 424 -3.32 -28.43 -5.51
N SER A 425 -4.04 -27.31 -5.48
CA SER A 425 -3.44 -25.99 -5.37
C SER A 425 -4.31 -25.12 -4.49
N ILE A 426 -3.67 -24.42 -3.54
CA ILE A 426 -4.39 -23.66 -2.53
C ILE A 426 -3.67 -22.34 -2.30
N CYS A 427 -4.33 -21.23 -2.60
CA CYS A 427 -3.89 -19.91 -2.21
C CYS A 427 -4.13 -19.70 -0.72
N ALA A 428 -3.36 -18.79 -0.12
CA ALA A 428 -3.41 -18.60 1.32
C ALA A 428 -3.02 -17.18 1.70
N ALA A 429 -3.67 -16.68 2.75
CA ALA A 429 -3.43 -15.34 3.24
C ALA A 429 -1.98 -15.19 3.69
N GLY A 430 -1.54 -13.93 3.77
CA GLY A 430 -0.11 -13.69 3.85
C GLY A 430 0.60 -14.03 2.57
N GLY A 431 -0.11 -14.03 1.45
CA GLY A 431 0.46 -14.28 0.16
C GLY A 431 1.30 -15.54 0.08
N GLN A 432 0.74 -16.68 0.46
CA GLN A 432 1.43 -17.96 0.33
C GLN A 432 0.53 -18.91 -0.44
N GLY A 433 1.06 -20.09 -0.72
CA GLY A 433 0.37 -21.05 -1.56
C GLY A 433 0.99 -22.41 -1.48
N VAL A 434 0.16 -23.44 -1.36
CA VAL A 434 0.62 -24.81 -1.23
C VAL A 434 0.04 -25.64 -2.37
N ALA A 435 0.87 -26.50 -2.95
CA ALA A 435 0.44 -27.41 -3.99
C ALA A 435 0.91 -28.81 -3.66
N ALA A 436 0.15 -29.80 -4.13
CA ALA A 436 0.50 -31.20 -3.91
C ALA A 436 0.11 -32.01 -5.14
N ILE A 437 0.77 -33.15 -5.29
CA ILE A 437 0.43 -34.12 -6.32
C ILE A 437 0.15 -35.46 -5.63
N LEU A 438 -0.91 -36.13 -6.05
CA LEU A 438 -1.19 -37.49 -5.59
C LEU A 438 -1.35 -38.43 -6.78
N GLU A 439 -1.04 -39.70 -6.53
CA GLU A 439 -1.12 -40.74 -7.54
C GLU A 439 -2.03 -41.87 -7.07
N ALA A 440 -2.60 -42.58 -8.04
CA ALA A 440 -3.39 -43.78 -7.81
C ALA A 440 -3.14 -44.74 -8.97
N THR B 11 -14.11 30.85 -32.59
CA THR B 11 -13.06 30.11 -33.27
C THR B 11 -11.79 30.04 -32.43
N ARG B 12 -11.23 28.85 -32.30
CA ARG B 12 -9.98 28.67 -31.56
C ARG B 12 -8.82 29.20 -32.40
N ARG B 13 -8.06 30.14 -31.86
CA ARG B 13 -6.92 30.69 -32.56
C ARG B 13 -5.70 29.80 -32.34
N ARG B 14 -4.65 30.08 -33.12
CA ARG B 14 -3.39 29.36 -32.98
C ARG B 14 -2.59 29.93 -31.82
N VAL B 15 -2.10 29.05 -30.96
CA VAL B 15 -1.21 29.41 -29.87
C VAL B 15 0.23 29.18 -30.34
N ALA B 16 1.07 30.20 -30.18
CA ALA B 16 2.45 30.15 -30.65
C ALA B 16 3.42 30.16 -29.49
N VAL B 17 4.44 29.32 -29.57
CA VAL B 17 5.56 29.31 -28.63
C VAL B 17 6.69 30.10 -29.26
N LEU B 18 7.16 31.14 -28.56
CA LEU B 18 8.22 32.00 -29.07
C LEU B 18 9.59 31.68 -28.51
N GLY B 19 9.67 30.75 -27.57
CA GLY B 19 10.89 30.43 -26.86
C GLY B 19 10.69 30.59 -25.37
N GLY B 20 11.79 30.50 -24.63
CA GLY B 20 11.72 30.69 -23.21
C GLY B 20 13.09 31.00 -22.63
N ASN B 21 13.18 30.90 -21.31
CA ASN B 21 14.46 31.03 -20.63
C ASN B 21 14.38 30.32 -19.29
N ARG B 22 15.43 29.58 -18.96
CA ARG B 22 15.59 28.95 -17.67
C ARG B 22 16.97 29.32 -17.13
N ILE B 23 17.14 29.17 -15.82
CA ILE B 23 18.46 29.26 -15.21
C ILE B 23 19.04 27.85 -15.21
N PRO B 24 20.35 27.67 -15.17
CA PRO B 24 20.89 26.32 -15.03
C PRO B 24 20.38 25.67 -13.74
N PHE B 25 20.36 24.34 -13.76
CA PHE B 25 19.86 23.56 -12.63
C PHE B 25 21.03 23.04 -11.80
N ALA B 26 21.01 23.33 -10.51
CA ALA B 26 22.05 22.86 -9.61
C ALA B 26 21.54 21.70 -8.75
N ARG B 27 22.42 20.73 -8.49
CA ARG B 27 22.16 19.75 -7.45
C ARG B 27 21.80 20.47 -6.16
N SER B 28 21.01 19.79 -5.33
CA SER B 28 20.51 20.42 -4.10
C SER B 28 21.62 20.54 -3.07
N ASP B 29 21.45 21.49 -2.16
CA ASP B 29 22.41 21.77 -1.09
C ASP B 29 23.80 22.07 -1.64
N GLY B 30 23.86 22.58 -2.87
CA GLY B 30 25.11 23.04 -3.45
C GLY B 30 25.01 24.50 -3.80
N ALA B 31 25.18 24.85 -5.07
CA ALA B 31 24.79 26.17 -5.53
C ALA B 31 23.27 26.31 -5.44
N TYR B 32 22.82 27.56 -5.38
CA TYR B 32 21.42 27.91 -5.19
C TYR B 32 20.88 27.49 -3.83
N ALA B 33 21.73 26.97 -2.93
CA ALA B 33 21.24 26.43 -1.67
C ALA B 33 20.43 27.46 -0.91
N ASP B 34 20.87 28.71 -0.90
CA ASP B 34 20.17 29.78 -0.21
C ASP B 34 19.22 30.56 -1.12
N ALA B 35 19.02 30.10 -2.34
CA ALA B 35 18.13 30.77 -3.29
C ALA B 35 16.68 30.40 -2.99
N SER B 36 15.87 31.41 -2.72
CA SER B 36 14.44 31.22 -2.52
C SER B 36 13.74 30.99 -3.86
N ASN B 37 12.53 30.42 -3.80
CA ASN B 37 11.76 30.23 -5.02
C ASN B 37 11.58 31.56 -5.76
N GLN B 38 11.24 32.61 -5.02
CA GLN B 38 11.10 33.93 -5.64
C GLN B 38 12.40 34.34 -6.33
N ASP B 39 13.54 34.13 -5.67
CA ASP B 39 14.83 34.47 -6.26
C ASP B 39 15.00 33.82 -7.62
N MET B 40 14.91 32.49 -7.66
CA MET B 40 15.23 31.76 -8.88
C MET B 40 14.21 32.04 -9.98
N PHE B 41 12.93 32.13 -9.64
CA PHE B 41 11.96 32.38 -10.68
C PHE B 41 12.09 33.79 -11.23
N THR B 42 12.19 34.80 -10.35
CA THR B 42 12.32 36.17 -10.84
C THR B 42 13.60 36.31 -11.65
N ALA B 43 14.62 35.51 -11.35
CA ALA B 43 15.79 35.45 -12.22
C ALA B 43 15.42 34.94 -13.61
N ALA B 44 14.75 33.80 -13.68
CA ALA B 44 14.35 33.24 -14.98
C ALA B 44 13.45 34.22 -15.73
N LEU B 45 12.57 34.91 -15.01
CA LEU B 45 11.64 35.82 -15.65
C LEU B 45 12.40 37.00 -16.24
N SER B 46 13.23 37.67 -15.43
CA SER B 46 14.01 38.79 -15.94
C SER B 46 14.90 38.37 -17.10
N GLY B 47 15.38 37.12 -17.09
CA GLY B 47 16.11 36.64 -18.25
C GLY B 47 15.25 36.60 -19.49
N LEU B 48 14.04 36.08 -19.37
CA LEU B 48 13.08 36.13 -20.47
C LEU B 48 12.84 37.58 -20.91
N VAL B 49 12.65 38.49 -19.95
CA VAL B 49 12.36 39.88 -20.27
C VAL B 49 13.49 40.47 -21.11
N ASP B 50 14.73 40.27 -20.67
CA ASP B 50 15.88 40.73 -21.45
C ASP B 50 15.85 40.11 -22.84
N ARG B 51 15.69 38.79 -22.92
CA ARG B 51 15.84 38.11 -24.19
C ARG B 51 14.82 38.60 -25.22
N PHE B 52 13.61 38.96 -24.79
CA PHE B 52 12.59 39.38 -25.74
C PHE B 52 12.21 40.85 -25.59
N GLY B 53 12.94 41.61 -24.77
CA GLY B 53 12.66 43.03 -24.63
C GLY B 53 11.25 43.33 -24.18
N LEU B 54 10.73 42.55 -23.22
CA LEU B 54 9.39 42.75 -22.71
C LEU B 54 9.36 43.74 -21.55
N ALA B 55 10.48 44.43 -21.29
CA ALA B 55 10.54 45.36 -20.17
C ALA B 55 9.44 46.40 -20.29
N GLY B 56 8.76 46.66 -19.19
CA GLY B 56 7.68 47.63 -19.16
C GLY B 56 6.43 47.24 -19.91
N GLU B 57 6.41 46.07 -20.57
CA GLU B 57 5.23 45.63 -21.26
C GLU B 57 4.27 44.94 -20.28
N ARG B 58 3.01 44.83 -20.70
CA ARG B 58 1.99 44.11 -19.95
C ARG B 58 1.75 42.77 -20.63
N LEU B 59 2.11 41.68 -19.95
CA LEU B 59 1.67 40.37 -20.37
C LEU B 59 0.23 40.16 -19.89
N ASP B 60 -0.52 39.36 -20.64
CA ASP B 60 -1.89 39.10 -20.26
C ASP B 60 -2.01 38.12 -19.10
N MET B 61 -0.95 37.34 -18.82
CA MET B 61 -0.98 36.43 -17.69
C MET B 61 0.38 35.80 -17.49
N VAL B 62 0.79 35.67 -16.23
CA VAL B 62 1.93 34.83 -15.86
C VAL B 62 1.39 33.67 -15.00
N VAL B 63 1.70 32.45 -15.44
CA VAL B 63 1.17 31.23 -14.86
C VAL B 63 2.33 30.35 -14.44
N GLY B 64 2.21 29.71 -13.29
CA GLY B 64 3.26 28.85 -12.79
C GLY B 64 3.15 28.71 -11.30
N GLY B 65 4.11 27.99 -10.73
CA GLY B 65 4.14 27.82 -9.30
C GLY B 65 5.31 26.98 -8.86
N ALA B 66 5.40 26.79 -7.55
CA ALA B 66 6.40 25.94 -6.94
C ALA B 66 5.67 24.84 -6.16
N VAL B 67 6.22 23.63 -6.19
CA VAL B 67 5.52 22.49 -5.61
C VAL B 67 5.76 22.43 -4.11
N LEU B 68 7.02 22.30 -3.68
CA LEU B 68 7.33 22.29 -2.25
C LEU B 68 7.55 23.73 -1.77
N LYS B 69 6.48 24.50 -1.81
CA LYS B 69 6.56 25.91 -1.40
C LYS B 69 6.76 26.02 0.10
N HIS B 70 7.40 27.12 0.52
CA HIS B 70 7.47 27.48 1.92
C HIS B 70 6.16 28.17 2.33
N SER B 71 6.10 28.65 3.57
CA SER B 71 4.93 29.37 4.05
C SER B 71 4.91 30.83 3.60
N ARG B 72 5.92 31.27 2.86
CA ARG B 72 5.97 32.65 2.37
C ARG B 72 5.50 32.80 0.93
N ASP B 73 5.43 31.71 0.17
CA ASP B 73 5.14 31.78 -1.25
C ASP B 73 3.62 31.79 -1.48
N PHE B 74 3.01 32.91 -1.13
CA PHE B 74 1.60 33.17 -1.40
C PHE B 74 1.53 34.15 -2.56
N ASN B 75 0.86 33.76 -3.64
CA ASN B 75 0.84 34.54 -4.88
C ASN B 75 2.26 34.70 -5.43
N LEU B 76 2.97 33.57 -5.52
CA LEU B 76 4.37 33.61 -5.94
C LEU B 76 4.53 34.28 -7.29
N MET B 77 3.75 33.84 -8.29
CA MET B 77 3.86 34.42 -9.62
C MET B 77 3.64 35.92 -9.59
N ARG B 78 2.58 36.36 -8.90
CA ARG B 78 2.29 37.79 -8.83
C ARG B 78 3.43 38.55 -8.15
N GLU B 79 3.98 37.98 -7.08
CA GLU B 79 5.07 38.66 -6.39
C GLU B 79 6.30 38.78 -7.29
N CYS B 80 6.63 37.72 -8.03
CA CYS B 80 7.73 37.81 -8.99
C CYS B 80 7.45 38.84 -10.07
N VAL B 81 6.20 38.89 -10.56
CA VAL B 81 5.82 39.90 -11.54
C VAL B 81 6.12 41.29 -11.00
N LEU B 82 5.59 41.59 -9.80
CA LEU B 82 5.81 42.91 -9.21
C LEU B 82 7.30 43.15 -8.93
N GLY B 83 8.06 42.08 -8.72
CA GLY B 83 9.50 42.20 -8.58
C GLY B 83 10.24 42.25 -9.90
N SER B 84 9.60 41.81 -10.98
CA SER B 84 10.20 41.80 -12.30
C SER B 84 10.18 43.23 -12.87
N GLU B 85 10.49 43.35 -14.16
CA GLU B 85 10.46 44.61 -14.86
C GLU B 85 9.22 44.78 -15.74
N LEU B 86 8.28 43.83 -15.67
CA LEU B 86 7.04 43.95 -16.41
C LEU B 86 6.12 44.99 -15.76
N SER B 87 5.22 45.53 -16.56
CA SER B 87 4.27 46.50 -16.02
C SER B 87 3.41 45.81 -14.96
N PRO B 88 3.13 46.47 -13.83
CA PRO B 88 2.36 45.82 -12.77
C PRO B 88 0.90 45.62 -13.12
N TYR B 89 0.48 45.96 -14.34
CA TYR B 89 -0.83 45.59 -14.84
C TYR B 89 -0.85 44.17 -15.40
N THR B 90 0.29 43.46 -15.30
CA THR B 90 0.37 42.07 -15.72
C THR B 90 -0.09 41.19 -14.57
N PRO B 91 -1.24 40.52 -14.68
CA PRO B 91 -1.69 39.65 -13.59
C PRO B 91 -1.09 38.25 -13.71
N ALA B 92 -1.14 37.53 -12.60
CA ALA B 92 -0.59 36.18 -12.54
C ALA B 92 -1.39 35.36 -11.54
N PHE B 93 -1.33 34.05 -11.70
CA PHE B 93 -1.84 33.16 -10.67
C PHE B 93 -0.95 31.94 -10.54
N ASP B 94 -1.01 31.31 -9.37
CA ASP B 94 -0.18 30.15 -9.08
C ASP B 94 -0.88 28.87 -9.50
N LEU B 95 -0.07 27.87 -9.84
CA LEU B 95 -0.55 26.57 -10.27
C LEU B 95 0.50 25.54 -9.88
N GLN B 96 0.06 24.38 -9.42
CA GLN B 96 1.00 23.32 -9.10
C GLN B 96 0.35 21.96 -9.33
N GLN B 97 1.01 21.15 -10.16
CA GLN B 97 0.61 19.77 -10.43
C GLN B 97 1.87 18.90 -10.39
N ALA B 98 2.62 19.03 -9.30
CA ALA B 98 3.90 18.35 -9.14
C ALA B 98 4.76 18.50 -10.41
N GLY B 100 4.40 18.02 -13.57
CA GLY B 100 3.82 18.58 -14.77
C GLY B 100 3.42 20.03 -14.64
N THR B 101 3.75 20.63 -13.48
CA THR B 101 3.37 22.01 -13.23
C THR B 101 3.72 22.91 -14.39
N GLY B 102 4.93 22.78 -14.93
CA GLY B 102 5.34 23.64 -16.03
C GLY B 102 4.43 23.51 -17.24
N LEU B 103 4.20 22.27 -17.69
CA LEU B 103 3.37 22.08 -18.87
C LEU B 103 1.91 22.44 -18.60
N GLN B 104 1.43 22.22 -17.36
CA GLN B 104 0.08 22.67 -17.02
C GLN B 104 -0.02 24.19 -17.08
N ALA B 105 0.98 24.90 -16.55
CA ALA B 105 1.02 26.34 -16.71
C ALA B 105 0.96 26.71 -18.19
N ALA B 106 1.70 25.98 -19.01
CA ALA B 106 1.77 26.28 -20.43
C ALA B 106 0.41 26.13 -21.09
N ILE B 107 -0.29 25.01 -20.84
CA ILE B 107 -1.56 24.83 -21.53
C ILE B 107 -2.63 25.75 -20.95
N ALA B 108 -2.48 26.20 -19.70
CA ALA B 108 -3.43 27.18 -19.16
C ALA B 108 -3.28 28.52 -19.88
N ALA B 109 -2.03 28.99 -20.00
CA ALA B 109 -1.78 30.21 -20.77
C ALA B 109 -2.25 30.06 -22.21
N ALA B 110 -1.87 28.95 -22.85
CA ALA B 110 -2.31 28.68 -24.22
C ALA B 110 -3.82 28.71 -24.33
N ASP B 111 -4.52 28.14 -23.35
CA ASP B 111 -5.97 28.14 -23.34
C ASP B 111 -6.50 29.57 -23.34
N GLY B 112 -5.93 30.41 -22.49
CA GLY B 112 -6.32 31.81 -22.48
C GLY B 112 -6.09 32.48 -23.84
N ILE B 113 -5.04 32.07 -24.55
CA ILE B 113 -4.81 32.65 -25.87
C ILE B 113 -5.87 32.16 -26.86
N ALA B 114 -6.22 30.87 -26.80
CA ALA B 114 -7.18 30.31 -27.73
C ALA B 114 -8.57 30.91 -27.52
N ALA B 115 -8.96 31.14 -26.26
CA ALA B 115 -10.25 31.73 -25.97
C ALA B 115 -10.35 33.19 -26.40
N GLY B 116 -9.23 33.80 -26.80
CA GLY B 116 -9.23 35.23 -27.05
C GLY B 116 -9.19 36.08 -25.81
N ARG B 117 -8.78 35.51 -24.68
CA ARG B 117 -8.64 36.26 -23.44
C ARG B 117 -7.25 36.82 -23.26
N TYR B 118 -6.24 36.19 -23.87
CA TYR B 118 -4.86 36.63 -23.79
C TYR B 118 -4.32 36.89 -25.19
N GLU B 119 -3.45 37.90 -25.30
CA GLU B 119 -2.63 38.07 -26.49
C GLU B 119 -1.21 37.54 -26.30
N VAL B 120 -0.74 37.48 -25.06
CA VAL B 120 0.57 36.92 -24.75
C VAL B 120 0.54 36.49 -23.28
N ALA B 121 1.35 35.49 -22.95
CA ALA B 121 1.43 34.99 -21.58
C ALA B 121 2.78 34.34 -21.35
N ALA B 122 3.17 34.28 -20.08
CA ALA B 122 4.39 33.62 -19.65
C ALA B 122 4.01 32.49 -18.71
N ALA B 123 4.60 31.32 -18.92
CA ALA B 123 4.19 30.13 -18.19
C ALA B 123 5.40 29.26 -17.90
N GLY B 124 5.55 28.86 -16.64
CA GLY B 124 6.66 28.02 -16.26
C GLY B 124 6.58 27.60 -14.80
N GLY B 125 7.73 27.48 -14.15
CA GLY B 125 7.72 27.08 -12.77
C GLY B 125 9.10 27.18 -12.14
N VAL B 126 9.15 26.83 -10.86
CA VAL B 126 10.34 27.02 -10.04
C VAL B 126 10.25 26.08 -8.86
N ASP B 127 11.38 25.54 -8.44
CA ASP B 127 11.40 24.70 -7.25
C ASP B 127 12.79 24.71 -6.62
N THR B 128 12.83 25.08 -5.35
CA THR B 128 13.98 24.85 -4.49
C THR B 128 13.70 23.63 -3.62
N THR B 129 14.74 22.83 -3.40
CA THR B 129 14.59 21.61 -2.61
C THR B 129 15.73 21.45 -1.62
N SER B 130 16.50 22.50 -1.37
CA SER B 130 17.53 22.46 -0.34
C SER B 130 16.86 22.62 1.03
N ASP B 131 17.25 21.79 1.97
CA ASP B 131 16.59 21.77 3.28
C ASP B 131 15.09 21.55 3.06
N PRO B 132 14.68 20.34 2.64
CA PRO B 132 13.24 20.07 2.52
C PRO B 132 12.64 19.59 3.83
N LEU B 157 21.15 8.44 -1.56
CA LEU B 157 20.42 9.56 -0.98
C LEU B 157 20.61 10.82 -1.82
N LYS B 158 19.69 11.76 -1.68
CA LYS B 158 19.65 12.99 -2.46
C LYS B 158 19.16 12.70 -3.88
N LEU B 159 18.12 11.87 -3.99
CA LEU B 159 17.50 11.53 -5.25
C LEU B 159 16.01 11.83 -5.18
N VAL B 160 15.38 12.02 -6.34
CA VAL B 160 13.95 12.26 -6.36
C VAL B 160 13.19 11.00 -5.93
N GLY B 161 13.76 9.82 -6.19
CA GLY B 161 13.07 8.59 -5.87
C GLY B 161 12.80 8.42 -4.39
N THR B 162 13.65 8.99 -3.55
CA THR B 162 13.51 8.79 -2.11
C THR B 162 12.37 9.59 -1.49
N LEU B 163 11.57 10.33 -2.31
CA LEU B 163 10.49 11.11 -1.72
C LEU B 163 9.14 10.40 -1.88
N PRO B 164 8.22 10.64 -0.95
CA PRO B 164 6.88 10.02 -1.04
C PRO B 164 6.21 10.12 -2.41
N ALA B 165 5.21 9.28 -2.63
CA ALA B 165 4.52 9.26 -3.93
C ALA B 165 3.64 10.48 -4.11
N SER B 166 3.10 11.04 -3.03
CA SER B 166 2.36 12.28 -3.08
C SER B 166 3.26 13.50 -2.88
N LEU B 167 4.57 13.30 -2.93
CA LEU B 167 5.55 14.35 -2.60
C LEU B 167 5.31 14.90 -1.20
N GLY B 168 4.62 14.12 -0.36
CA GLY B 168 4.30 14.49 1.00
C GLY B 168 3.59 13.33 1.68
N VAL B 169 3.72 13.21 2.99
CA VAL B 169 3.17 12.06 3.70
C VAL B 169 2.71 12.46 5.10
N THR B 179 1.46 4.52 -1.53
CA THR B 179 1.60 5.25 -0.26
C THR B 179 2.45 4.44 0.71
N GLY B 180 3.09 5.12 1.64
CA GLY B 180 4.07 4.49 2.49
C GLY B 180 5.28 3.99 1.72
N LEU B 181 5.41 4.43 0.47
CA LEU B 181 6.38 3.89 -0.48
C LEU B 181 6.99 5.03 -1.25
N SER B 182 8.32 5.11 -1.28
CA SER B 182 8.99 6.17 -2.03
C SER B 182 8.72 6.02 -3.52
N MET B 183 8.68 7.17 -4.21
CA MET B 183 8.51 7.19 -5.66
C MET B 183 9.45 6.20 -6.35
N GLY B 184 10.69 6.11 -5.85
CA GLY B 184 11.66 5.22 -6.47
C GLY B 184 11.25 3.77 -6.38
N GLU B 185 10.76 3.33 -5.21
CA GLU B 185 10.38 1.93 -5.05
C GLU B 185 9.14 1.59 -5.88
N HIS B 186 8.19 2.55 -5.97
CA HIS B 186 7.07 2.37 -6.87
C HIS B 186 7.54 2.09 -8.30
N ALA B 187 8.40 2.99 -8.82
CA ALA B 187 8.90 2.80 -10.17
C ALA B 187 9.71 1.51 -10.29
N ALA B 188 10.35 1.08 -9.19
CA ALA B 188 11.08 -0.19 -9.20
C ALA B 188 10.12 -1.36 -9.36
N VAL B 189 8.95 -1.28 -8.71
CA VAL B 189 7.94 -2.33 -8.89
C VAL B 189 7.54 -2.43 -10.35
N THR B 190 7.15 -1.29 -10.93
CA THR B 190 6.80 -1.32 -12.36
C THR B 190 7.96 -1.87 -13.18
N ALA B 191 9.19 -1.45 -12.85
CA ALA B 191 10.37 -1.89 -13.60
C ALA B 191 10.50 -3.40 -13.60
N LYS B 192 10.39 -4.02 -12.42
CA LYS B 192 10.54 -5.46 -12.33
C LYS B 192 9.40 -6.17 -13.04
N GLN B 193 8.17 -5.65 -12.92
CA GLN B 193 7.05 -6.28 -13.62
C GLN B 193 7.29 -6.30 -15.12
N MET B 194 7.63 -5.12 -15.70
CA MET B 194 7.84 -5.05 -17.13
C MET B 194 9.14 -5.71 -17.54
N GLY B 195 10.06 -5.92 -16.61
CA GLY B 195 11.30 -6.60 -16.90
C GLY B 195 12.18 -5.84 -17.86
N ILE B 196 12.38 -4.55 -17.60
CA ILE B 196 13.29 -3.75 -18.42
C ILE B 196 14.71 -3.97 -17.92
N LYS B 197 15.66 -4.00 -18.84
CA LYS B 197 17.00 -4.41 -18.47
C LYS B 197 17.80 -3.26 -17.88
N ARG B 198 18.78 -3.62 -17.05
CA ARG B 198 19.65 -2.63 -16.43
C ARG B 198 20.50 -1.91 -17.47
N VAL B 199 20.87 -2.61 -18.54
CA VAL B 199 21.72 -2.02 -19.57
C VAL B 199 20.96 -0.96 -20.35
N ASP B 200 19.65 -1.16 -20.58
CA ASP B 200 18.88 -0.17 -21.33
C ASP B 200 18.73 1.12 -20.54
N GLN B 201 18.45 1.01 -19.24
CA GLN B 201 18.41 2.19 -18.39
C GLN B 201 19.75 2.92 -18.41
N ASP B 202 20.85 2.20 -18.20
CA ASP B 202 22.17 2.83 -18.21
C ASP B 202 22.42 3.53 -19.55
N GLU B 203 22.11 2.86 -20.66
CA GLU B 203 22.29 3.45 -21.99
C GLU B 203 21.56 4.77 -22.08
N LEU B 204 20.26 4.76 -21.76
CA LEU B 204 19.46 5.97 -21.89
C LEU B 204 20.02 7.10 -21.03
N ALA B 205 20.44 6.78 -19.81
CA ALA B 205 20.98 7.81 -18.92
C ALA B 205 22.25 8.43 -19.51
N ALA B 206 23.23 7.59 -19.85
CA ALA B 206 24.48 8.09 -20.38
C ALA B 206 24.26 8.89 -21.66
N ALA B 207 23.35 8.42 -22.52
CA ALA B 207 23.07 9.14 -23.75
C ALA B 207 22.48 10.51 -23.46
N SER B 208 21.58 10.60 -22.48
CA SER B 208 21.07 11.92 -22.08
C SER B 208 22.21 12.85 -21.73
N HIS B 209 23.12 12.37 -20.88
CA HIS B 209 24.26 13.20 -20.47
C HIS B 209 25.05 13.68 -21.68
N ARG B 210 25.51 12.74 -22.51
CA ARG B 210 26.37 13.11 -23.63
C ARG B 210 25.66 14.02 -24.63
N ASN B 211 24.35 13.81 -24.81
CA ASN B 211 23.63 14.59 -25.80
C ASN B 211 23.44 16.03 -25.35
N MET B 212 23.15 16.24 -24.06
CA MET B 212 23.06 17.62 -23.60
C MET B 212 24.44 18.27 -23.58
N ALA B 213 25.49 17.48 -23.35
CA ALA B 213 26.84 18.03 -23.47
C ALA B 213 27.10 18.54 -24.89
N ASP B 214 26.78 17.73 -25.90
CA ASP B 214 26.93 18.17 -27.28
C ASP B 214 26.13 19.43 -27.53
N ALA B 215 24.86 19.44 -27.10
CA ALA B 215 24.04 20.64 -27.24
C ALA B 215 24.76 21.87 -26.68
N TYR B 216 25.46 21.69 -25.55
CA TYR B 216 26.16 22.81 -24.95
C TYR B 216 27.40 23.20 -25.76
N ASP B 217 28.07 22.23 -26.37
CA ASP B 217 29.21 22.55 -27.23
C ASP B 217 28.80 23.48 -28.36
N ARG B 218 27.70 23.16 -29.03
CA ARG B 218 27.06 24.11 -29.93
C ARG B 218 26.31 25.14 -29.09
N GLY B 219 25.65 26.07 -29.77
CA GLY B 219 24.96 27.14 -29.08
C GLY B 219 23.50 26.84 -28.82
N PHE B 220 23.16 25.56 -28.69
CA PHE B 220 21.76 25.20 -28.58
C PHE B 220 21.08 25.88 -27.40
N PHE B 221 21.80 26.08 -26.31
CA PHE B 221 21.21 26.61 -25.08
C PHE B 221 21.51 28.08 -24.84
N ASP B 222 22.25 28.74 -25.73
CA ASP B 222 22.61 30.14 -25.49
C ASP B 222 21.40 31.05 -25.54
N ASP B 223 20.33 30.66 -26.24
CA ASP B 223 19.07 31.40 -26.23
C ASP B 223 17.99 30.67 -25.43
N LEU B 224 18.39 29.75 -24.55
CA LEU B 224 17.46 29.06 -23.67
C LEU B 224 17.79 29.22 -22.18
N VAL B 225 19.01 29.63 -21.84
CA VAL B 225 19.44 29.70 -20.45
C VAL B 225 19.84 31.14 -20.11
N SER B 226 20.01 31.38 -18.81
CA SER B 226 20.38 32.66 -18.24
C SER B 226 21.18 32.33 -16.99
N PRO B 227 22.28 33.01 -16.75
CA PRO B 227 23.13 32.65 -15.60
C PRO B 227 22.42 32.90 -14.27
N PHE B 228 22.90 32.20 -13.24
CA PHE B 228 22.42 32.40 -11.88
C PHE B 228 23.48 31.90 -10.91
N LEU B 229 23.78 32.72 -9.90
CA LEU B 229 24.69 32.36 -8.80
C LEU B 229 25.94 31.63 -9.31
N GLY B 230 26.55 32.20 -10.35
CA GLY B 230 27.81 31.70 -10.83
C GLY B 230 27.75 30.43 -11.66
N LEU B 231 26.56 30.04 -12.11
CA LEU B 231 26.41 28.87 -12.97
C LEU B 231 25.89 29.31 -14.34
N TYR B 232 26.41 28.67 -15.39
CA TYR B 232 26.05 28.98 -16.76
C TYR B 232 25.62 27.76 -17.56
N ARG B 233 25.90 26.55 -17.08
CA ARG B 233 25.39 25.32 -17.67
C ARG B 233 24.87 24.44 -16.55
N ASP B 234 24.02 23.47 -16.92
CA ASP B 234 23.37 22.62 -15.93
C ASP B 234 24.41 21.88 -15.10
N ASP B 235 24.43 22.16 -13.80
CA ASP B 235 25.36 21.55 -12.87
C ASP B 235 25.46 20.04 -13.08
N ASN B 236 24.34 19.33 -12.91
CA ASN B 236 24.37 17.87 -12.85
C ASN B 236 24.95 17.25 -14.12
N LEU B 237 25.15 18.02 -15.18
CA LEU B 237 25.73 17.46 -16.39
C LEU B 237 27.07 16.81 -16.10
N ARG B 238 27.33 15.70 -16.75
CA ARG B 238 28.64 15.05 -16.68
C ARG B 238 28.87 14.35 -18.02
N PRO B 239 29.62 14.98 -18.93
CA PRO B 239 29.93 14.31 -20.20
C PRO B 239 30.92 13.17 -20.02
N ASN B 240 31.67 13.18 -18.92
CA ASN B 240 32.64 12.13 -18.61
C ASN B 240 31.95 10.99 -17.86
N SER B 241 31.01 10.34 -18.54
CA SER B 241 30.21 9.28 -17.95
C SER B 241 29.85 8.26 -19.02
N SER B 242 30.10 6.99 -18.72
CA SER B 242 29.96 5.91 -19.68
C SER B 242 28.97 4.87 -19.15
N VAL B 243 28.57 3.95 -20.03
CA VAL B 243 27.75 2.82 -19.60
C VAL B 243 28.55 1.95 -18.64
N GLU B 244 29.87 1.85 -18.86
CA GLU B 244 30.71 0.98 -18.03
C GLU B 244 30.82 1.52 -16.62
N LYS B 245 31.02 2.84 -16.49
CA LYS B 245 31.09 3.44 -15.16
C LYS B 245 29.75 3.38 -14.44
N LEU B 246 28.65 3.45 -15.18
CA LEU B 246 27.33 3.35 -14.56
C LEU B 246 27.07 1.94 -14.06
N ALA B 247 27.50 0.93 -14.82
CA ALA B 247 27.30 -0.45 -14.40
C ALA B 247 27.95 -0.77 -13.06
N THR B 248 28.85 0.09 -12.58
CA THR B 248 29.50 -0.15 -11.30
C THR B 248 28.56 0.07 -10.12
N LEU B 249 27.48 0.83 -10.30
CA LEU B 249 26.73 1.34 -9.16
C LEU B 249 25.79 0.28 -8.61
N ARG B 250 25.76 0.16 -7.28
CA ARG B 250 24.90 -0.81 -6.62
C ARG B 250 23.45 -0.32 -6.63
N PRO B 251 22.49 -1.18 -6.95
CA PRO B 251 21.09 -0.72 -7.00
C PRO B 251 20.63 -0.15 -5.66
N VAL B 252 19.78 0.87 -5.76
CA VAL B 252 19.24 1.56 -4.58
C VAL B 252 17.75 1.38 -4.43
N PHE B 253 17.07 0.74 -5.38
CA PHE B 253 15.61 0.70 -5.41
C PHE B 253 15.15 -0.69 -5.82
N GLY B 254 14.18 -1.22 -5.09
CA GLY B 254 13.68 -2.56 -5.36
C GLY B 254 14.68 -3.65 -5.08
N VAL B 255 15.52 -3.48 -4.06
CA VAL B 255 16.63 -4.39 -3.83
C VAL B 255 16.16 -5.65 -3.12
N LYS B 256 15.47 -5.50 -1.99
CA LYS B 256 15.04 -6.67 -1.24
C LYS B 256 14.18 -7.59 -2.10
N ALA B 257 13.27 -7.01 -2.88
CA ALA B 257 12.46 -7.81 -3.80
C ALA B 257 13.34 -8.71 -4.66
N GLY B 258 14.52 -8.22 -5.03
CA GLY B 258 15.45 -8.97 -5.85
C GLY B 258 15.40 -8.55 -7.30
N ASP B 259 16.51 -8.75 -8.00
CA ASP B 259 16.63 -8.41 -9.41
C ASP B 259 16.42 -6.91 -9.63
N ALA B 260 17.03 -6.10 -8.75
CA ALA B 260 16.95 -4.67 -8.91
C ALA B 260 17.75 -4.20 -10.12
N THR B 261 17.39 -3.03 -10.64
CA THR B 261 18.11 -2.42 -11.74
C THR B 261 18.32 -0.92 -11.57
N MET B 262 17.81 -0.33 -10.48
CA MET B 262 17.74 1.10 -10.33
C MET B 262 18.87 1.58 -9.44
N THR B 263 19.70 2.49 -9.95
CA THR B 263 20.87 3.00 -9.27
C THR B 263 20.80 4.51 -9.22
N ALA B 264 21.81 5.12 -8.57
CA ALA B 264 21.90 6.57 -8.54
C ALA B 264 22.28 7.16 -9.89
N GLY B 265 22.58 6.32 -10.89
CA GLY B 265 23.00 6.80 -12.19
C GLY B 265 21.89 6.88 -13.21
N ASN B 266 20.80 6.14 -12.98
CA ASN B 266 19.66 6.15 -13.90
C ASN B 266 18.40 6.73 -13.26
N SER B 267 18.53 7.38 -12.10
CA SER B 267 17.43 8.07 -11.45
C SER B 267 17.82 9.53 -11.25
N THR B 268 16.90 10.45 -11.57
CA THR B 268 17.26 11.85 -11.56
C THR B 268 17.65 12.28 -10.14
N PRO B 269 18.66 13.12 -10.00
CA PRO B 269 18.95 13.71 -8.68
C PRO B 269 18.05 14.91 -8.41
N LEU B 270 17.95 15.25 -7.12
CA LEU B 270 17.22 16.45 -6.74
C LEU B 270 18.01 17.68 -7.18
N THR B 271 17.28 18.70 -7.65
CA THR B 271 17.91 19.87 -8.22
C THR B 271 17.05 21.10 -7.92
N ASP B 272 17.73 22.24 -7.80
CA ASP B 272 17.06 23.53 -7.75
C ASP B 272 16.97 24.09 -9.16
N GLY B 273 15.81 24.64 -9.51
CA GLY B 273 15.72 25.25 -10.83
C GLY B 273 14.54 26.17 -10.98
N ALA B 274 14.55 26.90 -12.09
CA ALA B 274 13.41 27.70 -12.52
C ALA B 274 13.46 27.80 -14.04
N SER B 275 12.29 27.97 -14.64
CA SER B 275 12.19 28.07 -16.09
C SER B 275 10.86 28.72 -16.44
N VAL B 276 10.80 29.25 -17.66
CA VAL B 276 9.58 29.90 -18.13
C VAL B 276 9.61 29.91 -19.65
N ALA B 277 8.43 29.94 -20.25
CA ALA B 277 8.26 30.01 -21.70
C ALA B 277 7.29 31.13 -22.02
N LEU B 278 7.42 31.68 -23.22
CA LEU B 278 6.57 32.75 -23.70
C LEU B 278 5.65 32.21 -24.78
N LEU B 279 4.38 32.59 -24.71
CA LEU B 279 3.37 32.17 -25.67
C LEU B 279 2.59 33.39 -26.12
N ALA B 280 2.11 33.36 -27.36
CA ALA B 280 1.44 34.53 -27.89
C ALA B 280 0.53 34.13 -29.04
N SER B 281 -0.51 34.95 -29.25
CA SER B 281 -1.25 34.89 -30.50
C SER B 281 -0.34 35.31 -31.64
N GLU B 282 -0.67 34.83 -32.84
CA GLU B 282 0.12 35.19 -34.01
C GLU B 282 0.10 36.69 -34.25
N GLN B 283 -1.04 37.32 -34.01
CA GLN B 283 -1.16 38.77 -34.18
C GLN B 283 -0.19 39.51 -33.28
N TRP B 284 -0.18 39.17 -31.98
CA TRP B 284 0.74 39.83 -31.06
C TRP B 284 2.19 39.48 -31.39
N ALA B 285 2.44 38.25 -31.84
CA ALA B 285 3.80 37.83 -32.10
C ALA B 285 4.41 38.61 -33.25
N GLU B 286 3.68 38.73 -34.37
CA GLU B 286 4.21 39.51 -35.48
C GLU B 286 4.19 41.00 -35.16
N ALA B 287 3.18 41.47 -34.43
CA ALA B 287 3.12 42.88 -34.06
C ALA B 287 4.37 43.30 -33.29
N HIS B 288 4.99 42.37 -32.58
CA HIS B 288 6.24 42.63 -31.86
C HIS B 288 7.45 42.12 -32.62
N SER B 289 7.26 41.63 -33.85
CA SER B 289 8.37 41.27 -34.73
C SER B 289 9.19 40.11 -34.17
N LEU B 290 8.51 39.09 -33.65
CA LEU B 290 9.14 37.85 -33.22
C LEU B 290 8.43 36.70 -33.92
N ALA B 291 9.20 35.82 -34.55
CA ALA B 291 8.55 34.73 -35.26
C ALA B 291 8.28 33.56 -34.32
N PRO B 292 7.15 32.88 -34.45
CA PRO B 292 6.90 31.70 -33.61
C PRO B 292 7.88 30.59 -33.93
N LEU B 293 8.43 29.98 -32.89
CA LEU B 293 9.27 28.81 -33.08
C LEU B 293 8.44 27.55 -33.26
N ALA B 294 7.30 27.46 -32.58
CA ALA B 294 6.37 26.35 -32.78
C ALA B 294 5.00 26.79 -32.28
N TYR B 295 4.01 25.95 -32.56
CA TYR B 295 2.63 26.20 -32.15
C TYR B 295 2.15 25.06 -31.27
N LEU B 296 1.63 25.38 -30.10
CA LEU B 296 1.05 24.39 -29.20
C LEU B 296 -0.34 24.05 -29.70
N VAL B 297 -0.50 22.84 -30.26
CA VAL B 297 -1.74 22.51 -30.96
C VAL B 297 -2.75 21.82 -30.05
N ASP B 298 -2.30 20.97 -29.13
CA ASP B 298 -3.25 20.29 -28.24
C ASP B 298 -2.47 19.59 -27.13
N ALA B 299 -3.21 19.12 -26.13
CA ALA B 299 -2.62 18.40 -25.00
C ALA B 299 -3.70 17.55 -24.34
N GLU B 300 -3.31 16.82 -23.31
CA GLU B 300 -4.19 15.90 -22.61
C GLU B 300 -3.56 15.53 -21.27
N THR B 301 -4.43 15.29 -20.28
CA THR B 301 -4.02 15.06 -18.90
C THR B 301 -4.74 13.84 -18.35
N ALA B 302 -4.05 13.06 -17.54
CA ALA B 302 -4.58 11.78 -17.11
C ALA B 302 -4.03 11.40 -15.73
N ALA B 303 -4.83 10.64 -14.98
CA ALA B 303 -4.42 10.07 -13.70
C ALA B 303 -4.72 8.58 -13.70
N VAL B 304 -4.20 7.88 -12.69
CA VAL B 304 -4.32 6.43 -12.63
C VAL B 304 -4.60 5.98 -11.19
N ASP B 305 -5.26 4.83 -11.08
CA ASP B 305 -5.51 4.18 -9.79
C ASP B 305 -4.23 3.47 -9.36
N TYR B 306 -3.33 4.25 -8.75
CA TYR B 306 -2.02 3.76 -8.34
C TYR B 306 -1.96 3.33 -6.89
N VAL B 307 -2.79 3.90 -6.03
CA VAL B 307 -2.56 3.82 -4.60
C VAL B 307 -2.67 2.39 -4.08
N ASN B 308 -3.49 1.57 -4.72
CA ASN B 308 -3.66 0.19 -4.29
C ASN B 308 -3.10 -0.82 -5.30
N GLY B 309 -2.61 -0.35 -6.44
CA GLY B 309 -1.80 -1.18 -7.32
C GLY B 309 -2.43 -1.55 -8.63
N ASN B 310 -3.62 -1.04 -8.95
CA ASN B 310 -4.15 -1.29 -10.29
C ASN B 310 -3.19 -0.79 -11.34
N ASP B 311 -2.59 0.38 -11.13
CA ASP B 311 -1.67 0.97 -12.07
C ASP B 311 -0.38 1.36 -11.37
N GLY B 312 0.68 1.51 -12.15
CA GLY B 312 1.92 2.03 -11.61
C GLY B 312 1.87 3.54 -11.41
N LEU B 313 2.64 4.02 -10.43
CA LEU B 313 2.50 5.41 -10.00
C LEU B 313 2.88 6.42 -11.07
N LEU B 314 3.73 6.05 -12.03
CA LEU B 314 4.20 7.00 -13.02
C LEU B 314 3.79 6.60 -14.44
N MET B 315 2.63 5.96 -14.58
CA MET B 315 2.16 5.47 -15.87
C MET B 315 0.97 6.23 -16.43
N ALA B 316 0.52 7.31 -15.79
CA ALA B 316 -0.62 8.04 -16.34
C ALA B 316 -0.36 8.59 -17.74
N PRO B 317 0.87 8.94 -18.14
CA PRO B 317 1.10 9.27 -19.56
C PRO B 317 0.73 8.14 -20.49
N THR B 318 0.85 6.89 -20.03
CA THR B 318 0.47 5.76 -20.87
C THR B 318 -0.96 5.90 -21.37
N TYR B 319 -1.86 6.29 -20.49
CA TYR B 319 -3.25 6.51 -20.89
C TYR B 319 -3.41 7.80 -21.67
N ALA B 320 -2.65 8.84 -21.29
CA ALA B 320 -2.94 10.15 -21.85
C ALA B 320 -2.50 10.25 -23.31
N VAL B 321 -1.34 9.68 -23.67
CA VAL B 321 -0.84 9.82 -25.03
C VAL B 321 -1.78 9.20 -26.05
N PRO B 322 -2.34 8.00 -25.83
CA PRO B 322 -3.24 7.44 -26.86
C PRO B 322 -4.46 8.30 -27.13
N ARG B 323 -5.15 8.77 -26.09
CA ARG B 323 -6.30 9.64 -26.30
C ARG B 323 -5.90 10.88 -27.10
N LEU B 324 -4.76 11.48 -26.74
CA LEU B 324 -4.27 12.66 -27.44
C LEU B 324 -4.05 12.35 -28.92
N LEU B 325 -3.29 11.29 -29.20
CA LEU B 325 -3.02 10.92 -30.60
C LEU B 325 -4.32 10.69 -31.36
N ALA B 326 -5.28 9.99 -30.74
CA ALA B 326 -6.53 9.70 -31.42
C ALA B 326 -7.29 10.98 -31.76
N ARG B 327 -7.47 11.86 -30.76
CA ARG B 327 -8.23 13.08 -31.00
C ARG B 327 -7.69 13.88 -32.19
N ASN B 328 -6.37 13.83 -32.41
CA ASN B 328 -5.73 14.59 -33.47
C ASN B 328 -5.42 13.75 -34.70
N GLY B 329 -5.93 12.52 -34.76
CA GLY B 329 -5.76 11.70 -35.95
C GLY B 329 -4.33 11.38 -36.29
N LEU B 330 -3.46 11.23 -35.30
CA LEU B 330 -2.08 10.84 -35.51
C LEU B 330 -1.81 9.54 -34.75
N SER B 331 -0.79 8.80 -35.21
CA SER B 331 -0.32 7.61 -34.52
C SER B 331 1.11 7.83 -34.06
N LEU B 332 1.50 7.06 -33.04
CA LEU B 332 2.75 7.30 -32.31
C LEU B 332 3.90 7.71 -33.21
N GLN B 333 4.06 7.05 -34.35
CA GLN B 333 5.22 7.24 -35.21
C GLN B 333 5.14 8.49 -36.08
N ASP B 334 4.14 9.35 -35.87
CA ASP B 334 3.87 10.47 -36.77
C ASP B 334 4.52 11.78 -36.32
N PHE B 335 5.65 11.71 -35.62
CA PHE B 335 6.32 12.92 -35.15
C PHE B 335 7.80 12.87 -35.47
N ASP B 336 8.40 14.06 -35.47
CA ASP B 336 9.85 14.18 -35.61
C ASP B 336 10.56 14.28 -34.27
N PHE B 337 9.88 14.66 -33.20
CA PHE B 337 10.56 14.74 -31.91
C PHE B 337 9.74 14.14 -30.78
N TYR B 338 10.40 13.29 -29.98
CA TYR B 338 9.82 12.69 -28.79
C TYR B 338 10.59 13.21 -27.58
N GLU B 339 9.86 13.80 -26.63
CA GLU B 339 10.46 14.33 -25.40
C GLU B 339 9.69 13.74 -24.22
N ILE B 340 10.25 12.70 -23.62
CA ILE B 340 9.68 12.05 -22.43
C ILE B 340 10.57 12.39 -21.25
N HIS B 341 9.98 13.04 -20.25
CA HIS B 341 10.66 13.26 -18.97
C HIS B 341 11.31 11.98 -18.47
N GLU B 342 12.59 12.06 -18.17
CA GLU B 342 13.34 10.92 -17.64
C GLU B 342 13.41 10.99 -16.11
N ALA B 343 12.24 10.92 -15.46
CA ALA B 343 12.21 10.82 -14.02
C ALA B 343 12.98 9.60 -13.54
N PHE B 344 12.91 8.52 -14.31
CA PHE B 344 13.81 7.39 -14.20
C PHE B 344 13.98 6.86 -15.62
N ALA B 345 15.11 6.20 -15.88
CA ALA B 345 15.29 5.60 -17.19
C ALA B 345 14.27 4.49 -17.41
N SER B 346 13.98 3.73 -16.36
CA SER B 346 13.05 2.63 -16.46
C SER B 346 11.65 3.10 -16.81
N VAL B 347 11.22 4.24 -16.28
CA VAL B 347 9.83 4.66 -16.48
C VAL B 347 9.60 5.08 -17.94
N VAL B 348 10.58 5.74 -18.56
CA VAL B 348 10.45 6.05 -19.97
C VAL B 348 10.49 4.77 -20.79
N LEU B 349 11.39 3.85 -20.46
CA LEU B 349 11.38 2.55 -21.12
C LEU B 349 10.04 1.83 -20.92
N ALA B 350 9.41 2.06 -19.78
CA ALA B 350 8.14 1.40 -19.48
C ALA B 350 7.02 1.99 -20.31
N HIS B 351 6.95 3.32 -20.39
CA HIS B 351 6.01 3.94 -21.32
C HIS B 351 6.15 3.32 -22.69
N LEU B 352 7.38 2.99 -23.08
CA LEU B 352 7.56 2.51 -24.46
C LEU B 352 7.18 1.05 -24.61
N ALA B 353 7.53 0.21 -23.65
CA ALA B 353 7.12 -1.19 -23.72
C ALA B 353 5.60 -1.31 -23.58
N ALA B 354 5.02 -0.46 -22.74
CA ALA B 354 3.56 -0.44 -22.57
C ALA B 354 2.86 -0.22 -23.89
N TRP B 355 3.23 0.84 -24.61
CA TRP B 355 2.68 1.08 -25.94
C TRP B 355 3.14 0.03 -26.96
N GLU B 356 4.03 -0.88 -26.57
CA GLU B 356 4.53 -1.92 -27.45
C GLU B 356 3.86 -3.27 -27.23
N SER B 357 3.49 -3.60 -25.99
CA SER B 357 2.84 -4.86 -25.68
C SER B 357 1.33 -4.71 -25.88
N GLU B 358 0.74 -5.57 -26.71
CA GLU B 358 -0.69 -5.51 -26.95
C GLU B 358 -1.49 -5.94 -25.73
N GLU B 359 -0.88 -6.67 -24.80
CA GLU B 359 -1.56 -6.99 -23.55
C GLU B 359 -1.86 -5.70 -22.78
N TYR B 360 -0.87 -4.82 -22.67
CA TYR B 360 -1.09 -3.54 -22.01
C TYR B 360 -2.10 -2.69 -22.76
N CYS B 361 -1.98 -2.63 -24.08
CA CYS B 361 -2.84 -1.76 -24.87
C CYS B 361 -4.28 -2.28 -24.93
N LYS B 362 -4.49 -3.58 -24.78
CA LYS B 362 -5.83 -4.15 -24.83
C LYS B 362 -6.47 -4.22 -23.44
N ARG B 363 -5.74 -4.71 -22.45
CA ARG B 363 -6.32 -4.90 -21.13
C ARG B 363 -6.31 -3.65 -20.27
N ARG B 364 -5.48 -2.67 -20.59
CA ARG B 364 -5.37 -1.49 -19.74
C ARG B 364 -5.81 -0.21 -20.44
N LEU B 365 -5.35 0.02 -21.66
CA LEU B 365 -5.79 1.21 -22.38
C LEU B 365 -7.10 0.97 -23.10
N GLY B 366 -7.47 -0.28 -23.33
CA GLY B 366 -8.70 -0.59 -24.03
C GLY B 366 -8.59 -0.51 -25.54
N LEU B 367 -7.40 -0.28 -26.07
CA LEU B 367 -7.23 -0.23 -27.52
C LEU B 367 -7.11 -1.65 -28.08
N ASP B 368 -7.43 -1.76 -29.37
CA ASP B 368 -7.44 -3.08 -30.01
C ASP B 368 -6.02 -3.58 -30.25
N ALA B 369 -5.19 -2.77 -30.91
CA ALA B 369 -3.83 -3.13 -31.25
C ALA B 369 -2.86 -2.26 -30.48
N ALA B 370 -1.67 -2.81 -30.22
CA ALA B 370 -0.64 -2.07 -29.51
C ALA B 370 -0.24 -0.84 -30.32
N LEU B 371 0.08 0.25 -29.61
CA LEU B 371 0.40 1.50 -30.26
C LEU B 371 1.75 1.44 -30.98
N GLY B 372 2.63 0.51 -30.62
CA GLY B 372 3.87 0.30 -31.33
C GLY B 372 5.07 0.85 -30.58
N SER B 373 6.22 0.74 -31.25
CA SER B 373 7.50 1.23 -30.76
C SER B 373 7.89 2.50 -31.49
N ILE B 374 8.90 3.20 -30.97
CA ILE B 374 9.33 4.47 -31.53
C ILE B 374 10.67 4.31 -32.22
N ASP B 375 10.91 5.21 -33.17
CA ASP B 375 12.26 5.48 -33.67
C ASP B 375 13.03 6.18 -32.56
N ARG B 376 13.88 5.43 -31.86
CA ARG B 376 14.52 5.99 -30.68
C ARG B 376 15.60 7.01 -31.00
N SER B 377 15.94 7.20 -32.28
CA SER B 377 16.84 8.28 -32.64
C SER B 377 16.23 9.64 -32.32
N LYS B 378 14.90 9.76 -32.42
CA LYS B 378 14.21 11.04 -32.28
C LYS B 378 13.63 11.22 -30.88
N LEU B 379 14.20 10.57 -29.87
CA LEU B 379 13.77 10.71 -28.49
C LEU B 379 14.81 11.51 -27.70
N ASN B 380 14.35 12.55 -27.01
CA ASN B 380 15.20 13.33 -26.11
C ASN B 380 16.54 13.64 -26.78
N VAL B 381 16.47 14.18 -27.99
CA VAL B 381 17.64 14.21 -28.87
C VAL B 381 18.78 14.99 -28.22
N ASN B 382 18.46 16.06 -27.50
CA ASN B 382 19.48 16.84 -26.80
C ASN B 382 19.48 16.54 -25.30
N GLY B 383 18.96 15.38 -24.90
CA GLY B 383 18.90 15.02 -23.51
C GLY B 383 17.68 15.59 -22.81
N SER B 384 17.49 15.14 -21.57
CA SER B 384 16.45 15.71 -20.73
C SER B 384 16.79 15.42 -19.27
N SER B 385 15.76 15.24 -18.45
CA SER B 385 15.89 15.31 -16.98
C SER B 385 17.07 14.50 -16.44
N LEU B 386 17.38 13.35 -17.03
CA LEU B 386 18.35 12.46 -16.38
C LEU B 386 19.74 13.09 -16.33
N ALA B 387 20.02 14.10 -17.14
CA ALA B 387 21.29 14.82 -17.09
C ALA B 387 21.14 16.21 -16.48
N ALA B 388 20.17 16.99 -16.96
CA ALA B 388 19.99 18.35 -16.47
C ALA B 388 19.65 18.36 -14.99
N GLY B 389 18.72 17.50 -14.58
CA GLY B 389 18.15 17.53 -13.25
C GLY B 389 16.64 17.59 -13.31
N HIS B 390 16.04 17.65 -12.13
CA HIS B 390 14.58 17.64 -12.01
C HIS B 390 14.12 18.55 -10.88
N PRO B 391 14.07 19.86 -11.14
CA PRO B 391 13.26 20.75 -10.29
C PRO B 391 11.79 20.63 -10.74
N PHE B 392 10.93 20.21 -9.81
CA PHE B 392 9.62 19.69 -10.20
C PHE B 392 8.87 20.63 -11.12
N ALA B 393 8.66 21.88 -10.68
CA ALA B 393 7.86 22.80 -11.48
C ALA B 393 8.63 23.44 -12.63
N ALA B 394 9.94 23.25 -12.72
CA ALA B 394 10.71 23.87 -13.80
C ALA B 394 10.82 22.97 -15.03
N THR B 395 10.82 21.65 -14.85
CA THR B 395 11.02 20.73 -15.97
C THR B 395 10.10 21.05 -17.14
N GLY B 396 8.80 21.18 -16.85
CA GLY B 396 7.84 21.48 -17.92
C GLY B 396 8.25 22.65 -18.79
N GLY B 397 8.59 23.78 -18.17
CA GLY B 397 9.05 24.94 -18.94
C GLY B 397 10.22 24.61 -19.83
N ARG B 398 11.27 24.03 -19.25
CA ARG B 398 12.42 23.62 -20.06
C ARG B 398 11.94 22.88 -21.30
N ILE B 399 11.26 21.74 -21.09
CA ILE B 399 10.94 20.87 -22.23
C ILE B 399 10.13 21.65 -23.26
N LEU B 400 9.15 22.43 -22.83
CA LEU B 400 8.38 23.20 -23.80
C LEU B 400 9.31 24.01 -24.68
N ALA B 401 10.20 24.81 -24.07
CA ALA B 401 11.10 25.64 -24.87
C ALA B 401 12.02 24.80 -25.76
N GLN B 402 12.71 23.83 -25.14
CA GLN B 402 13.66 22.98 -25.85
C GLN B 402 13.03 22.32 -27.07
N THR B 403 11.99 21.50 -26.83
CA THR B 403 11.30 20.80 -27.91
C THR B 403 10.79 21.78 -28.97
N ALA B 404 10.30 22.94 -28.55
CA ALA B 404 9.81 23.93 -29.51
C ALA B 404 10.91 24.36 -30.48
N LYS B 405 12.06 24.72 -29.94
CA LYS B 405 13.12 25.25 -30.80
C LYS B 405 13.77 24.14 -31.63
N GLN B 406 13.85 22.92 -31.10
CA GLN B 406 14.29 21.81 -31.95
C GLN B 406 13.40 21.69 -33.18
N LEU B 407 12.08 21.82 -32.97
CA LEU B 407 11.16 21.82 -34.11
C LEU B 407 11.54 22.90 -35.12
N ALA B 408 11.60 24.16 -34.66
CA ALA B 408 11.84 25.25 -35.61
C ALA B 408 13.18 25.08 -36.32
N GLU B 409 14.22 24.69 -35.58
CA GLU B 409 15.53 24.50 -36.18
C GLU B 409 15.47 23.49 -37.33
N LYS B 410 14.77 22.37 -37.11
CA LYS B 410 14.62 21.41 -38.20
C LYS B 410 13.84 22.03 -39.36
N LYS B 411 12.76 22.76 -39.06
CA LYS B 411 12.02 23.44 -40.12
C LYS B 411 12.92 24.34 -40.95
N ALA B 412 13.92 24.95 -40.30
CA ALA B 412 14.88 25.77 -41.03
C ALA B 412 15.75 24.91 -41.94
N ALA B 413 16.41 23.91 -41.36
CA ALA B 413 17.30 23.07 -42.16
C ALA B 413 16.54 22.35 -43.27
N LYS B 414 15.42 21.71 -42.92
CA LYS B 414 14.63 20.94 -43.90
C LYS B 414 13.69 21.91 -44.59
N LYS B 415 14.16 22.47 -45.70
CA LYS B 415 13.34 23.39 -46.49
C LYS B 415 12.23 22.66 -47.23
N GLY B 416 12.46 21.40 -47.60
CA GLY B 416 11.44 20.58 -48.21
C GLY B 416 10.12 20.63 -47.47
N GLY B 417 9.02 20.78 -48.22
CA GLY B 417 7.73 20.94 -47.59
C GLY B 417 7.34 19.73 -46.74
N GLY B 418 6.54 19.99 -45.71
CA GLY B 418 6.05 18.96 -44.84
C GLY B 418 5.86 19.46 -43.42
N PRO B 419 4.72 19.15 -42.81
CA PRO B 419 4.50 19.55 -41.42
C PRO B 419 5.28 18.66 -40.46
N LEU B 420 5.75 19.29 -39.37
CA LEU B 420 6.60 18.60 -38.40
C LEU B 420 6.06 18.80 -37.00
N ARG B 421 6.27 17.78 -36.16
CA ARG B 421 5.61 17.74 -34.87
C ARG B 421 6.49 17.10 -33.80
N GLY B 422 6.15 17.44 -32.56
CA GLY B 422 6.81 16.85 -31.41
C GLY B 422 5.80 16.56 -30.32
N LEU B 423 6.11 15.54 -29.53
CA LEU B 423 5.24 15.10 -28.43
C LEU B 423 6.00 15.15 -27.12
N ILE B 424 5.43 15.85 -26.14
CA ILE B 424 5.96 15.90 -24.78
C ILE B 424 5.09 15.00 -23.90
N SER B 425 5.74 14.22 -23.03
CA SER B 425 5.05 13.36 -22.09
C SER B 425 5.73 13.43 -20.73
N ILE B 426 5.01 13.97 -19.74
CA ILE B 426 5.52 14.21 -18.39
C ILE B 426 4.73 13.34 -17.42
N CYS B 427 5.42 12.40 -16.77
CA CYS B 427 4.80 11.70 -15.64
C CYS B 427 4.91 12.57 -14.39
N ALA B 428 4.04 12.32 -13.43
CA ALA B 428 3.95 13.21 -12.27
C ALA B 428 3.55 12.44 -11.03
N ALA B 429 4.20 12.80 -9.91
CA ALA B 429 3.84 12.30 -8.58
C ALA B 429 2.36 12.50 -8.33
N GLY B 430 1.80 11.70 -7.42
CA GLY B 430 0.36 11.64 -7.31
C GLY B 430 -0.32 10.86 -8.40
N GLY B 431 0.44 10.11 -9.19
CA GLY B 431 -0.12 9.26 -10.22
C GLY B 431 -0.78 10.00 -11.36
N GLN B 432 -0.15 11.05 -11.87
CA GLN B 432 -0.73 11.85 -12.93
C GLN B 432 0.24 11.96 -14.09
N GLY B 433 -0.20 12.61 -15.16
CA GLY B 433 0.60 12.74 -16.36
C GLY B 433 0.01 13.72 -17.36
N VAL B 434 0.88 14.47 -18.03
CA VAL B 434 0.50 15.46 -19.02
C VAL B 434 1.19 15.13 -20.33
N ALA B 435 0.55 15.47 -21.44
CA ALA B 435 1.17 15.28 -22.75
C ALA B 435 0.67 16.39 -23.67
N ALA B 436 1.51 16.73 -24.64
CA ALA B 436 1.15 17.79 -25.59
C ALA B 436 1.81 17.55 -26.94
N ILE B 437 1.20 18.13 -27.97
CA ILE B 437 1.73 18.11 -29.34
C ILE B 437 2.12 19.54 -29.72
N LEU B 438 3.20 19.66 -30.50
CA LEU B 438 3.63 20.94 -31.04
C LEU B 438 3.87 20.80 -32.54
N GLU B 439 3.46 21.82 -33.29
CA GLU B 439 3.63 21.88 -34.73
C GLU B 439 4.62 22.97 -35.11
N ALA B 440 5.29 22.77 -36.24
CA ALA B 440 6.19 23.80 -36.77
C ALA B 440 5.80 24.21 -38.18
N THR C 11 -13.89 24.26 -33.40
CA THR C 11 -14.35 25.51 -32.78
C THR C 11 -14.61 25.31 -31.30
N ARG C 12 -14.90 26.41 -30.60
CA ARG C 12 -15.09 26.36 -29.15
C ARG C 12 -16.50 25.88 -28.81
N ARG C 13 -16.58 24.81 -28.03
CA ARG C 13 -17.86 24.32 -27.54
C ARG C 13 -18.42 25.25 -26.48
N ARG C 14 -19.74 25.16 -26.26
CA ARG C 14 -20.35 25.85 -25.15
C ARG C 14 -20.05 25.10 -23.86
N VAL C 15 -19.91 25.86 -22.78
CA VAL C 15 -19.60 25.32 -21.45
C VAL C 15 -20.81 25.55 -20.56
N ALA C 16 -21.26 24.50 -19.89
CA ALA C 16 -22.51 24.53 -19.14
C ALA C 16 -22.24 24.36 -17.65
N VAL C 17 -22.81 25.25 -16.85
CA VAL C 17 -22.78 25.13 -15.40
C VAL C 17 -23.98 24.32 -14.98
N LEU C 18 -23.75 23.14 -14.41
CA LEU C 18 -24.81 22.25 -13.98
C LEU C 18 -25.13 22.39 -12.51
N GLY C 19 -24.56 23.40 -11.85
CA GLY C 19 -24.77 23.64 -10.44
C GLY C 19 -23.50 23.37 -9.65
N GLY C 20 -23.66 23.40 -8.33
CA GLY C 20 -22.55 23.12 -7.45
C GLY C 20 -23.01 22.71 -6.08
N ASN C 21 -22.07 22.76 -5.14
CA ASN C 21 -22.38 22.48 -3.74
C ASN C 21 -21.28 23.06 -2.88
N ARG C 22 -21.63 23.35 -1.63
CA ARG C 22 -20.70 23.97 -0.70
C ARG C 22 -21.21 23.79 0.71
N ILE C 23 -20.29 23.56 1.65
CA ILE C 23 -20.65 23.52 3.07
C ILE C 23 -21.02 24.95 3.45
N PRO C 24 -21.78 25.17 4.52
CA PRO C 24 -21.98 26.55 5.00
C PRO C 24 -20.67 27.12 5.53
N PHE C 25 -20.54 28.44 5.45
CA PHE C 25 -19.33 29.11 5.89
C PHE C 25 -19.44 29.42 7.38
N ALA C 26 -18.47 28.95 8.15
CA ALA C 26 -18.41 29.22 9.58
C ALA C 26 -17.43 30.35 9.86
N ARG C 27 -17.76 31.17 10.85
CA ARG C 27 -16.78 32.12 11.37
C ARG C 27 -15.56 31.36 11.89
N SER C 28 -14.40 31.99 11.79
CA SER C 28 -13.16 31.32 12.14
C SER C 28 -13.04 31.16 13.64
N ASP C 29 -12.36 30.10 14.06
CA ASP C 29 -12.17 29.77 15.48
C ASP C 29 -13.53 29.57 16.16
N GLY C 30 -14.37 28.74 15.53
CA GLY C 30 -15.64 28.35 16.11
C GLY C 30 -15.95 26.93 15.68
N ALA C 31 -17.05 26.75 14.97
CA ALA C 31 -17.25 25.51 14.24
C ALA C 31 -16.30 25.49 13.04
N TYR C 32 -15.89 24.29 12.66
CA TYR C 32 -14.81 24.08 11.69
C TYR C 32 -13.49 24.71 12.16
N ALA C 33 -13.26 24.80 13.48
CA ALA C 33 -11.97 25.25 13.97
C ALA C 33 -10.92 24.15 13.87
N ASP C 34 -11.34 22.89 13.96
CA ASP C 34 -10.47 21.75 13.77
C ASP C 34 -10.58 21.16 12.38
N ALA C 35 -11.34 21.80 11.48
CA ALA C 35 -11.55 21.30 10.13
C ALA C 35 -10.37 21.70 9.26
N SER C 36 -9.59 20.72 8.84
CA SER C 36 -8.51 20.95 7.89
C SER C 36 -9.08 21.40 6.54
N ASN C 37 -8.20 21.99 5.73
CA ASN C 37 -8.55 22.26 4.33
C ASN C 37 -9.17 21.04 3.68
N GLN C 38 -8.45 19.92 3.75
CA GLN C 38 -8.89 18.69 3.10
C GLN C 38 -10.24 18.24 3.62
N ASP C 39 -10.43 18.30 4.94
CA ASP C 39 -11.71 17.93 5.53
C ASP C 39 -12.86 18.67 4.85
N MET C 40 -12.80 20.01 4.86
CA MET C 40 -13.92 20.80 4.36
C MET C 40 -14.12 20.61 2.88
N PHE C 41 -13.03 20.59 2.10
CA PHE C 41 -13.23 20.45 0.66
C PHE C 41 -13.73 19.06 0.29
N THR C 42 -13.25 18.02 0.97
CA THR C 42 -13.71 16.67 0.63
C THR C 42 -15.16 16.48 1.06
N ALA C 43 -15.60 17.14 2.15
CA ALA C 43 -17.03 17.19 2.44
C ALA C 43 -17.79 17.85 1.30
N ALA C 44 -17.33 19.03 0.87
CA ALA C 44 -17.99 19.73 -0.23
C ALA C 44 -18.10 18.84 -1.47
N LEU C 45 -16.99 18.21 -1.85
CA LEU C 45 -16.99 17.37 -3.05
C LEU C 45 -17.94 16.19 -2.88
N SER C 46 -17.96 15.57 -1.70
CA SER C 46 -18.92 14.49 -1.46
C SER C 46 -20.35 14.99 -1.66
N GLY C 47 -20.64 16.19 -1.17
CA GLY C 47 -21.96 16.76 -1.40
C GLY C 47 -22.26 16.89 -2.88
N LEU C 48 -21.29 17.37 -3.66
CA LEU C 48 -21.50 17.49 -5.11
C LEU C 48 -21.79 16.12 -5.72
N VAL C 49 -20.95 15.12 -5.42
CA VAL C 49 -21.13 13.81 -6.06
C VAL C 49 -22.49 13.24 -5.71
N ASP C 50 -22.91 13.40 -4.45
CA ASP C 50 -24.23 12.90 -4.05
C ASP C 50 -25.34 13.64 -4.81
N ARG C 51 -25.27 14.97 -4.84
CA ARG C 51 -26.35 15.73 -5.46
C ARG C 51 -26.48 15.43 -6.94
N PHE C 52 -25.39 15.04 -7.61
CA PHE C 52 -25.46 14.75 -9.04
C PHE C 52 -25.09 13.32 -9.38
N GLY C 53 -24.89 12.46 -8.38
CA GLY C 53 -24.63 11.05 -8.61
C GLY C 53 -23.43 10.77 -9.49
N LEU C 54 -22.30 11.41 -9.17
CA LEU C 54 -21.06 11.16 -9.89
C LEU C 54 -20.29 9.95 -9.38
N ALA C 55 -20.77 9.31 -8.31
CA ALA C 55 -20.00 8.26 -7.65
C ALA C 55 -19.41 7.29 -8.66
N GLY C 56 -18.13 6.99 -8.49
CA GLY C 56 -17.45 6.05 -9.35
C GLY C 56 -17.25 6.50 -10.78
N GLU C 57 -17.68 7.71 -11.13
CA GLU C 57 -17.46 8.20 -12.48
C GLU C 57 -16.18 9.00 -12.57
N ARG C 58 -15.71 9.20 -13.80
CA ARG C 58 -14.45 9.87 -14.08
C ARG C 58 -14.73 11.30 -14.49
N LEU C 59 -14.29 12.25 -13.68
CA LEU C 59 -14.26 13.64 -14.10
C LEU C 59 -12.94 13.90 -14.82
N ASP C 60 -13.00 14.70 -15.88
CA ASP C 60 -11.80 14.99 -16.65
C ASP C 60 -10.85 15.90 -15.89
N MET C 61 -11.35 16.68 -14.93
CA MET C 61 -10.48 17.53 -14.14
C MET C 61 -11.19 18.10 -12.92
N VAL C 62 -10.53 18.03 -11.77
CA VAL C 62 -10.92 18.77 -10.57
C VAL C 62 -9.82 19.79 -10.30
N VAL C 63 -10.19 21.08 -10.27
CA VAL C 63 -9.22 22.14 -10.06
C VAL C 63 -9.71 23.09 -8.98
N GLY C 64 -8.79 23.46 -8.09
CA GLY C 64 -9.10 24.39 -7.02
C GLY C 64 -7.87 24.61 -6.18
N GLY C 65 -8.07 25.09 -4.96
CA GLY C 65 -6.97 25.17 -4.03
C GLY C 65 -7.33 26.03 -2.83
N ALA C 66 -6.34 26.17 -1.96
CA ALA C 66 -6.44 27.02 -0.78
C ALA C 66 -5.39 28.13 -0.87
N VAL C 67 -5.75 29.29 -0.32
CA VAL C 67 -4.86 30.45 -0.34
C VAL C 67 -3.88 30.40 0.83
N LEU C 68 -4.40 30.28 2.05
CA LEU C 68 -3.56 30.07 3.22
C LEU C 68 -3.28 28.58 3.43
N LYS C 69 -2.86 27.91 2.36
CA LYS C 69 -2.57 26.49 2.43
C LYS C 69 -1.37 26.24 3.35
N HIS C 70 -1.37 25.05 3.96
CA HIS C 70 -0.33 24.66 4.90
C HIS C 70 0.65 23.72 4.21
N SER C 71 1.58 23.16 4.99
CA SER C 71 2.56 22.23 4.43
C SER C 71 1.96 20.87 4.13
N ARG C 72 0.82 20.53 4.75
CA ARG C 72 0.12 19.28 4.49
C ARG C 72 -0.83 19.38 3.31
N ASP C 73 -0.53 20.21 2.31
CA ASP C 73 -1.46 20.52 1.24
C ASP C 73 -0.77 20.47 -0.12
N PHE C 74 0.01 19.41 -0.35
CA PHE C 74 0.58 19.15 -1.67
C PHE C 74 -0.40 18.28 -2.45
N ASN C 75 -0.69 18.69 -3.69
CA ASN C 75 -1.67 17.99 -4.53
C ASN C 75 -3.02 17.91 -3.80
N LEU C 76 -3.47 19.05 -3.29
CA LEU C 76 -4.67 19.05 -2.46
C LEU C 76 -5.88 18.52 -3.23
N MET C 77 -6.10 19.02 -4.44
CA MET C 77 -7.26 18.59 -5.22
C MET C 77 -7.15 17.10 -5.56
N ARG C 78 -5.97 16.66 -6.01
CA ARG C 78 -5.80 15.25 -6.34
C ARG C 78 -6.07 14.38 -5.12
N GLU C 79 -5.50 14.74 -3.97
CA GLU C 79 -5.70 13.90 -2.78
C GLU C 79 -7.13 13.98 -2.27
N CYS C 80 -7.84 15.07 -2.53
CA CYS C 80 -9.25 15.13 -2.20
C CYS C 80 -10.05 14.17 -3.06
N VAL C 81 -9.80 14.15 -4.37
CA VAL C 81 -10.56 13.22 -5.21
C VAL C 81 -10.19 11.78 -4.86
N LEU C 82 -8.94 11.52 -4.48
CA LEU C 82 -8.57 10.17 -4.05
C LEU C 82 -9.30 9.79 -2.76
N GLY C 83 -9.54 10.76 -1.88
CA GLY C 83 -10.37 10.54 -0.72
C GLY C 83 -11.86 10.67 -0.96
N SER C 84 -12.25 10.92 -2.21
CA SER C 84 -13.64 11.10 -2.59
C SER C 84 -14.21 9.77 -3.09
N GLU C 85 -15.40 9.84 -3.70
CA GLU C 85 -16.04 8.67 -4.30
C GLU C 85 -15.94 8.66 -5.82
N LEU C 86 -15.21 9.61 -6.40
CA LEU C 86 -15.04 9.66 -7.84
C LEU C 86 -14.06 8.59 -8.30
N SER C 87 -14.10 8.29 -9.59
CA SER C 87 -13.18 7.31 -10.15
C SER C 87 -11.75 7.76 -9.87
N PRO C 88 -10.86 6.87 -9.39
CA PRO C 88 -9.50 7.31 -9.07
C PRO C 88 -8.69 7.73 -10.28
N TYR C 89 -9.20 7.51 -11.50
CA TYR C 89 -8.56 8.00 -12.70
C TYR C 89 -8.92 9.45 -12.99
N THR C 90 -9.66 10.10 -12.11
CA THR C 90 -9.97 11.53 -12.24
C THR C 90 -8.72 12.36 -11.92
N PRO C 91 -8.20 13.15 -12.88
CA PRO C 91 -7.00 13.95 -12.58
C PRO C 91 -7.37 15.28 -11.94
N ALA C 92 -6.36 16.07 -11.55
CA ALA C 92 -6.63 17.31 -10.82
C ALA C 92 -5.34 18.11 -10.71
N PHE C 93 -5.49 19.40 -10.41
CA PHE C 93 -4.35 20.21 -10.04
C PHE C 93 -4.82 21.42 -9.24
N ASP C 94 -3.89 22.03 -8.52
CA ASP C 94 -4.18 23.15 -7.65
C ASP C 94 -4.00 24.48 -8.38
N LEU C 95 -4.46 25.55 -7.73
CA LEU C 95 -4.55 26.86 -8.35
C LEU C 95 -4.99 27.87 -7.29
N GLN C 96 -4.23 28.95 -7.12
CA GLN C 96 -4.59 29.98 -6.16
C GLN C 96 -4.37 31.35 -6.78
N GLN C 97 -5.43 32.15 -6.84
CA GLN C 97 -5.37 33.55 -7.21
C GLN C 97 -6.10 34.38 -6.16
N ALA C 98 -5.81 34.09 -4.89
CA ALA C 98 -6.44 34.78 -3.77
C ALA C 98 -7.96 34.64 -3.87
N GLY C 100 -10.04 35.40 -5.99
CA GLY C 100 -10.53 35.00 -7.30
C GLY C 100 -10.22 33.56 -7.64
N THR C 101 -9.61 32.85 -6.69
CA THR C 101 -9.23 31.45 -6.90
C THR C 101 -10.40 30.64 -7.42
N GLY C 102 -11.56 30.73 -6.75
CA GLY C 102 -12.71 29.95 -7.16
C GLY C 102 -13.12 30.20 -8.60
N LEU C 103 -13.41 31.46 -8.92
CA LEU C 103 -13.85 31.78 -10.28
C LEU C 103 -12.77 31.43 -11.30
N GLN C 104 -11.50 31.62 -10.95
CA GLN C 104 -10.43 31.32 -11.91
C GLN C 104 -10.31 29.82 -12.16
N ALA C 105 -10.47 29.01 -11.12
CA ALA C 105 -10.54 27.57 -11.32
C ALA C 105 -11.71 27.22 -12.24
N ALA C 106 -12.83 27.92 -12.07
CA ALA C 106 -13.95 27.71 -12.99
C ALA C 106 -13.54 28.02 -14.42
N ILE C 107 -12.77 29.09 -14.61
CA ILE C 107 -12.30 29.45 -15.96
C ILE C 107 -11.41 28.35 -16.50
N ALA C 108 -10.57 27.77 -15.66
CA ALA C 108 -9.69 26.69 -16.11
C ALA C 108 -10.50 25.50 -16.62
N ALA C 109 -11.48 25.08 -15.81
CA ALA C 109 -12.34 23.95 -16.21
C ALA C 109 -13.07 24.26 -17.52
N ALA C 110 -13.64 25.46 -17.62
CA ALA C 110 -14.33 25.85 -18.84
C ALA C 110 -13.38 25.85 -20.03
N ASP C 111 -12.15 26.30 -19.82
CA ASP C 111 -11.15 26.30 -20.89
C ASP C 111 -10.96 24.89 -21.43
N GLY C 112 -10.70 23.95 -20.54
CA GLY C 112 -10.51 22.57 -20.97
C GLY C 112 -11.71 22.01 -21.70
N ILE C 113 -12.91 22.28 -21.17
CA ILE C 113 -14.12 21.78 -21.84
C ILE C 113 -14.20 22.34 -23.26
N ALA C 114 -13.98 23.65 -23.41
CA ALA C 114 -14.18 24.28 -24.70
C ALA C 114 -13.14 23.82 -25.71
N ALA C 115 -11.87 23.72 -25.29
CA ALA C 115 -10.85 23.17 -26.18
C ALA C 115 -11.14 21.72 -26.55
N GLY C 116 -11.99 21.04 -25.78
CA GLY C 116 -12.32 19.66 -26.04
C GLY C 116 -11.47 18.64 -25.30
N ARG C 117 -10.68 19.07 -24.34
CA ARG C 117 -9.88 18.13 -23.55
C ARG C 117 -10.68 17.51 -22.42
N TYR C 118 -11.65 18.25 -21.86
CA TYR C 118 -12.53 17.73 -20.84
C TYR C 118 -13.95 17.63 -21.37
N GLU C 119 -14.69 16.62 -20.90
CA GLU C 119 -16.13 16.56 -21.07
C GLU C 119 -16.89 17.00 -19.81
N VAL C 120 -16.29 16.82 -18.64
CA VAL C 120 -16.89 17.20 -17.37
C VAL C 120 -15.76 17.56 -16.42
N ALA C 121 -16.04 18.48 -15.48
CA ALA C 121 -15.00 18.91 -14.56
C ALA C 121 -15.61 19.64 -13.37
N ALA C 122 -14.90 19.58 -12.24
CA ALA C 122 -15.27 20.29 -11.03
C ALA C 122 -14.26 21.38 -10.75
N ALA C 123 -14.74 22.51 -10.23
CA ALA C 123 -13.91 23.68 -10.05
C ALA C 123 -14.36 24.42 -8.80
N GLY C 124 -13.41 24.68 -7.90
CA GLY C 124 -13.78 25.36 -6.67
C GLY C 124 -12.61 25.78 -5.79
N GLY C 125 -12.85 25.82 -4.48
CA GLY C 125 -11.79 26.19 -3.57
C GLY C 125 -12.17 25.89 -2.13
N VAL C 126 -11.22 26.14 -1.25
CA VAL C 126 -11.38 25.87 0.18
C VAL C 126 -10.38 26.74 0.93
N ASP C 127 -10.82 27.29 2.06
CA ASP C 127 -9.90 28.05 2.90
C ASP C 127 -10.34 28.00 4.36
N THR C 128 -9.35 27.97 5.24
CA THR C 128 -9.53 28.12 6.67
C THR C 128 -8.57 29.20 7.14
N THR C 129 -9.12 30.32 7.62
CA THR C 129 -8.33 31.28 8.36
C THR C 129 -8.41 31.04 9.86
N SER C 130 -9.02 29.93 10.28
CA SER C 130 -9.11 29.61 11.69
C SER C 130 -7.79 29.09 12.25
N ASP C 131 -6.99 28.42 11.42
CA ASP C 131 -5.71 27.91 11.91
C ASP C 131 -4.83 29.02 12.47
N PRO C 132 -4.52 30.09 11.71
CA PRO C 132 -3.94 31.26 12.38
C PRO C 132 -4.73 31.71 13.60
N ARG C 156 -6.79 41.87 16.60
CA ARG C 156 -7.78 41.04 17.28
C ARG C 156 -9.20 41.34 16.80
N LEU C 157 -9.30 41.94 15.61
CA LEU C 157 -10.60 42.30 15.05
C LEU C 157 -11.30 41.11 14.40
N LYS C 158 -10.54 40.11 13.94
CA LYS C 158 -11.06 38.93 13.26
C LYS C 158 -11.67 39.27 11.89
N LEU C 159 -11.13 40.30 11.22
CA LEU C 159 -11.67 40.78 9.95
C LEU C 159 -10.61 40.69 8.85
N VAL C 160 -11.08 40.52 7.60
CA VAL C 160 -10.17 40.33 6.49
C VAL C 160 -9.27 41.55 6.32
N GLY C 161 -9.80 42.74 6.59
CA GLY C 161 -9.02 43.94 6.39
C GLY C 161 -7.73 43.98 7.18
N THR C 162 -7.68 43.26 8.30
CA THR C 162 -6.52 43.30 9.18
C THR C 162 -5.29 42.60 8.60
N LEU C 163 -5.46 41.83 7.53
CA LEU C 163 -4.35 41.03 7.01
C LEU C 163 -3.54 41.82 6.00
N PRO C 164 -2.31 41.37 5.72
CA PRO C 164 -1.51 42.02 4.66
C PRO C 164 -2.28 42.20 3.36
N ALA C 165 -1.86 43.18 2.56
CA ALA C 165 -2.61 43.51 1.34
C ALA C 165 -2.49 42.41 0.28
N SER C 166 -1.40 41.64 0.29
CA SER C 166 -1.22 40.52 -0.63
C SER C 166 -1.44 39.18 0.05
N LEU C 167 -2.17 39.16 1.17
CA LEU C 167 -2.44 37.93 1.92
C LEU C 167 -1.16 37.13 2.12
N GLY C 168 -0.06 37.83 2.39
CA GLY C 168 1.20 37.18 2.71
C GLY C 168 1.51 37.27 4.19
N VAL C 169 1.07 36.25 4.94
CA VAL C 169 1.23 36.25 6.39
C VAL C 169 2.71 36.34 6.75
N PRO C 177 1.20 44.33 -0.79
CA PRO C 177 1.53 43.85 0.55
C PRO C 177 2.54 44.77 1.22
N ARG C 178 3.65 45.01 0.53
CA ARG C 178 4.79 45.75 1.09
C ARG C 178 4.54 47.26 1.03
N THR C 179 3.50 47.70 1.75
CA THR C 179 3.17 49.10 1.85
C THR C 179 2.94 49.57 3.28
N GLY C 180 3.13 48.71 4.27
CA GLY C 180 2.83 49.10 5.65
C GLY C 180 1.38 49.54 5.77
N LEU C 181 0.48 48.72 5.24
CA LEU C 181 -0.93 49.08 5.15
C LEU C 181 -1.72 47.80 4.89
N SER C 182 -2.72 47.54 5.72
CA SER C 182 -3.53 46.34 5.59
C SER C 182 -4.63 46.53 4.55
N MET C 183 -5.07 45.41 3.97
CA MET C 183 -6.13 45.40 2.96
C MET C 183 -7.25 46.35 3.34
N GLY C 184 -7.66 46.31 4.61
CA GLY C 184 -8.73 47.17 5.06
C GLY C 184 -8.42 48.64 4.88
N GLU C 185 -7.20 49.07 5.22
CA GLU C 185 -6.89 50.50 5.15
C GLU C 185 -6.61 50.95 3.72
N HIS C 186 -6.11 50.06 2.85
CA HIS C 186 -6.14 50.34 1.42
C HIS C 186 -7.56 50.67 0.97
N ALA C 187 -8.50 49.79 1.30
CA ALA C 187 -9.89 50.02 0.91
C ALA C 187 -10.45 51.29 1.56
N ALA C 188 -10.00 51.62 2.77
CA ALA C 188 -10.44 52.87 3.40
C ALA C 188 -9.95 54.07 2.61
N VAL C 189 -8.70 54.02 2.15
CA VAL C 189 -8.19 55.09 1.30
C VAL C 189 -9.07 55.26 0.08
N THR C 190 -9.38 54.15 -0.60
CA THR C 190 -10.19 54.28 -1.81
C THR C 190 -11.61 54.75 -1.49
N ALA C 191 -12.16 54.32 -0.33
CA ALA C 191 -13.49 54.76 0.07
C ALA C 191 -13.53 56.27 0.27
N LYS C 192 -12.56 56.80 1.01
CA LYS C 192 -12.48 58.24 1.17
C LYS C 192 -12.28 58.93 -0.18
N GLN C 193 -11.30 58.47 -0.95
CA GLN C 193 -11.05 59.04 -2.27
C GLN C 193 -12.33 59.16 -3.08
N MET C 194 -13.17 58.12 -3.05
CA MET C 194 -14.39 58.09 -3.84
C MET C 194 -15.61 58.55 -3.05
N GLY C 195 -15.46 58.87 -1.77
CA GLY C 195 -16.53 59.45 -0.99
C GLY C 195 -17.74 58.55 -0.87
N ILE C 196 -17.52 57.32 -0.41
CA ILE C 196 -18.60 56.36 -0.20
C ILE C 196 -19.16 56.61 1.20
N LYS C 197 -20.39 57.10 1.26
CA LYS C 197 -21.01 57.46 2.53
C LYS C 197 -21.24 56.20 3.37
N ARG C 198 -21.17 56.37 4.69
CA ARG C 198 -21.30 55.21 5.58
C ARG C 198 -22.70 54.62 5.52
N VAL C 199 -23.72 55.47 5.35
CA VAL C 199 -25.10 54.99 5.31
C VAL C 199 -25.26 53.95 4.21
N ASP C 200 -24.72 54.23 3.02
CA ASP C 200 -24.85 53.29 1.92
C ASP C 200 -24.09 52.01 2.18
N GLN C 201 -22.93 52.11 2.83
CA GLN C 201 -22.19 50.92 3.23
C GLN C 201 -23.04 50.01 4.12
N ASP C 202 -23.56 50.58 5.20
CA ASP C 202 -24.38 49.80 6.13
C ASP C 202 -25.62 49.25 5.44
N GLU C 203 -26.21 50.03 4.54
CA GLU C 203 -27.43 49.59 3.86
C GLU C 203 -27.14 48.40 2.96
N LEU C 204 -26.03 48.44 2.22
CA LEU C 204 -25.67 47.30 1.38
C LEU C 204 -25.40 46.06 2.24
N ALA C 205 -24.69 46.24 3.36
CA ALA C 205 -24.41 45.10 4.23
C ALA C 205 -25.70 44.47 4.74
N ALA C 206 -26.61 45.29 5.28
CA ALA C 206 -27.87 44.79 5.79
C ALA C 206 -28.69 44.14 4.68
N ALA C 207 -28.70 44.73 3.49
CA ALA C 207 -29.42 44.13 2.38
C ALA C 207 -28.90 42.73 2.08
N SER C 208 -27.58 42.58 2.07
CA SER C 208 -27.00 41.25 1.86
C SER C 208 -27.51 40.28 2.90
N HIS C 209 -27.43 40.66 4.18
CA HIS C 209 -27.86 39.76 5.24
C HIS C 209 -29.34 39.36 5.06
N ARG C 210 -30.21 40.35 4.85
CA ARG C 210 -31.63 40.09 4.80
C ARG C 210 -32.00 39.24 3.58
N ASN C 211 -31.35 39.50 2.43
CA ASN C 211 -31.69 38.75 1.23
C ASN C 211 -31.18 37.32 1.33
N MET C 212 -30.01 37.10 1.93
CA MET C 212 -29.57 35.71 2.10
C MET C 212 -30.44 34.98 3.10
N ALA C 213 -30.91 35.67 4.14
CA ALA C 213 -31.85 35.05 5.07
C ALA C 213 -33.14 34.67 4.36
N ASP C 214 -33.65 35.56 3.51
CA ASP C 214 -34.84 35.22 2.73
C ASP C 214 -34.59 34.00 1.85
N ALA C 215 -33.47 34.00 1.11
CA ALA C 215 -33.12 32.86 0.28
C ALA C 215 -33.13 31.56 1.07
N TYR C 216 -32.56 31.58 2.29
CA TYR C 216 -32.59 30.39 3.14
C TYR C 216 -34.02 30.02 3.49
N ASP C 217 -34.81 30.99 3.94
CA ASP C 217 -36.18 30.72 4.34
C ASP C 217 -37.02 30.18 3.18
N ARG C 218 -36.65 30.52 1.96
CA ARG C 218 -37.32 30.05 0.75
C ARG C 218 -36.68 28.79 0.18
N GLY C 219 -35.58 28.32 0.77
CA GLY C 219 -34.94 27.11 0.30
C GLY C 219 -34.11 27.26 -0.94
N PHE C 220 -33.62 28.48 -1.23
CA PHE C 220 -32.83 28.68 -2.43
C PHE C 220 -31.58 27.82 -2.45
N PHE C 221 -30.99 27.56 -1.28
CA PHE C 221 -29.71 26.86 -1.20
C PHE C 221 -29.85 25.41 -0.75
N ASP C 222 -31.05 24.85 -0.79
CA ASP C 222 -31.21 23.45 -0.40
C ASP C 222 -30.49 22.53 -1.38
N ASP C 223 -30.57 22.83 -2.67
CA ASP C 223 -29.79 22.13 -3.69
C ASP C 223 -28.44 22.82 -3.96
N LEU C 224 -27.90 23.54 -2.97
CA LEU C 224 -26.60 24.19 -3.13
C LEU C 224 -25.74 24.11 -1.88
N VAL C 225 -26.23 23.53 -0.79
CA VAL C 225 -25.51 23.52 0.49
C VAL C 225 -25.64 22.15 1.10
N SER C 226 -24.53 21.59 1.56
CA SER C 226 -24.60 20.38 2.36
C SER C 226 -24.00 20.65 3.74
N PRO C 227 -24.62 20.16 4.80
CA PRO C 227 -24.16 20.50 6.15
C PRO C 227 -22.78 19.93 6.42
N PHE C 228 -22.14 20.48 7.43
CA PHE C 228 -20.81 20.05 7.86
C PHE C 228 -20.66 20.43 9.33
N LEU C 229 -20.14 19.50 10.12
CA LEU C 229 -20.00 19.64 11.57
C LEU C 229 -21.22 20.31 12.19
N GLY C 230 -22.38 19.71 11.93
CA GLY C 230 -23.61 20.16 12.56
C GLY C 230 -23.96 21.61 12.30
N LEU C 231 -23.51 22.17 11.18
CA LEU C 231 -23.83 23.55 10.80
C LEU C 231 -24.57 23.50 9.46
N TYR C 232 -25.83 23.93 9.48
CA TYR C 232 -26.66 23.91 8.28
C TYR C 232 -26.80 25.29 7.62
N ARG C 233 -26.35 26.35 8.28
CA ARG C 233 -26.50 27.70 7.76
C ARG C 233 -25.19 28.46 7.92
N ASP C 234 -25.01 29.48 7.06
CA ASP C 234 -23.84 30.34 7.14
C ASP C 234 -23.77 30.99 8.52
N ASP C 235 -22.83 30.53 9.33
CA ASP C 235 -22.66 31.01 10.70
C ASP C 235 -22.82 32.52 10.83
N ASN C 236 -22.07 33.27 10.02
CA ASN C 236 -22.08 34.72 10.16
C ASN C 236 -23.43 35.35 9.84
N LEU C 237 -24.36 34.59 9.27
CA LEU C 237 -25.66 35.16 8.93
C LEU C 237 -26.37 35.65 10.19
N ARG C 238 -26.95 36.84 10.09
CA ARG C 238 -27.70 37.46 11.18
C ARG C 238 -28.91 38.14 10.53
N PRO C 239 -30.07 37.48 10.50
CA PRO C 239 -31.19 38.01 9.71
C PRO C 239 -31.86 39.23 10.32
N ASN C 240 -31.76 39.41 11.63
CA ASN C 240 -32.28 40.60 12.29
C ASN C 240 -31.20 41.68 12.36
N SER C 241 -30.68 42.03 11.18
CA SER C 241 -29.74 43.11 11.00
C SER C 241 -30.41 44.24 10.23
N SER C 242 -30.02 45.48 10.55
CA SER C 242 -30.58 46.63 9.86
C SER C 242 -29.59 47.79 9.96
N VAL C 243 -29.92 48.88 9.26
CA VAL C 243 -29.03 50.04 9.24
C VAL C 243 -28.95 50.66 10.63
N GLU C 244 -29.99 50.53 11.45
CA GLU C 244 -29.92 51.04 12.81
C GLU C 244 -28.89 50.28 13.63
N LYS C 245 -28.90 48.95 13.55
CA LYS C 245 -27.96 48.16 14.34
C LYS C 245 -26.53 48.36 13.89
N LEU C 246 -26.32 48.62 12.60
CA LEU C 246 -24.97 48.81 12.09
C LEU C 246 -24.44 50.21 12.39
N ALA C 247 -25.32 51.21 12.43
CA ALA C 247 -24.89 52.59 12.61
C ALA C 247 -24.12 52.81 13.90
N THR C 248 -24.30 51.93 14.89
CA THR C 248 -23.73 52.12 16.22
C THR C 248 -22.37 51.45 16.38
N LEU C 249 -21.74 51.00 15.31
CA LEU C 249 -20.42 50.37 15.38
C LEU C 249 -19.35 51.40 15.06
N ARG C 250 -18.28 51.39 15.85
CA ARG C 250 -17.19 52.33 15.63
C ARG C 250 -16.41 51.94 14.37
N PRO C 251 -16.07 52.91 13.52
CA PRO C 251 -15.16 52.59 12.41
C PRO C 251 -13.81 52.10 12.92
N VAL C 252 -13.17 51.25 12.13
CA VAL C 252 -11.94 50.60 12.58
C VAL C 252 -10.97 50.43 11.41
N PHE C 253 -11.20 51.17 10.32
CA PHE C 253 -10.27 51.21 9.20
C PHE C 253 -10.24 52.62 8.64
N GLY C 254 -9.04 53.10 8.35
CA GLY C 254 -8.87 54.47 7.90
C GLY C 254 -9.25 55.47 8.97
N VAL C 255 -8.92 55.17 10.23
CA VAL C 255 -9.42 55.97 11.35
C VAL C 255 -8.73 57.34 11.37
N LYS C 256 -7.40 57.36 11.51
CA LYS C 256 -6.71 58.64 11.66
C LYS C 256 -6.61 59.43 10.36
N ALA C 257 -6.96 58.83 9.22
CA ALA C 257 -7.12 59.61 8.00
C ALA C 257 -8.39 60.46 8.03
N GLY C 258 -9.16 60.40 9.11
CA GLY C 258 -10.37 61.17 9.23
C GLY C 258 -11.52 60.59 8.41
N ASP C 259 -12.75 60.85 8.87
CA ASP C 259 -13.95 60.45 8.14
C ASP C 259 -13.94 58.97 7.80
N ALA C 260 -13.71 58.15 8.83
CA ALA C 260 -13.70 56.70 8.66
C ALA C 260 -15.12 56.17 8.63
N THR C 261 -15.41 55.30 7.65
CA THR C 261 -16.74 54.75 7.47
C THR C 261 -16.73 53.22 7.38
N MET C 262 -15.60 52.58 7.67
CA MET C 262 -15.45 51.14 7.52
C MET C 262 -15.44 50.51 8.91
N THR C 263 -16.32 49.52 9.11
CA THR C 263 -16.45 48.85 10.39
C THR C 263 -16.64 47.36 10.17
N ALA C 264 -16.81 46.63 11.28
CA ALA C 264 -17.06 45.19 11.22
C ALA C 264 -18.45 44.86 10.70
N GLY C 265 -19.31 45.86 10.52
CA GLY C 265 -20.63 45.63 9.98
C GLY C 265 -20.70 45.73 8.47
N ASN C 266 -19.72 46.40 7.86
CA ASN C 266 -19.67 46.56 6.41
C ASN C 266 -18.41 45.95 5.81
N SER C 267 -17.65 45.16 6.58
CA SER C 267 -16.44 44.51 6.09
C SER C 267 -16.46 43.05 6.54
N THR C 268 -16.07 42.15 5.63
CA THR C 268 -16.29 40.74 5.86
C THR C 268 -15.52 40.25 7.07
N PRO C 269 -15.92 39.12 7.65
CA PRO C 269 -15.13 38.51 8.72
C PRO C 269 -14.29 37.34 8.25
N LEU C 270 -13.34 36.93 9.08
CA LEU C 270 -12.52 35.76 8.79
C LEU C 270 -13.34 34.49 8.94
N THR C 271 -13.49 33.74 7.85
CA THR C 271 -14.41 32.63 7.81
C THR C 271 -13.78 31.42 7.12
N ASP C 272 -14.15 30.23 7.60
CA ASP C 272 -13.80 28.99 6.95
C ASP C 272 -14.88 28.61 5.94
N GLY C 273 -14.47 27.96 4.87
CA GLY C 273 -15.43 27.49 3.89
C GLY C 273 -14.80 26.62 2.83
N ALA C 274 -15.67 25.90 2.12
CA ALA C 274 -15.29 25.13 0.93
C ALA C 274 -16.45 25.19 -0.04
N SER C 275 -16.15 25.11 -1.32
CA SER C 275 -17.18 25.21 -2.35
C SER C 275 -16.64 24.64 -3.65
N VAL C 276 -17.56 24.13 -4.48
CA VAL C 276 -17.20 23.52 -5.75
C VAL C 276 -18.40 23.64 -6.68
N ALA C 277 -18.13 23.62 -7.99
CA ALA C 277 -19.16 23.72 -9.00
C ALA C 277 -18.82 22.74 -10.11
N LEU C 278 -19.86 22.16 -10.71
CA LEU C 278 -19.71 21.16 -11.75
C LEU C 278 -20.05 21.77 -13.10
N LEU C 279 -19.16 21.55 -14.07
CA LEU C 279 -19.30 22.05 -15.43
C LEU C 279 -19.13 20.86 -16.37
N ALA C 280 -19.74 20.96 -17.54
CA ALA C 280 -19.57 19.89 -18.51
C ALA C 280 -19.97 20.38 -19.88
N SER C 281 -19.56 19.62 -20.89
CA SER C 281 -20.02 19.86 -22.24
C SER C 281 -21.50 19.55 -22.33
N GLU C 282 -22.13 20.07 -23.39
CA GLU C 282 -23.56 19.84 -23.56
C GLU C 282 -23.86 18.37 -23.75
N GLN C 283 -23.01 17.66 -24.49
CA GLN C 283 -23.28 16.26 -24.78
C GLN C 283 -23.15 15.41 -23.52
N TRP C 284 -22.16 15.72 -22.66
CA TRP C 284 -22.10 15.07 -21.36
C TRP C 284 -23.35 15.35 -20.55
N ALA C 285 -23.80 16.60 -20.54
CA ALA C 285 -24.95 16.99 -19.73
C ALA C 285 -26.22 16.25 -20.17
N GLU C 286 -26.44 16.14 -21.48
CA GLU C 286 -27.60 15.40 -21.95
C GLU C 286 -27.43 13.91 -21.72
N ALA C 287 -26.22 13.39 -21.94
CA ALA C 287 -25.99 11.96 -21.76
C ALA C 287 -26.24 11.51 -20.33
N HIS C 288 -26.07 12.41 -19.36
CA HIS C 288 -26.34 12.11 -17.95
C HIS C 288 -27.69 12.64 -17.50
N SER C 289 -28.49 13.18 -18.43
CA SER C 289 -29.83 13.66 -18.12
C SER C 289 -29.79 14.73 -17.03
N LEU C 290 -28.85 15.65 -17.14
CA LEU C 290 -28.80 16.86 -16.35
C LEU C 290 -28.83 18.05 -17.28
N ALA C 291 -29.62 19.06 -16.94
CA ALA C 291 -29.81 20.18 -17.85
C ALA C 291 -28.98 21.38 -17.40
N PRO C 292 -28.34 22.08 -18.33
CA PRO C 292 -27.59 23.29 -17.95
C PRO C 292 -28.48 24.28 -17.24
N LEU C 293 -27.94 24.89 -16.17
CA LEU C 293 -28.60 26.04 -15.57
C LEU C 293 -28.24 27.32 -16.33
N ALA C 294 -27.00 27.38 -16.82
CA ALA C 294 -26.50 28.54 -17.55
C ALA C 294 -25.22 28.11 -18.26
N TYR C 295 -24.69 29.01 -19.08
CA TYR C 295 -23.46 28.77 -19.81
C TYR C 295 -22.45 29.87 -19.51
N LEU C 296 -21.25 29.48 -19.11
CA LEU C 296 -20.13 30.40 -18.99
C LEU C 296 -19.60 30.69 -20.39
N VAL C 297 -19.64 31.96 -20.79
CA VAL C 297 -19.34 32.35 -22.16
C VAL C 297 -17.98 33.03 -22.28
N ASP C 298 -17.67 33.96 -21.37
CA ASP C 298 -16.40 34.66 -21.43
C ASP C 298 -16.04 35.21 -20.06
N ALA C 299 -14.78 35.62 -19.95
CA ALA C 299 -14.23 36.16 -18.71
C ALA C 299 -13.05 37.06 -19.06
N GLU C 300 -12.61 37.82 -18.05
CA GLU C 300 -11.46 38.69 -18.18
C GLU C 300 -10.81 38.84 -16.82
N THR C 301 -9.48 38.96 -16.82
CA THR C 301 -8.70 39.10 -15.60
C THR C 301 -7.81 40.32 -15.72
N ALA C 302 -7.65 41.06 -14.61
CA ALA C 302 -6.95 42.32 -14.67
C ALA C 302 -6.19 42.57 -13.37
N ALA C 303 -5.05 43.25 -13.50
CA ALA C 303 -4.25 43.67 -12.36
C ALA C 303 -4.24 45.20 -12.28
N VAL C 304 -3.75 45.70 -11.15
CA VAL C 304 -3.59 47.14 -10.94
C VAL C 304 -2.22 47.40 -10.31
N ASP C 305 -1.82 48.66 -10.35
CA ASP C 305 -0.52 49.10 -9.83
C ASP C 305 -0.75 49.72 -8.47
N TYR C 306 -0.80 48.87 -7.44
CA TYR C 306 -1.18 49.31 -6.10
C TYR C 306 0.00 49.61 -5.20
N VAL C 307 1.16 48.97 -5.40
CA VAL C 307 2.33 49.33 -4.61
C VAL C 307 2.76 50.76 -4.91
N ASN C 308 2.50 51.24 -6.13
CA ASN C 308 2.84 52.60 -6.49
C ASN C 308 1.82 53.62 -5.98
N GLY C 309 0.63 53.17 -5.59
CA GLY C 309 -0.41 54.05 -5.10
C GLY C 309 -1.31 54.63 -6.15
N ASN C 310 -1.09 54.33 -7.43
CA ASN C 310 -1.91 54.93 -8.48
C ASN C 310 -3.33 54.40 -8.45
N ASP C 311 -3.50 53.10 -8.20
CA ASP C 311 -4.79 52.45 -8.27
C ASP C 311 -5.15 51.85 -6.91
N GLY C 312 -6.45 51.76 -6.65
CA GLY C 312 -6.90 51.13 -5.42
C GLY C 312 -6.57 49.64 -5.42
N LEU C 313 -6.24 49.13 -4.24
CA LEU C 313 -5.83 47.73 -4.11
C LEU C 313 -6.88 46.80 -4.71
N LEU C 314 -8.13 46.94 -4.29
CA LEU C 314 -9.20 46.05 -4.72
C LEU C 314 -10.03 46.66 -5.84
N MET C 315 -9.41 47.48 -6.68
CA MET C 315 -10.08 48.23 -7.74
C MET C 315 -9.79 47.65 -9.12
N ALA C 316 -9.26 46.43 -9.19
CA ALA C 316 -8.87 45.84 -10.46
C ALA C 316 -10.08 45.50 -11.34
N PRO C 317 -11.13 44.90 -10.79
CA PRO C 317 -12.30 44.61 -11.64
C PRO C 317 -12.82 45.80 -12.42
N THR C 318 -12.57 47.02 -11.94
CA THR C 318 -13.01 48.20 -12.69
C THR C 318 -12.34 48.25 -14.06
N TYR C 319 -11.15 47.68 -14.18
CA TYR C 319 -10.49 47.56 -15.48
C TYR C 319 -10.89 46.30 -16.22
N ALA C 320 -11.23 45.23 -15.50
CA ALA C 320 -11.53 43.96 -16.15
C ALA C 320 -12.90 44.00 -16.83
N VAL C 321 -13.93 44.43 -16.09
CA VAL C 321 -15.30 44.40 -16.60
C VAL C 321 -15.41 45.16 -17.93
N PRO C 322 -14.85 46.36 -18.08
CA PRO C 322 -15.12 47.12 -19.32
C PRO C 322 -14.61 46.44 -20.59
N ARG C 323 -13.39 45.90 -20.58
CA ARG C 323 -12.93 45.22 -21.79
C ARG C 323 -13.63 43.87 -21.97
N LEU C 324 -14.13 43.26 -20.89
CA LEU C 324 -14.97 42.08 -21.02
C LEU C 324 -16.24 42.42 -21.80
N LEU C 325 -16.98 43.42 -21.32
CA LEU C 325 -18.21 43.82 -22.02
C LEU C 325 -17.91 44.21 -23.46
N ALA C 326 -16.80 44.90 -23.70
CA ALA C 326 -16.47 45.30 -25.06
C ALA C 326 -16.22 44.08 -25.95
N ARG C 327 -15.49 43.09 -25.44
CA ARG C 327 -15.16 41.93 -26.27
C ARG C 327 -16.41 41.19 -26.72
N ASN C 328 -17.47 41.19 -25.90
CA ASN C 328 -18.73 40.56 -26.25
C ASN C 328 -19.79 41.58 -26.65
N GLY C 329 -19.37 42.81 -26.94
CA GLY C 329 -20.28 43.83 -27.45
C GLY C 329 -21.50 44.08 -26.58
N LEU C 330 -21.29 44.21 -25.28
CA LEU C 330 -22.36 44.46 -24.33
C LEU C 330 -22.11 45.75 -23.56
N SER C 331 -23.19 46.37 -23.12
CA SER C 331 -23.11 47.50 -22.22
C SER C 331 -23.13 47.01 -20.77
N LEU C 332 -22.88 47.93 -19.84
CA LEU C 332 -22.91 47.57 -18.43
C LEU C 332 -24.32 47.29 -17.93
N GLN C 333 -25.35 47.64 -18.71
CA GLN C 333 -26.73 47.48 -18.28
C GLN C 333 -27.45 46.35 -19.00
N ASP C 334 -26.78 45.63 -19.90
CA ASP C 334 -27.38 44.50 -20.60
C ASP C 334 -27.22 43.22 -19.79
N PHE C 335 -27.69 43.25 -18.55
CA PHE C 335 -27.53 42.13 -17.65
C PHE C 335 -28.74 41.98 -16.76
N ASP C 336 -29.04 40.73 -16.43
CA ASP C 336 -30.12 40.42 -15.51
C ASP C 336 -29.64 40.32 -14.07
N PHE C 337 -28.39 39.89 -13.86
CA PHE C 337 -27.91 39.72 -12.49
C PHE C 337 -26.47 40.21 -12.36
N TYR C 338 -26.24 41.14 -11.44
CA TYR C 338 -24.90 41.58 -11.09
C TYR C 338 -24.52 40.95 -9.75
N GLU C 339 -23.57 40.02 -9.76
CA GLU C 339 -23.05 39.45 -8.52
C GLU C 339 -21.63 40.01 -8.35
N ILE C 340 -21.54 40.99 -7.45
CA ILE C 340 -20.28 41.64 -7.12
C ILE C 340 -19.88 41.18 -5.74
N HIS C 341 -18.75 40.50 -5.68
CA HIS C 341 -18.16 40.11 -4.41
C HIS C 341 -18.00 41.31 -3.49
N GLU C 342 -18.47 41.17 -2.25
CA GLU C 342 -18.45 42.25 -1.27
C GLU C 342 -17.37 41.97 -0.21
N ALA C 343 -16.11 42.12 -0.62
CA ALA C 343 -15.02 42.06 0.36
C ALA C 343 -15.09 43.22 1.34
N PHE C 344 -15.61 44.35 0.89
CA PHE C 344 -15.99 45.46 1.75
C PHE C 344 -17.16 46.12 1.05
N ALA C 345 -18.21 46.46 1.81
CA ALA C 345 -19.31 47.20 1.21
C ALA C 345 -18.79 48.36 0.36
N SER C 346 -17.86 49.13 0.95
CA SER C 346 -17.32 50.30 0.28
C SER C 346 -16.68 49.93 -1.05
N VAL C 347 -16.06 48.76 -1.16
CA VAL C 347 -15.40 48.41 -2.42
C VAL C 347 -16.44 48.20 -3.52
N VAL C 348 -17.55 47.54 -3.20
CA VAL C 348 -18.63 47.38 -4.18
C VAL C 348 -19.12 48.75 -4.64
N LEU C 349 -19.50 49.60 -3.68
CA LEU C 349 -20.02 50.91 -4.06
C LEU C 349 -18.96 51.73 -4.79
N ALA C 350 -17.69 51.50 -4.50
CA ALA C 350 -16.62 52.23 -5.16
C ALA C 350 -16.46 51.77 -6.61
N HIS C 351 -16.56 50.47 -6.85
CA HIS C 351 -16.62 49.98 -8.22
C HIS C 351 -17.72 50.71 -8.99
N LEU C 352 -18.91 50.79 -8.37
CA LEU C 352 -20.04 51.40 -9.07
C LEU C 352 -19.84 52.89 -9.30
N ALA C 353 -19.35 53.61 -8.29
CA ALA C 353 -19.11 55.05 -8.45
C ALA C 353 -18.03 55.31 -9.49
N ALA C 354 -16.96 54.50 -9.47
CA ALA C 354 -15.96 54.57 -10.52
C ALA C 354 -16.60 54.44 -11.89
N TRP C 355 -17.49 53.46 -12.05
CA TRP C 355 -18.15 53.24 -13.32
C TRP C 355 -19.20 54.30 -13.64
N GLU C 356 -19.56 55.12 -12.66
CA GLU C 356 -20.49 56.22 -12.89
C GLU C 356 -19.80 57.55 -13.12
N SER C 357 -18.50 57.66 -12.81
CA SER C 357 -17.79 58.93 -12.86
C SER C 357 -17.09 59.07 -14.20
N GLU C 358 -17.57 60.01 -15.02
CA GLU C 358 -16.91 60.39 -16.26
C GLU C 358 -15.39 60.43 -16.14
N GLU C 359 -14.87 61.09 -15.10
CA GLU C 359 -13.44 61.30 -14.98
C GLU C 359 -12.69 59.99 -14.84
N TYR C 360 -13.14 59.12 -13.94
CA TYR C 360 -12.48 57.85 -13.72
C TYR C 360 -12.38 57.05 -15.02
N CYS C 361 -13.50 56.86 -15.70
CA CYS C 361 -13.51 56.10 -16.94
C CYS C 361 -12.73 56.81 -18.05
N LYS C 362 -12.52 58.12 -17.95
CA LYS C 362 -11.71 58.81 -18.94
C LYS C 362 -10.23 58.60 -18.69
N ARG C 363 -9.77 58.89 -17.48
CA ARG C 363 -8.34 58.86 -17.17
C ARG C 363 -7.87 57.43 -16.90
N ARG C 364 -8.49 56.75 -15.93
CA ARG C 364 -7.97 55.47 -15.49
C ARG C 364 -8.22 54.37 -16.51
N LEU C 365 -9.28 54.49 -17.32
CA LEU C 365 -9.65 53.43 -18.24
C LEU C 365 -9.51 53.81 -19.72
N GLY C 366 -9.44 55.10 -20.03
CA GLY C 366 -9.35 55.51 -21.42
C GLY C 366 -10.55 55.03 -22.22
N LEU C 367 -11.75 55.40 -21.76
CA LEU C 367 -12.98 54.91 -22.37
C LEU C 367 -13.72 55.93 -23.20
N ASP C 368 -13.43 57.24 -23.02
CA ASP C 368 -14.14 58.31 -23.73
C ASP C 368 -15.60 58.38 -23.30
N ALA C 369 -15.96 57.67 -22.24
CA ALA C 369 -17.35 57.65 -21.80
C ALA C 369 -17.43 56.90 -20.47
N ALA C 370 -18.46 57.22 -19.69
CA ALA C 370 -18.75 56.51 -18.46
C ALA C 370 -19.65 55.33 -18.79
N LEU C 371 -19.28 54.14 -18.32
CA LEU C 371 -20.08 52.96 -18.60
C LEU C 371 -21.48 53.09 -18.02
N GLY C 372 -21.69 53.99 -17.07
CA GLY C 372 -23.01 54.26 -16.52
C GLY C 372 -23.25 53.52 -15.23
N SER C 373 -24.50 53.62 -14.78
CA SER C 373 -24.93 52.99 -13.54
C SER C 373 -25.72 51.71 -13.85
N ILE C 374 -25.92 50.92 -12.80
CA ILE C 374 -26.67 49.67 -12.92
C ILE C 374 -27.91 49.78 -12.06
N ASP C 375 -28.93 49.00 -12.41
CA ASP C 375 -30.12 48.83 -11.58
C ASP C 375 -29.71 48.07 -10.32
N ARG C 376 -29.60 48.78 -9.19
CA ARG C 376 -29.15 48.16 -7.95
C ARG C 376 -30.06 47.01 -7.53
N SER C 377 -31.29 46.96 -8.03
CA SER C 377 -32.20 45.87 -7.68
C SER C 377 -31.72 44.53 -8.21
N LYS C 378 -30.89 44.51 -9.25
CA LYS C 378 -30.33 43.29 -9.79
C LYS C 378 -28.91 43.01 -9.29
N LEU C 379 -28.57 43.53 -8.11
CA LEU C 379 -27.21 43.45 -7.56
C LEU C 379 -27.22 42.57 -6.33
N ASN C 380 -26.53 41.43 -6.41
CA ASN C 380 -26.40 40.51 -5.28
C ASN C 380 -27.77 40.19 -4.67
N VAL C 381 -28.69 39.76 -5.54
CA VAL C 381 -30.11 39.72 -5.18
C VAL C 381 -30.37 38.81 -3.99
N ASN C 382 -29.56 37.76 -3.81
CA ASN C 382 -29.83 36.76 -2.78
C ASN C 382 -28.81 36.80 -1.64
N GLY C 383 -28.06 37.89 -1.53
CA GLY C 383 -27.10 38.04 -0.46
C GLY C 383 -25.71 37.56 -0.85
N SER C 384 -24.72 37.89 -0.04
CA SER C 384 -23.35 37.58 -0.42
C SER C 384 -22.37 37.73 0.73
N SER C 385 -21.14 38.13 0.43
CA SER C 385 -20.01 37.97 1.35
C SER C 385 -20.24 38.59 2.72
N LEU C 386 -20.89 39.75 2.78
CA LEU C 386 -21.13 40.36 4.09
C LEU C 386 -22.05 39.48 4.93
N ALA C 387 -22.93 38.74 4.27
CA ALA C 387 -23.82 37.79 4.94
C ALA C 387 -23.14 36.43 5.11
N ALA C 388 -22.67 35.85 4.02
CA ALA C 388 -22.12 34.50 4.07
C ALA C 388 -20.75 34.48 4.73
N GLY C 389 -19.83 35.32 4.24
CA GLY C 389 -18.45 35.33 4.67
C GLY C 389 -17.51 35.20 3.50
N HIS C 390 -16.22 35.23 3.82
CA HIS C 390 -15.16 35.26 2.81
C HIS C 390 -14.07 34.24 3.11
N PRO C 391 -14.33 32.96 2.87
CA PRO C 391 -13.22 32.00 2.78
C PRO C 391 -12.58 32.09 1.40
N PHE C 392 -11.43 32.76 1.32
CA PHE C 392 -10.93 33.31 0.07
C PHE C 392 -11.16 32.39 -1.13
N ALA C 393 -10.62 31.18 -1.08
CA ALA C 393 -10.62 30.33 -2.27
C ALA C 393 -12.00 29.76 -2.60
N ALA C 394 -12.92 29.74 -1.63
CA ALA C 394 -14.23 29.15 -1.87
C ALA C 394 -15.20 30.12 -2.52
N THR C 395 -15.11 31.41 -2.18
CA THR C 395 -16.14 32.36 -2.56
C THR C 395 -16.45 32.30 -4.05
N GLY C 396 -15.42 32.21 -4.88
CA GLY C 396 -15.61 32.12 -6.31
C GLY C 396 -16.62 31.04 -6.65
N GLY C 397 -16.30 29.79 -6.29
CA GLY C 397 -17.24 28.71 -6.54
C GLY C 397 -18.64 29.08 -6.11
N ARG C 398 -18.79 29.54 -4.86
CA ARG C 398 -20.10 29.93 -4.38
C ARG C 398 -20.80 30.80 -5.42
N ILE C 399 -20.20 31.96 -5.72
CA ILE C 399 -20.86 32.93 -6.59
C ILE C 399 -21.29 32.24 -7.87
N LEU C 400 -20.38 31.47 -8.48
CA LEU C 400 -20.70 30.89 -9.79
C LEU C 400 -22.00 30.09 -9.68
N ALA C 401 -22.03 29.11 -8.77
CA ALA C 401 -23.24 28.30 -8.64
C ALA C 401 -24.45 29.22 -8.52
N GLN C 402 -24.41 30.13 -7.54
CA GLN C 402 -25.56 30.99 -7.31
C GLN C 402 -25.96 31.67 -8.60
N THR C 403 -25.02 32.38 -9.23
CA THR C 403 -25.37 33.16 -10.42
C THR C 403 -26.10 32.27 -11.41
N ALA C 404 -25.54 31.09 -11.69
CA ALA C 404 -26.15 30.20 -12.67
C ALA C 404 -27.59 29.91 -12.27
N LYS C 405 -27.78 29.40 -11.04
CA LYS C 405 -29.13 29.04 -10.63
C LYS C 405 -30.07 30.21 -10.84
N GLN C 406 -29.67 31.40 -10.40
CA GLN C 406 -30.57 32.55 -10.49
C GLN C 406 -30.98 32.77 -11.93
N LEU C 407 -30.00 32.79 -12.84
CA LEU C 407 -30.32 32.98 -14.25
C LEU C 407 -31.36 31.96 -14.69
N ALA C 408 -31.11 30.68 -14.40
CA ALA C 408 -32.04 29.64 -14.82
C ALA C 408 -33.41 29.87 -14.20
N GLU C 409 -33.43 30.17 -12.89
CA GLU C 409 -34.70 30.39 -12.21
C GLU C 409 -35.53 31.44 -12.93
N LYS C 410 -34.87 32.42 -13.56
CA LYS C 410 -35.63 33.47 -14.24
C LYS C 410 -36.07 33.02 -15.62
N LYS C 411 -35.22 32.26 -16.32
CA LYS C 411 -35.58 31.85 -17.68
C LYS C 411 -36.66 30.78 -17.67
N ALA C 412 -36.82 30.05 -16.57
CA ALA C 412 -37.78 28.96 -16.47
C ALA C 412 -39.06 29.37 -15.76
N ALA C 413 -38.95 29.92 -14.55
CA ALA C 413 -40.15 30.30 -13.80
C ALA C 413 -41.02 31.24 -14.62
N LYS C 414 -40.42 32.29 -15.17
CA LYS C 414 -41.06 33.15 -16.17
C LYS C 414 -40.38 32.90 -17.51
N LYS C 415 -41.04 33.33 -18.59
CA LYS C 415 -40.54 33.02 -19.92
C LYS C 415 -40.95 34.11 -20.91
N GLY C 416 -40.29 34.11 -22.05
CA GLY C 416 -40.53 35.05 -23.10
C GLY C 416 -39.48 34.97 -24.18
N GLY C 417 -39.11 36.11 -24.75
CA GLY C 417 -38.06 36.21 -25.74
C GLY C 417 -36.87 36.97 -25.19
N GLY C 418 -35.67 36.53 -25.56
CA GLY C 418 -34.45 37.21 -25.19
C GLY C 418 -33.48 36.31 -24.43
N PRO C 419 -32.18 36.56 -24.61
CA PRO C 419 -31.18 35.85 -23.80
C PRO C 419 -30.95 36.55 -22.47
N LEU C 420 -30.70 35.75 -21.44
CA LEU C 420 -30.55 36.24 -20.07
C LEU C 420 -29.10 36.18 -19.66
N ARG C 421 -28.63 37.23 -18.95
CA ARG C 421 -27.22 37.36 -18.63
C ARG C 421 -26.95 37.75 -17.19
N GLY C 422 -25.85 37.19 -16.68
CA GLY C 422 -25.32 37.60 -15.40
C GLY C 422 -23.85 37.95 -15.52
N LEU C 423 -23.43 38.89 -14.68
CA LEU C 423 -22.05 39.36 -14.64
C LEU C 423 -21.53 39.20 -13.22
N ILE C 424 -20.44 38.47 -13.07
CA ILE C 424 -19.74 38.33 -11.80
C ILE C 424 -18.46 39.14 -11.88
N SER C 425 -18.13 39.81 -10.77
CA SER C 425 -16.78 40.38 -10.67
C SER C 425 -16.30 40.30 -9.23
N ILE C 426 -15.06 39.86 -9.06
CA ILE C 426 -14.49 39.57 -7.75
C ILE C 426 -13.17 40.33 -7.63
N CYS C 427 -13.09 41.18 -6.60
CA CYS C 427 -11.86 41.86 -6.24
C CYS C 427 -10.97 40.92 -5.43
N ALA C 428 -9.65 41.03 -5.63
CA ALA C 428 -8.73 40.05 -5.07
C ALA C 428 -7.43 40.71 -4.64
N ALA C 429 -6.91 40.22 -3.51
CA ALA C 429 -5.66 40.72 -2.96
C ALA C 429 -4.54 40.63 -3.98
N GLY C 430 -3.49 41.43 -3.73
CA GLY C 430 -2.45 41.58 -4.72
C GLY C 430 -2.86 42.42 -5.91
N GLY C 431 -3.87 43.26 -5.74
CA GLY C 431 -4.31 44.14 -6.81
C GLY C 431 -4.75 43.39 -8.04
N GLN C 432 -5.61 42.39 -7.89
CA GLN C 432 -6.10 41.62 -9.02
C GLN C 432 -7.61 41.55 -8.98
N GLY C 433 -8.20 41.14 -10.10
CA GLY C 433 -9.64 41.06 -10.20
C GLY C 433 -10.05 40.17 -11.36
N VAL C 434 -11.17 39.47 -11.17
CA VAL C 434 -11.65 38.50 -12.14
C VAL C 434 -13.12 38.75 -12.41
N ALA C 435 -13.50 38.84 -13.69
CA ALA C 435 -14.88 39.01 -14.08
C ALA C 435 -15.26 37.92 -15.07
N ALA C 436 -16.54 37.52 -15.01
CA ALA C 436 -17.08 36.53 -15.95
C ALA C 436 -18.51 36.94 -16.28
N ILE C 437 -19.00 36.47 -17.42
CA ILE C 437 -20.40 36.68 -17.79
C ILE C 437 -21.00 35.36 -18.24
N LEU C 438 -22.23 35.09 -17.79
CA LEU C 438 -22.94 33.85 -18.06
C LEU C 438 -24.24 34.15 -18.81
N GLU C 439 -24.61 33.22 -19.68
CA GLU C 439 -25.81 33.33 -20.51
C GLU C 439 -26.80 32.23 -20.18
N ALA C 440 -28.04 32.44 -20.59
CA ALA C 440 -29.11 31.46 -20.43
C ALA C 440 -30.19 31.69 -21.48
N ARG D 12 16.66 -39.75 -0.47
CA ARG D 12 16.75 -38.99 0.78
C ARG D 12 18.12 -38.35 0.92
N ARG D 13 18.14 -37.01 0.98
CA ARG D 13 19.38 -36.26 1.06
C ARG D 13 19.85 -36.15 2.50
N ARG D 14 20.95 -35.42 2.70
CA ARG D 14 21.50 -35.14 4.02
C ARG D 14 21.02 -33.77 4.49
N VAL D 15 20.87 -33.65 5.81
CA VAL D 15 20.35 -32.45 6.45
C VAL D 15 21.49 -31.80 7.23
N ALA D 16 21.98 -30.66 6.75
CA ALA D 16 23.14 -30.01 7.33
C ALA D 16 22.71 -28.81 8.16
N VAL D 17 23.22 -28.74 9.40
CA VAL D 17 22.99 -27.61 10.28
C VAL D 17 24.14 -26.63 10.12
N LEU D 18 23.82 -25.40 9.73
CA LEU D 18 24.82 -24.38 9.46
C LEU D 18 25.02 -23.42 10.63
N GLY D 19 24.46 -23.74 11.80
CA GLY D 19 24.51 -22.85 12.94
C GLY D 19 23.22 -22.07 13.09
N GLY D 20 23.21 -21.20 14.10
CA GLY D 20 22.05 -20.38 14.32
C GLY D 20 22.41 -19.13 15.08
N ASN D 21 21.42 -18.25 15.22
CA ASN D 21 21.55 -17.06 16.04
C ASN D 21 20.38 -16.99 17.00
N ARG D 22 20.64 -16.42 18.18
CA ARG D 22 19.59 -16.30 19.18
C ARG D 22 19.77 -15.00 19.96
N ILE D 23 18.73 -14.68 20.71
CA ILE D 23 18.68 -13.56 21.65
C ILE D 23 19.31 -14.00 22.96
N PRO D 24 19.90 -13.10 23.74
CA PRO D 24 20.19 -13.44 25.14
C PRO D 24 18.91 -13.48 25.96
N PHE D 25 18.68 -14.60 26.64
CA PHE D 25 17.42 -14.84 27.32
C PHE D 25 17.33 -13.99 28.58
N ALA D 26 16.44 -12.99 28.56
CA ALA D 26 16.19 -12.19 29.76
C ALA D 26 15.25 -12.94 30.70
N ARG D 27 15.46 -12.71 32.00
CA ARG D 27 14.45 -13.11 32.98
C ARG D 27 13.18 -12.31 32.74
N SER D 28 12.04 -12.95 33.01
CA SER D 28 10.76 -12.35 32.64
C SER D 28 10.41 -11.18 33.55
N ASP D 29 9.52 -10.33 33.05
CA ASP D 29 9.15 -9.09 33.74
C ASP D 29 10.40 -8.28 34.11
N GLY D 30 11.39 -8.31 33.22
CA GLY D 30 12.62 -7.59 33.43
C GLY D 30 13.06 -6.81 32.20
N ALA D 31 14.20 -7.20 31.62
CA ALA D 31 14.72 -6.48 30.46
C ALA D 31 13.72 -6.50 29.30
N TYR D 32 13.29 -7.70 28.90
CA TYR D 32 12.35 -7.84 27.79
C TYR D 32 10.91 -7.81 28.31
N ALA D 33 10.55 -6.69 28.93
CA ALA D 33 9.20 -6.50 29.45
C ALA D 33 8.31 -5.71 28.50
N ASP D 34 8.90 -5.01 27.52
CA ASP D 34 8.16 -4.37 26.45
C ASP D 34 8.46 -4.99 25.09
N ALA D 35 8.98 -6.21 25.09
CA ALA D 35 9.42 -6.88 23.88
C ALA D 35 8.32 -7.81 23.38
N SER D 36 7.73 -7.46 22.25
CA SER D 36 6.77 -8.33 21.60
C SER D 36 7.43 -9.62 21.14
N ASN D 37 6.63 -10.68 21.02
CA ASN D 37 7.12 -11.92 20.43
C ASN D 37 7.78 -11.63 19.07
N GLN D 38 7.07 -10.85 18.24
CA GLN D 38 7.60 -10.49 16.93
C GLN D 38 8.87 -9.66 17.06
N ASP D 39 8.90 -8.72 17.99
CA ASP D 39 10.11 -7.93 18.21
C ASP D 39 11.33 -8.83 18.37
N MET D 40 11.27 -9.74 19.35
CA MET D 40 12.43 -10.56 19.69
C MET D 40 12.77 -11.52 18.56
N PHE D 41 11.76 -12.16 17.95
CA PHE D 41 12.11 -13.11 16.91
C PHE D 41 12.65 -12.42 15.67
N THR D 42 12.16 -11.22 15.34
CA THR D 42 12.74 -10.48 14.23
C THR D 42 14.18 -10.08 14.54
N ALA D 43 14.46 -9.73 15.80
CA ALA D 43 15.84 -9.50 16.19
C ALA D 43 16.70 -10.73 15.92
N ALA D 44 16.24 -11.90 16.37
CA ALA D 44 17.02 -13.12 16.20
C ALA D 44 17.21 -13.45 14.72
N LEU D 45 16.16 -13.29 13.91
CA LEU D 45 16.26 -13.65 12.51
C LEU D 45 17.19 -12.68 11.76
N SER D 46 17.11 -11.39 12.07
CA SER D 46 18.03 -10.44 11.47
C SER D 46 19.46 -10.74 11.88
N GLY D 47 19.67 -11.13 13.14
CA GLY D 47 20.98 -11.58 13.55
C GLY D 47 21.47 -12.75 12.72
N LEU D 48 20.61 -13.73 12.47
CA LEU D 48 21.02 -14.89 11.68
C LEU D 48 21.42 -14.47 10.27
N VAL D 49 20.54 -13.74 9.57
CA VAL D 49 20.87 -13.33 8.21
C VAL D 49 22.17 -12.54 8.21
N ASP D 50 22.31 -11.58 9.14
CA ASP D 50 23.56 -10.84 9.27
C ASP D 50 24.74 -11.78 9.34
N ARG D 51 24.63 -12.81 10.18
CA ARG D 51 25.75 -13.72 10.37
C ARG D 51 26.09 -14.48 9.09
N PHE D 52 25.08 -14.86 8.30
CA PHE D 52 25.31 -15.68 7.12
C PHE D 52 25.02 -14.96 5.81
N GLY D 53 24.90 -13.63 5.83
CA GLY D 53 24.81 -12.88 4.60
C GLY D 53 23.63 -13.25 3.72
N LEU D 54 22.55 -13.72 4.32
CA LEU D 54 21.36 -14.12 3.58
C LEU D 54 20.50 -12.93 3.15
N ALA D 55 20.98 -11.71 3.37
CA ALA D 55 20.25 -10.52 2.99
C ALA D 55 19.80 -10.61 1.53
N GLY D 56 18.50 -10.56 1.32
CA GLY D 56 17.94 -10.58 -0.02
C GLY D 56 17.85 -11.95 -0.65
N GLU D 57 18.36 -12.99 0.00
CA GLU D 57 18.15 -14.35 -0.48
C GLU D 57 16.73 -14.80 -0.15
N ARG D 58 16.25 -15.78 -0.91
CA ARG D 58 14.96 -16.42 -0.64
C ARG D 58 15.25 -17.77 0.00
N LEU D 59 15.07 -17.85 1.32
CA LEU D 59 14.94 -19.16 1.93
C LEU D 59 13.66 -19.83 1.44
N ASP D 60 13.62 -21.14 1.59
CA ASP D 60 12.44 -21.89 1.18
C ASP D 60 11.42 -22.06 2.29
N MET D 61 11.82 -21.92 3.55
CA MET D 61 10.87 -21.99 4.64
C MET D 61 11.47 -21.42 5.91
N VAL D 62 10.63 -20.71 6.67
CA VAL D 62 10.93 -20.29 8.04
C VAL D 62 9.80 -20.83 8.91
N VAL D 63 10.12 -21.72 9.84
CA VAL D 63 9.11 -22.40 10.65
C VAL D 63 9.42 -22.20 12.12
N GLY D 64 8.38 -21.86 12.89
CA GLY D 64 8.52 -21.67 14.32
C GLY D 64 7.29 -20.96 14.85
N GLY D 65 7.23 -20.83 16.16
CA GLY D 65 6.09 -20.14 16.75
C GLY D 65 6.30 -19.83 18.22
N ALA D 66 5.36 -19.06 18.76
CA ALA D 66 5.31 -18.76 20.18
C ALA D 66 4.27 -19.65 20.85
N VAL D 67 4.60 -20.13 22.05
CA VAL D 67 3.74 -21.10 22.73
C VAL D 67 2.61 -20.40 23.46
N LEU D 68 2.87 -19.25 24.05
CA LEU D 68 1.84 -18.43 24.68
C LEU D 68 1.36 -17.35 23.72
N LYS D 69 0.96 -17.80 22.53
CA LYS D 69 0.62 -16.91 21.43
C LYS D 69 -0.31 -15.80 21.89
N HIS D 70 0.12 -14.56 21.67
CA HIS D 70 -0.68 -13.40 22.03
C HIS D 70 -1.74 -13.14 20.96
N SER D 71 -2.64 -12.22 21.26
CA SER D 71 -3.71 -11.87 20.33
C SER D 71 -3.12 -11.38 19.02
N ARG D 72 -3.81 -11.71 17.93
CA ARG D 72 -3.44 -11.24 16.59
C ARG D 72 -1.99 -11.57 16.27
N ASP D 73 -1.54 -12.75 16.69
CA ASP D 73 -0.23 -13.29 16.32
C ASP D 73 -0.37 -14.29 15.17
N PHE D 74 -1.23 -13.98 14.21
CA PHE D 74 -1.43 -14.85 13.05
C PHE D 74 -0.24 -14.72 12.11
N ASN D 75 0.25 -15.84 11.62
CA ASN D 75 1.41 -15.88 10.73
C ASN D 75 2.58 -15.11 11.35
N LEU D 76 3.05 -15.60 12.50
CA LEU D 76 4.16 -14.91 13.17
C LEU D 76 5.42 -14.98 12.31
N MET D 77 5.85 -16.19 11.96
CA MET D 77 7.08 -16.35 11.18
C MET D 77 6.99 -15.59 9.86
N ARG D 78 5.87 -15.70 9.16
CA ARG D 78 5.70 -15.00 7.89
C ARG D 78 5.77 -13.49 8.10
N GLU D 79 5.01 -12.98 9.06
CA GLU D 79 5.07 -11.55 9.35
C GLU D 79 6.49 -11.11 9.66
N CYS D 80 7.28 -11.97 10.30
CA CYS D 80 8.65 -11.63 10.61
C CYS D 80 9.50 -11.54 9.34
N VAL D 81 9.49 -12.60 8.52
CA VAL D 81 10.30 -12.53 7.31
C VAL D 81 9.91 -11.32 6.48
N LEU D 82 8.62 -10.95 6.51
CA LEU D 82 8.21 -9.73 5.81
C LEU D 82 8.86 -8.49 6.42
N GLY D 83 8.98 -8.47 7.75
CA GLY D 83 9.65 -7.38 8.42
C GLY D 83 11.14 -7.61 8.58
N SER D 84 11.68 -8.46 7.72
CA SER D 84 13.09 -8.81 7.72
C SER D 84 13.77 -8.28 6.45
N GLU D 85 15.00 -8.71 6.21
CA GLU D 85 15.75 -8.34 5.03
C GLU D 85 15.93 -9.51 4.06
N LEU D 86 15.21 -10.61 4.26
CA LEU D 86 15.23 -11.69 3.29
C LEU D 86 14.28 -11.36 2.13
N SER D 87 14.37 -12.16 1.08
CA SER D 87 13.43 -12.03 -0.02
C SER D 87 12.01 -12.22 0.50
N PRO D 88 11.06 -11.39 0.10
CA PRO D 88 9.67 -11.59 0.56
C PRO D 88 9.09 -12.90 0.06
N TYR D 89 9.77 -13.55 -0.88
CA TYR D 89 9.32 -14.82 -1.43
C TYR D 89 9.61 -16.01 -0.53
N THR D 90 10.36 -15.83 0.56
CA THR D 90 10.51 -16.92 1.52
C THR D 90 9.15 -17.15 2.18
N PRO D 91 8.56 -18.33 2.05
CA PRO D 91 7.32 -18.62 2.78
C PRO D 91 7.64 -18.99 4.22
N ALA D 92 6.58 -19.16 5.01
CA ALA D 92 6.74 -19.48 6.42
C ALA D 92 5.41 -19.93 6.98
N PHE D 93 5.47 -20.79 8.00
CA PHE D 93 4.27 -21.25 8.69
C PHE D 93 4.63 -21.50 10.15
N ASP D 94 3.66 -21.26 11.03
CA ASP D 94 3.91 -21.37 12.46
C ASP D 94 3.78 -22.81 12.92
N LEU D 95 4.25 -23.06 14.15
CA LEU D 95 4.31 -24.41 14.69
C LEU D 95 4.47 -24.31 16.20
N GLN D 96 3.75 -25.17 16.93
CA GLN D 96 3.77 -25.15 18.39
C GLN D 96 3.72 -26.57 18.93
N GLN D 97 4.58 -26.85 19.91
CA GLN D 97 4.52 -28.10 20.66
C GLN D 97 5.02 -27.85 22.09
N ALA D 98 4.65 -26.72 22.66
CA ALA D 98 5.13 -26.33 23.99
C ALA D 98 6.67 -26.29 23.96
N GLY D 100 8.86 -28.38 23.16
CA GLY D 100 9.50 -29.08 22.06
C GLY D 100 9.52 -28.27 20.78
N THR D 101 8.80 -27.14 20.79
CA THR D 101 8.57 -26.36 19.58
C THR D 101 9.83 -26.17 18.74
N GLY D 102 10.90 -25.66 19.33
CA GLY D 102 12.11 -25.34 18.59
C GLY D 102 12.62 -26.51 17.77
N LEU D 103 12.94 -27.61 18.47
CA LEU D 103 13.35 -28.82 17.75
C LEU D 103 12.32 -29.15 16.66
N GLN D 104 11.07 -29.41 17.04
CA GLN D 104 10.05 -29.80 16.08
C GLN D 104 10.10 -28.94 14.81
N ALA D 105 10.25 -27.64 14.97
CA ALA D 105 10.47 -26.77 13.82
C ALA D 105 11.72 -27.19 13.04
N ALA D 106 12.79 -27.53 13.77
CA ALA D 106 14.01 -27.97 13.10
C ALA D 106 13.77 -29.24 12.28
N ILE D 107 13.00 -30.18 12.84
CA ILE D 107 12.73 -31.41 12.09
C ILE D 107 11.80 -31.12 10.91
N ALA D 108 10.92 -30.12 11.03
CA ALA D 108 10.06 -29.77 9.91
C ALA D 108 10.89 -29.29 8.72
N ALA D 109 11.78 -28.32 8.97
CA ALA D 109 12.67 -27.86 7.91
C ALA D 109 13.55 -28.99 7.37
N ALA D 110 14.09 -29.81 8.29
CA ALA D 110 14.91 -30.95 7.90
C ALA D 110 14.13 -31.91 7.00
N ASP D 111 12.90 -32.23 7.37
CA ASP D 111 12.06 -33.06 6.53
C ASP D 111 11.88 -32.43 5.16
N GLY D 112 11.70 -31.11 5.11
CA GLY D 112 11.55 -30.43 3.86
C GLY D 112 12.72 -30.65 2.92
N ILE D 113 13.94 -30.34 3.38
CA ILE D 113 15.04 -30.46 2.42
C ILE D 113 15.39 -31.94 2.19
N ALA D 114 15.18 -32.80 3.20
CA ALA D 114 15.47 -34.21 3.03
C ALA D 114 14.62 -34.81 1.92
N ALA D 115 13.36 -34.37 1.84
CA ALA D 115 12.46 -34.75 0.75
C ALA D 115 12.68 -33.93 -0.50
N GLY D 116 13.68 -33.05 -0.52
CA GLY D 116 13.98 -32.26 -1.69
C GLY D 116 13.02 -31.13 -1.99
N ARG D 117 12.16 -30.76 -1.04
CA ARG D 117 11.21 -29.70 -1.29
C ARG D 117 11.86 -28.33 -1.17
N TYR D 118 12.68 -28.13 -0.16
CA TYR D 118 13.43 -26.91 0.01
C TYR D 118 14.88 -27.10 -0.45
N GLU D 119 15.68 -26.03 -0.25
CA GLU D 119 17.13 -26.13 -0.34
C GLU D 119 17.81 -25.61 0.92
N VAL D 120 17.16 -24.66 1.61
CA VAL D 120 17.68 -24.06 2.84
C VAL D 120 16.49 -23.58 3.64
N ALA D 121 16.62 -23.58 4.97
CA ALA D 121 15.50 -23.12 5.79
C ALA D 121 15.97 -22.81 7.20
N ALA D 122 15.29 -21.85 7.82
CA ALA D 122 15.54 -21.44 9.20
C ALA D 122 14.39 -21.91 10.08
N ALA D 123 14.73 -22.26 11.33
CA ALA D 123 13.77 -22.89 12.21
C ALA D 123 14.12 -22.56 13.65
N GLY D 124 13.17 -22.01 14.39
CA GLY D 124 13.40 -21.66 15.77
C GLY D 124 12.13 -21.44 16.57
N GLY D 125 12.17 -20.47 17.48
CA GLY D 125 10.98 -20.18 18.29
C GLY D 125 11.25 -18.97 19.19
N VAL D 126 10.14 -18.33 19.56
CA VAL D 126 10.16 -17.14 20.41
C VAL D 126 9.14 -17.30 21.51
N ASP D 127 9.43 -16.71 22.67
CA ASP D 127 8.49 -16.78 23.77
C ASP D 127 8.72 -15.63 24.74
N THR D 128 7.64 -14.94 25.08
CA THR D 128 7.61 -13.94 26.15
C THR D 128 6.63 -14.43 27.22
N THR D 129 7.10 -14.50 28.45
CA THR D 129 6.27 -14.78 29.60
C THR D 129 6.29 -13.61 30.57
N SER D 130 6.48 -12.40 30.05
CA SER D 130 6.61 -11.20 30.87
C SER D 130 5.28 -10.47 31.00
N ASP D 131 4.54 -10.32 29.92
CA ASP D 131 3.23 -9.68 29.95
C ASP D 131 2.29 -10.45 30.87
N LYS D 158 9.73 -16.33 40.25
CA LYS D 158 8.75 -16.82 39.30
C LYS D 158 9.34 -17.97 38.48
N LEU D 159 9.19 -19.19 38.98
CA LEU D 159 9.71 -20.37 38.32
C LEU D 159 8.70 -20.90 37.30
N VAL D 160 9.16 -21.84 36.45
CA VAL D 160 8.29 -22.40 35.42
C VAL D 160 7.52 -23.61 35.91
N GLY D 161 7.83 -24.11 37.12
CA GLY D 161 7.03 -25.18 37.68
C GLY D 161 5.63 -24.76 38.06
N THR D 162 5.39 -23.45 38.16
CA THR D 162 4.12 -22.92 38.64
C THR D 162 3.00 -22.97 37.61
N LEU D 163 3.29 -23.38 36.38
CA LEU D 163 2.30 -23.30 35.30
C LEU D 163 1.54 -24.61 35.16
N PRO D 164 0.39 -24.59 34.49
CA PRO D 164 -0.40 -25.81 34.35
C PRO D 164 0.29 -26.85 33.47
N ALA D 165 -0.14 -28.10 33.65
CA ALA D 165 0.52 -29.21 32.98
C ALA D 165 0.48 -29.06 31.45
N SER D 166 -0.51 -28.34 30.93
CA SER D 166 -0.62 -28.10 29.49
C SER D 166 -0.46 -26.63 29.14
N LEU D 167 0.11 -25.84 30.05
CA LEU D 167 0.30 -24.40 29.86
C LEU D 167 -1.02 -23.69 29.54
N GLY D 168 -2.15 -24.32 29.85
CA GLY D 168 -3.45 -23.74 29.59
C GLY D 168 -4.30 -23.66 30.84
N GLY D 180 -4.96 -30.79 38.08
CA GLY D 180 -4.63 -29.42 38.44
C GLY D 180 -3.21 -29.26 38.96
N LEU D 181 -2.46 -30.35 39.00
CA LEU D 181 -1.10 -30.32 39.51
C LEU D 181 -0.21 -29.46 38.62
N SER D 182 0.51 -28.53 39.23
CA SER D 182 1.43 -27.69 38.48
C SER D 182 2.58 -28.53 37.94
N MET D 183 3.27 -27.99 36.93
CA MET D 183 4.38 -28.72 36.32
C MET D 183 5.37 -29.19 37.37
N GLY D 184 5.66 -28.34 38.36
CA GLY D 184 6.62 -28.66 39.38
C GLY D 184 6.11 -29.59 40.46
N GLU D 185 4.85 -29.45 40.88
CA GLU D 185 4.27 -30.46 41.75
C GLU D 185 4.19 -31.81 41.02
N HIS D 186 3.72 -31.77 39.77
CA HIS D 186 3.70 -32.96 38.93
C HIS D 186 5.08 -33.59 38.82
N ALA D 187 6.13 -32.77 38.84
CA ALA D 187 7.48 -33.30 38.74
C ALA D 187 8.00 -33.80 40.07
N ALA D 188 7.70 -33.09 41.17
CA ALA D 188 8.09 -33.56 42.50
C ALA D 188 7.52 -34.94 42.78
N VAL D 189 6.32 -35.21 42.26
CA VAL D 189 5.79 -36.57 42.37
C VAL D 189 6.80 -37.57 41.83
N THR D 190 7.21 -37.40 40.57
CA THR D 190 8.15 -38.32 39.96
C THR D 190 9.55 -38.23 40.58
N ALA D 191 9.89 -37.09 41.18
CA ALA D 191 11.18 -36.94 41.85
C ALA D 191 11.25 -37.85 43.07
N LYS D 192 10.32 -37.68 44.00
CA LYS D 192 10.28 -38.54 45.17
C LYS D 192 10.01 -39.99 44.79
N GLN D 193 9.24 -40.22 43.72
CA GLN D 193 9.01 -41.58 43.24
C GLN D 193 10.29 -42.20 42.71
N MET D 194 11.19 -41.38 42.15
CA MET D 194 12.46 -41.85 41.62
C MET D 194 13.61 -41.67 42.60
N GLY D 195 13.36 -41.11 43.78
CA GLY D 195 14.40 -40.97 44.77
C GLY D 195 15.58 -40.21 44.23
N ILE D 196 15.31 -39.01 43.71
CA ILE D 196 16.34 -38.14 43.16
C ILE D 196 16.85 -37.27 44.31
N LYS D 197 18.14 -37.35 44.58
CA LYS D 197 18.71 -36.71 45.75
C LYS D 197 18.86 -35.21 45.52
N ARG D 198 18.90 -34.46 46.61
CA ARG D 198 18.95 -33.01 46.49
C ARG D 198 20.34 -32.52 46.09
N VAL D 199 21.38 -33.18 46.59
CA VAL D 199 22.73 -32.75 46.25
C VAL D 199 23.00 -32.97 44.77
N ASP D 200 22.50 -34.06 44.20
CA ASP D 200 22.70 -34.32 42.77
C ASP D 200 22.07 -33.21 41.92
N GLN D 201 20.83 -32.84 42.25
CA GLN D 201 20.15 -31.80 41.49
C GLN D 201 20.86 -30.45 41.63
N ASP D 202 21.13 -30.03 42.87
CA ASP D 202 21.84 -28.78 43.09
C ASP D 202 23.19 -28.79 42.38
N GLU D 203 23.87 -29.95 42.40
CA GLU D 203 25.18 -30.07 41.77
C GLU D 203 25.10 -29.85 40.28
N LEU D 204 24.18 -30.55 39.60
CA LEU D 204 24.11 -30.39 38.15
C LEU D 204 23.59 -29.02 37.75
N ALA D 205 22.73 -28.41 38.57
CA ALA D 205 22.31 -27.04 38.31
C ALA D 205 23.51 -26.10 38.32
N ALA D 206 24.30 -26.13 39.40
CA ALA D 206 25.48 -25.28 39.47
C ALA D 206 26.49 -25.64 38.39
N ALA D 207 26.59 -26.93 38.03
CA ALA D 207 27.48 -27.34 36.96
C ALA D 207 27.08 -26.68 35.64
N SER D 208 25.79 -26.67 35.34
CA SER D 208 25.32 -26.00 34.13
C SER D 208 25.67 -24.51 34.17
N HIS D 209 25.36 -23.85 35.29
CA HIS D 209 25.68 -22.43 35.42
C HIS D 209 27.17 -22.17 35.14
N ARG D 210 28.04 -22.91 35.82
CA ARG D 210 29.48 -22.66 35.70
C ARG D 210 29.99 -23.00 34.31
N ASN D 211 29.52 -24.11 33.72
CA ASN D 211 29.99 -24.49 32.40
C ASN D 211 29.53 -23.51 31.34
N MET D 212 28.35 -22.91 31.49
CA MET D 212 27.94 -21.89 30.53
C MET D 212 28.78 -20.62 30.70
N ALA D 213 29.15 -20.27 31.94
CA ALA D 213 30.09 -19.18 32.11
C ALA D 213 31.42 -19.48 31.42
N ASP D 214 31.92 -20.71 31.56
CA ASP D 214 33.19 -21.08 30.94
C ASP D 214 33.11 -21.04 29.42
N ALA D 215 31.97 -21.47 28.86
CA ALA D 215 31.77 -21.34 27.43
C ALA D 215 31.70 -19.88 27.00
N TYR D 216 31.18 -19.01 27.86
CA TYR D 216 31.12 -17.59 27.53
C TYR D 216 32.51 -16.98 27.47
N ASP D 217 33.28 -17.11 28.56
CA ASP D 217 34.64 -16.59 28.56
C ASP D 217 35.44 -17.13 27.38
N ARG D 218 35.22 -18.40 27.02
CA ARG D 218 35.92 -19.01 25.90
C ARG D 218 35.38 -18.57 24.55
N GLY D 219 34.43 -17.63 24.51
CA GLY D 219 33.93 -17.10 23.27
C GLY D 219 32.98 -17.99 22.50
N PHE D 220 32.53 -19.10 23.09
CA PHE D 220 31.66 -20.02 22.38
C PHE D 220 30.47 -19.29 21.75
N PHE D 221 29.80 -18.43 22.53
CA PHE D 221 28.51 -17.89 22.14
C PHE D 221 28.60 -16.63 21.30
N ASP D 222 29.81 -16.20 20.89
CA ASP D 222 29.91 -14.94 20.16
C ASP D 222 29.21 -15.02 18.81
N ASP D 223 29.37 -16.12 18.09
CA ASP D 223 28.66 -16.34 16.83
C ASP D 223 27.40 -17.17 17.02
N LEU D 224 26.84 -17.19 18.23
CA LEU D 224 25.55 -17.80 18.48
C LEU D 224 24.54 -16.87 19.13
N VAL D 225 24.97 -15.74 19.69
CA VAL D 225 24.10 -14.78 20.34
C VAL D 225 24.20 -13.45 19.62
N SER D 226 23.15 -12.63 19.73
CA SER D 226 23.15 -11.27 19.21
C SER D 226 22.44 -10.37 20.22
N PRO D 227 22.97 -9.18 20.49
CA PRO D 227 22.40 -8.34 21.55
C PRO D 227 20.99 -7.85 21.23
N PHE D 228 20.34 -7.33 22.27
CA PHE D 228 18.96 -6.85 22.18
C PHE D 228 18.62 -6.03 23.42
N LEU D 229 18.07 -4.83 23.22
CA LEU D 229 17.86 -3.86 24.30
C LEU D 229 19.05 -3.79 25.23
N GLY D 230 20.26 -3.80 24.67
CA GLY D 230 21.45 -3.59 25.47
C GLY D 230 21.88 -4.73 26.34
N LEU D 231 21.46 -5.95 26.03
CA LEU D 231 21.92 -7.14 26.75
C LEU D 231 22.85 -7.94 25.85
N TYR D 232 23.91 -8.48 26.44
CA TYR D 232 24.96 -9.16 25.69
C TYR D 232 25.19 -10.61 26.13
N ARG D 233 24.79 -10.98 27.35
CA ARG D 233 24.86 -12.36 27.80
C ARG D 233 23.59 -12.67 28.59
N ASP D 234 23.28 -13.96 28.68
CA ASP D 234 22.00 -14.41 29.25
C ASP D 234 21.81 -13.85 30.65
N ASP D 235 20.77 -13.03 30.81
CA ASP D 235 20.54 -12.31 32.07
C ASP D 235 20.58 -13.24 33.28
N ASN D 236 19.95 -14.40 33.17
CA ASN D 236 19.78 -15.26 34.34
C ASN D 236 21.07 -15.90 34.81
N LEU D 237 22.14 -15.86 34.01
CA LEU D 237 23.36 -16.58 34.38
C LEU D 237 24.09 -15.87 35.52
N ARG D 238 24.48 -16.66 36.52
CA ARG D 238 25.28 -16.19 37.66
C ARG D 238 26.46 -17.13 37.76
N PRO D 239 27.70 -16.67 37.52
CA PRO D 239 28.81 -17.63 37.35
C PRO D 239 29.37 -18.12 38.68
N ASN D 240 29.32 -17.31 39.73
CA ASN D 240 29.72 -17.79 41.06
C ASN D 240 28.60 -18.67 41.58
N SER D 241 28.69 -19.96 41.28
CA SER D 241 27.63 -20.92 41.56
C SER D 241 28.23 -22.11 42.30
N SER D 242 27.78 -22.33 43.53
CA SER D 242 28.28 -23.41 44.37
C SER D 242 27.16 -24.43 44.62
N VAL D 243 27.57 -25.68 44.82
CA VAL D 243 26.62 -26.69 45.28
C VAL D 243 26.04 -26.29 46.63
N GLU D 244 26.84 -25.60 47.45
CA GLU D 244 26.39 -25.23 48.79
C GLU D 244 25.43 -24.04 48.75
N LYS D 245 25.74 -23.03 47.93
CA LYS D 245 24.88 -21.84 47.86
C LYS D 245 23.45 -22.20 47.50
N LEU D 246 23.23 -23.31 46.80
CA LEU D 246 21.88 -23.76 46.46
C LEU D 246 21.30 -24.68 47.52
N ALA D 247 22.14 -25.44 48.23
CA ALA D 247 21.66 -26.21 49.37
C ALA D 247 21.11 -25.31 50.47
N THR D 248 21.31 -23.98 50.34
CA THR D 248 20.90 -23.05 51.39
C THR D 248 19.41 -22.78 51.38
N LEU D 249 18.81 -22.69 50.20
CA LEU D 249 17.43 -22.22 50.07
C LEU D 249 16.46 -23.40 50.21
N ARG D 250 15.14 -23.08 50.19
CA ARG D 250 14.12 -24.03 50.59
C ARG D 250 13.46 -24.67 49.38
N PRO D 251 12.96 -25.91 49.53
CA PRO D 251 12.21 -26.54 48.44
C PRO D 251 10.80 -25.98 48.33
N VAL D 252 10.29 -25.98 47.11
CA VAL D 252 8.99 -25.38 46.81
C VAL D 252 8.03 -26.36 46.16
N PHE D 253 8.46 -27.58 45.82
CA PHE D 253 7.62 -28.55 45.15
C PHE D 253 7.72 -29.90 45.86
N GLY D 254 6.57 -30.49 46.17
CA GLY D 254 6.53 -31.72 46.94
C GLY D 254 6.61 -31.53 48.43
N VAL D 255 6.36 -30.30 48.91
CA VAL D 255 6.52 -30.01 50.34
C VAL D 255 5.57 -30.85 51.18
N LYS D 256 4.28 -30.83 50.84
CA LYS D 256 3.29 -31.54 51.65
C LYS D 256 3.62 -33.03 51.74
N ALA D 257 3.87 -33.67 50.60
CA ALA D 257 4.17 -35.10 50.60
C ALA D 257 5.42 -35.43 51.41
N GLY D 258 6.29 -34.46 51.64
CA GLY D 258 7.45 -34.65 52.50
C GLY D 258 8.71 -35.01 51.72
N ASP D 259 9.84 -34.69 52.34
CA ASP D 259 11.16 -34.94 51.74
C ASP D 259 11.22 -34.34 50.33
N ALA D 260 10.78 -33.09 50.23
CA ALA D 260 10.78 -32.39 48.95
C ALA D 260 12.21 -32.06 48.53
N THR D 261 12.55 -32.42 47.30
CA THR D 261 13.91 -32.25 46.79
C THR D 261 14.04 -31.07 45.83
N MET D 262 12.98 -30.71 45.11
CA MET D 262 13.07 -29.65 44.12
C MET D 262 13.14 -28.29 44.81
N THR D 263 14.11 -27.47 44.40
CA THR D 263 14.33 -26.16 44.99
C THR D 263 14.05 -25.06 43.98
N ALA D 264 13.91 -23.84 44.51
CA ALA D 264 13.60 -22.69 43.67
C ALA D 264 14.77 -22.32 42.77
N GLY D 265 15.99 -22.40 43.29
CA GLY D 265 17.16 -22.22 42.44
C GLY D 265 17.36 -23.39 41.50
N ASN D 266 16.90 -24.59 41.90
CA ASN D 266 16.95 -25.76 41.03
C ASN D 266 15.92 -25.70 39.93
N SER D 267 14.83 -24.98 40.12
CA SER D 267 13.82 -24.86 39.07
C SER D 267 14.24 -23.79 38.06
N THR D 268 13.64 -23.87 36.87
CA THR D 268 13.97 -22.87 35.87
C THR D 268 13.16 -21.60 36.10
N PRO D 269 13.70 -20.45 35.76
CA PRO D 269 12.92 -19.20 35.83
C PRO D 269 12.22 -18.88 34.53
N LEU D 270 11.09 -18.19 34.67
CA LEU D 270 10.41 -17.62 33.51
C LEU D 270 11.34 -16.66 32.80
N THR D 271 11.60 -16.90 31.52
CA THR D 271 12.52 -16.09 30.74
C THR D 271 11.90 -15.77 29.38
N ASP D 272 12.34 -14.67 28.78
CA ASP D 272 11.90 -14.23 27.46
C ASP D 272 13.05 -14.41 26.48
N GLY D 273 12.81 -15.16 25.41
CA GLY D 273 13.88 -15.39 24.45
C GLY D 273 13.39 -15.82 23.09
N ALA D 274 14.24 -15.59 22.09
CA ALA D 274 13.99 -16.01 20.73
C ALA D 274 15.26 -16.62 20.16
N SER D 275 15.10 -17.61 19.29
CA SER D 275 16.25 -18.24 18.66
C SER D 275 15.85 -18.81 17.31
N VAL D 276 16.85 -19.06 16.47
CA VAL D 276 16.62 -19.63 15.15
C VAL D 276 17.91 -20.33 14.72
N ALA D 277 17.75 -21.41 13.94
CA ALA D 277 18.85 -22.22 13.44
C ALA D 277 18.72 -22.36 11.94
N LEU D 278 19.86 -22.35 11.24
CA LEU D 278 19.88 -22.47 9.79
C LEU D 278 20.24 -23.90 9.40
N LEU D 279 19.55 -24.42 8.38
CA LEU D 279 19.78 -25.75 7.85
C LEU D 279 19.74 -25.67 6.33
N ALA D 280 20.36 -26.64 5.67
CA ALA D 280 20.40 -26.62 4.22
C ALA D 280 20.87 -27.96 3.68
N SER D 281 20.70 -28.13 2.37
CA SER D 281 21.30 -29.24 1.66
C SER D 281 22.79 -28.97 1.45
N GLU D 282 23.54 -30.06 1.28
CA GLU D 282 24.98 -29.93 1.05
C GLU D 282 25.26 -29.01 -0.13
N GLN D 283 24.46 -29.14 -1.20
CA GLN D 283 24.67 -28.34 -2.39
C GLN D 283 24.55 -26.85 -2.08
N TRP D 284 23.51 -26.46 -1.33
CA TRP D 284 23.33 -25.04 -1.02
C TRP D 284 24.46 -24.51 -0.13
N ALA D 285 24.85 -25.29 0.89
CA ALA D 285 25.90 -24.85 1.79
C ALA D 285 27.20 -24.61 1.04
N GLU D 286 27.62 -25.59 0.22
CA GLU D 286 28.82 -25.37 -0.58
C GLU D 286 28.62 -24.19 -1.53
N ALA D 287 27.44 -24.10 -2.15
CA ALA D 287 27.20 -23.07 -3.17
C ALA D 287 27.31 -21.67 -2.59
N HIS D 288 27.09 -21.52 -1.29
CA HIS D 288 27.21 -20.24 -0.62
C HIS D 288 28.49 -20.14 0.21
N SER D 289 29.34 -21.16 0.19
CA SER D 289 30.61 -21.17 0.90
C SER D 289 30.42 -21.25 2.42
N LEU D 290 29.38 -21.95 2.86
CA LEU D 290 29.17 -22.23 4.26
C LEU D 290 29.49 -23.70 4.52
N ALA D 291 30.02 -23.98 5.72
CA ALA D 291 30.41 -25.33 6.09
C ALA D 291 29.40 -25.91 7.05
N PRO D 292 28.93 -27.15 6.84
CA PRO D 292 28.07 -27.78 7.84
C PRO D 292 28.82 -28.00 9.15
N LEU D 293 28.17 -27.66 10.26
CA LEU D 293 28.73 -28.00 11.57
C LEU D 293 28.38 -29.42 11.95
N ALA D 294 27.12 -29.82 11.71
CA ALA D 294 26.66 -31.17 11.98
C ALA D 294 25.52 -31.47 11.01
N TYR D 295 25.08 -32.72 11.04
CA TYR D 295 23.96 -33.16 10.23
C TYR D 295 22.87 -33.71 11.13
N LEU D 296 21.66 -33.18 10.99
CA LEU D 296 20.49 -33.79 11.63
C LEU D 296 20.15 -35.06 10.88
N VAL D 297 20.35 -36.22 11.52
CA VAL D 297 20.20 -37.50 10.84
C VAL D 297 18.82 -38.10 11.05
N ASP D 298 18.28 -38.02 12.26
CA ASP D 298 16.97 -38.60 12.54
C ASP D 298 16.43 -37.99 13.83
N ALA D 299 15.13 -38.19 14.05
CA ALA D 299 14.44 -37.66 15.21
C ALA D 299 13.30 -38.60 15.57
N GLU D 300 12.69 -38.35 16.72
CA GLU D 300 11.60 -39.17 17.21
C GLU D 300 10.83 -38.41 18.28
N THR D 301 9.51 -38.48 18.22
CA THR D 301 8.62 -37.75 19.10
C THR D 301 7.70 -38.71 19.82
N ALA D 302 7.45 -38.44 21.11
CA ALA D 302 6.69 -39.36 21.94
C ALA D 302 5.79 -38.58 22.88
N ALA D 303 4.70 -39.22 23.30
CA ALA D 303 3.80 -38.69 24.31
C ALA D 303 3.49 -39.80 25.32
N VAL D 304 2.95 -39.42 26.47
CA VAL D 304 2.68 -40.35 27.56
C VAL D 304 1.34 -40.04 28.20
N ASP D 305 0.88 -40.96 29.05
CA ASP D 305 -0.44 -40.90 29.68
C ASP D 305 -0.24 -40.32 31.08
N TYR D 306 -0.34 -39.00 31.17
CA TYR D 306 -0.01 -38.28 32.39
C TYR D 306 -1.22 -37.85 33.20
N VAL D 307 -2.40 -37.74 32.57
CA VAL D 307 -3.55 -37.16 33.26
C VAL D 307 -3.98 -38.04 34.42
N ASN D 308 -4.10 -39.36 34.18
CA ASN D 308 -4.42 -40.28 35.27
C ASN D 308 -3.31 -40.31 36.30
N GLY D 309 -2.07 -40.54 35.85
CA GLY D 309 -0.93 -40.51 36.74
C GLY D 309 0.01 -41.70 36.57
N ASN D 310 -0.28 -42.58 35.62
CA ASN D 310 0.60 -43.73 35.40
C ASN D 310 2.00 -43.26 35.03
N ASP D 311 2.13 -42.52 33.93
CA ASP D 311 3.41 -41.91 33.57
C ASP D 311 3.48 -40.48 34.10
N GLY D 312 4.69 -40.04 34.41
CA GLY D 312 4.90 -38.67 34.80
C GLY D 312 4.73 -37.72 33.62
N LEU D 313 4.56 -36.44 33.95
CA LEU D 313 4.24 -35.45 32.93
C LEU D 313 5.39 -35.28 31.94
N LEU D 314 6.60 -35.11 32.43
CA LEU D 314 7.75 -34.76 31.59
C LEU D 314 8.67 -35.94 31.34
N MET D 315 8.13 -37.15 31.28
CA MET D 315 8.92 -38.36 31.14
C MET D 315 8.74 -39.04 29.79
N ALA D 316 8.09 -38.37 28.84
CA ALA D 316 7.98 -38.94 27.50
C ALA D 316 9.33 -39.14 26.81
N PRO D 317 10.35 -38.29 27.01
CA PRO D 317 11.67 -38.59 26.44
C PRO D 317 12.12 -40.03 26.70
N THR D 318 11.84 -40.55 27.90
CA THR D 318 12.26 -41.92 28.22
C THR D 318 11.78 -42.92 27.18
N TYR D 319 10.59 -42.68 26.63
CA TYR D 319 10.06 -43.57 25.61
C TYR D 319 10.64 -43.29 24.23
N ALA D 320 10.95 -42.04 23.92
CA ALA D 320 11.36 -41.67 22.58
C ALA D 320 12.81 -42.07 22.30
N VAL D 321 13.71 -41.73 23.23
CA VAL D 321 15.14 -41.96 22.99
C VAL D 321 15.41 -43.42 22.61
N PRO D 322 14.91 -44.42 23.35
CA PRO D 322 15.21 -45.80 22.99
C PRO D 322 14.81 -46.14 21.55
N ARG D 323 13.55 -45.92 21.19
CA ARG D 323 13.11 -46.23 19.83
C ARG D 323 14.03 -45.57 18.80
N LEU D 324 14.23 -44.26 18.93
CA LEU D 324 15.17 -43.55 18.06
C LEU D 324 16.48 -44.34 17.96
N LEU D 325 17.12 -44.58 19.11
CA LEU D 325 18.36 -45.35 19.10
C LEU D 325 18.18 -46.64 18.30
N ALA D 326 17.15 -47.42 18.65
CA ALA D 326 16.96 -48.71 18.01
C ALA D 326 16.83 -48.55 16.50
N ARG D 327 16.13 -47.49 16.05
CA ARG D 327 15.89 -47.35 14.62
C ARG D 327 17.18 -47.18 13.85
N ASN D 328 18.20 -46.59 14.46
CA ASN D 328 19.43 -46.26 13.76
C ASN D 328 20.57 -47.22 14.08
N GLY D 329 20.36 -48.17 14.98
CA GLY D 329 21.36 -49.18 15.25
C GLY D 329 22.40 -48.81 16.28
N LEU D 330 22.06 -47.93 17.22
CA LEU D 330 23.00 -47.40 18.18
C LEU D 330 22.60 -47.82 19.60
N SER D 331 23.54 -47.62 20.52
CA SER D 331 23.30 -47.77 21.95
C SER D 331 23.35 -46.39 22.60
N LEU D 332 22.81 -46.33 23.83
CA LEU D 332 22.74 -45.05 24.53
C LEU D 332 24.11 -44.43 24.76
N GLN D 333 25.18 -45.20 24.62
CA GLN D 333 26.53 -44.74 24.95
C GLN D 333 27.34 -44.33 23.73
N ASP D 334 26.81 -44.51 22.52
CA ASP D 334 27.55 -44.24 21.28
C ASP D 334 27.42 -42.79 20.85
N PHE D 335 27.60 -41.87 21.79
CA PHE D 335 27.48 -40.44 21.50
C PHE D 335 28.61 -39.69 22.17
N ASP D 336 29.08 -38.63 21.50
CA ASP D 336 30.07 -37.74 22.08
C ASP D 336 29.44 -36.61 22.87
N PHE D 337 28.20 -36.23 22.56
CA PHE D 337 27.52 -35.23 23.37
C PHE D 337 26.10 -35.65 23.70
N TYR D 338 25.70 -35.43 24.95
CA TYR D 338 24.31 -35.56 25.39
C TYR D 338 23.83 -34.17 25.80
N GLU D 339 22.88 -33.62 25.06
CA GLU D 339 22.24 -32.37 25.46
C GLU D 339 20.80 -32.71 25.82
N ILE D 340 20.51 -32.73 27.12
CA ILE D 340 19.18 -32.98 27.64
C ILE D 340 18.66 -31.68 28.23
N HIS D 341 17.49 -31.26 27.77
CA HIS D 341 16.89 -30.02 28.23
C HIS D 341 16.63 -30.05 29.72
N GLU D 342 17.08 -29.00 30.41
CA GLU D 342 17.06 -28.96 31.87
C GLU D 342 15.94 -28.05 32.34
N ALA D 343 14.73 -28.61 32.46
CA ALA D 343 13.64 -27.91 33.14
C ALA D 343 13.69 -28.15 34.65
N PHE D 344 14.03 -29.36 35.06
CA PHE D 344 14.17 -29.66 36.48
C PHE D 344 15.29 -30.68 36.59
N ALA D 345 16.45 -30.25 37.10
CA ALA D 345 17.55 -31.18 37.32
C ALA D 345 17.00 -32.45 37.96
N SER D 346 15.96 -32.30 38.78
CA SER D 346 15.19 -33.45 39.22
C SER D 346 14.78 -34.31 38.03
N VAL D 347 14.15 -33.71 37.03
CA VAL D 347 13.63 -34.46 35.89
C VAL D 347 14.77 -35.13 35.13
N VAL D 348 15.86 -34.40 34.85
CA VAL D 348 16.88 -34.99 33.98
C VAL D 348 17.73 -36.02 34.72
N LEU D 349 17.95 -35.83 36.03
CA LEU D 349 18.57 -36.88 36.82
C LEU D 349 17.67 -38.11 36.90
N ALA D 350 16.36 -37.89 37.06
CA ALA D 350 15.40 -38.98 36.94
C ALA D 350 15.56 -39.71 35.62
N HIS D 351 15.74 -38.95 34.54
CA HIS D 351 15.91 -39.54 33.23
C HIS D 351 17.09 -40.51 33.20
N LEU D 352 18.26 -40.06 33.69
CA LEU D 352 19.40 -40.96 33.68
C LEU D 352 19.13 -42.21 34.53
N ALA D 353 18.63 -42.01 35.75
CA ALA D 353 18.23 -43.14 36.58
C ALA D 353 17.31 -44.09 35.82
N ALA D 354 16.27 -43.51 35.21
CA ALA D 354 15.32 -44.27 34.41
C ALA D 354 16.01 -45.15 33.38
N TRP D 355 16.98 -44.58 32.67
CA TRP D 355 17.59 -45.33 31.58
C TRP D 355 18.50 -46.43 32.11
N GLU D 356 19.05 -46.28 33.30
CA GLU D 356 19.83 -47.36 33.90
C GLU D 356 19.01 -48.21 34.87
N SER D 357 17.73 -47.92 35.01
CA SER D 357 16.90 -48.47 36.08
C SER D 357 16.67 -49.98 35.91
N GLU D 358 16.13 -50.58 36.98
CA GLU D 358 16.00 -52.02 37.13
C GLU D 358 14.94 -52.59 36.18
N GLU D 359 15.27 -52.68 34.90
CA GLU D 359 14.34 -53.18 33.89
C GLU D 359 13.01 -52.43 33.95
N TYR D 360 13.02 -51.19 34.43
CA TYR D 360 11.92 -50.27 34.10
C TYR D 360 11.84 -50.10 32.59
N CYS D 361 12.95 -50.30 31.89
CA CYS D 361 12.97 -50.44 30.44
C CYS D 361 12.31 -51.72 29.97
N LYS D 362 11.88 -52.58 30.90
CA LYS D 362 11.11 -53.77 30.60
C LYS D 362 9.64 -53.66 31.02
N ARG D 363 9.38 -53.01 32.15
CA ARG D 363 8.01 -52.88 32.63
C ARG D 363 7.28 -51.74 31.90
N ARG D 364 7.90 -50.56 31.85
CA ARG D 364 7.26 -49.39 31.26
C ARG D 364 7.75 -49.09 29.85
N LEU D 365 8.86 -49.69 29.42
CA LEU D 365 9.36 -49.52 28.05
C LEU D 365 9.24 -50.77 27.22
N GLY D 366 9.29 -51.94 27.84
CA GLY D 366 9.13 -53.19 27.12
C GLY D 366 10.34 -53.59 26.31
N LEU D 367 11.51 -53.64 26.96
CA LEU D 367 12.73 -54.11 26.33
C LEU D 367 13.40 -55.11 27.27
N ASP D 368 14.19 -56.01 26.70
CA ASP D 368 14.85 -57.06 27.46
C ASP D 368 15.67 -56.46 28.60
N ALA D 369 16.75 -55.77 28.27
CA ALA D 369 17.68 -55.22 29.26
C ALA D 369 17.50 -53.72 29.38
N ALA D 370 18.07 -53.17 30.45
CA ALA D 370 18.07 -51.72 30.65
C ALA D 370 19.04 -51.07 29.67
N LEU D 371 18.83 -49.76 29.46
CA LEU D 371 19.60 -49.04 28.45
C LEU D 371 20.98 -48.63 28.97
N GLY D 372 21.08 -48.30 30.25
CA GLY D 372 22.36 -48.06 30.90
C GLY D 372 22.54 -46.61 31.28
N SER D 373 23.73 -46.34 31.81
CA SER D 373 24.16 -44.99 32.13
C SER D 373 25.03 -44.46 31.00
N ILE D 374 25.48 -43.21 31.15
CA ILE D 374 26.37 -42.58 30.19
C ILE D 374 27.36 -41.70 30.93
N ASP D 375 28.44 -41.33 30.23
CA ASP D 375 29.48 -40.51 30.82
C ASP D 375 28.93 -39.12 31.09
N ARG D 376 28.76 -38.77 32.37
CA ARG D 376 28.37 -37.42 32.74
C ARG D 376 29.33 -36.38 32.18
N SER D 377 30.51 -36.80 31.71
CA SER D 377 31.46 -35.88 31.12
C SER D 377 30.87 -35.15 29.91
N LYS D 378 29.95 -35.80 29.19
CA LYS D 378 29.46 -35.29 27.91
C LYS D 378 28.03 -34.75 27.99
N LEU D 379 27.56 -34.39 29.18
CA LEU D 379 26.19 -33.93 29.36
C LEU D 379 26.17 -32.41 29.52
N ASN D 380 25.52 -31.72 28.58
CA ASN D 380 25.32 -30.28 28.66
C ASN D 380 26.66 -29.59 28.93
N VAL D 381 27.66 -29.96 28.11
CA VAL D 381 29.04 -29.63 28.43
C VAL D 381 29.23 -28.14 28.62
N ASN D 382 28.41 -27.33 27.95
CA ASN D 382 28.50 -25.88 28.05
C ASN D 382 27.30 -25.27 28.76
N GLY D 383 26.56 -26.07 29.52
CA GLY D 383 25.37 -25.60 30.20
C GLY D 383 24.12 -25.78 29.37
N SER D 384 22.98 -25.57 30.03
CA SER D 384 21.69 -25.74 29.36
C SER D 384 20.63 -24.81 29.94
N SER D 385 19.36 -25.25 29.90
CA SER D 385 18.26 -24.39 30.31
C SER D 385 18.31 -24.08 31.79
N LEU D 386 18.90 -24.96 32.60
CA LEU D 386 19.00 -24.70 34.03
C LEU D 386 19.76 -23.41 34.34
N ALA D 387 20.59 -22.94 33.42
CA ALA D 387 21.36 -21.72 33.59
C ALA D 387 20.90 -20.57 32.72
N ALA D 388 20.62 -20.83 31.45
CA ALA D 388 20.22 -19.74 30.54
C ALA D 388 18.80 -19.27 30.82
N GLY D 389 17.91 -20.20 31.13
CA GLY D 389 16.48 -19.94 31.23
C GLY D 389 15.70 -20.79 30.25
N HIS D 390 14.41 -20.52 30.15
CA HIS D 390 13.52 -21.35 29.32
C HIS D 390 12.36 -20.53 28.76
N PRO D 391 12.58 -19.75 27.70
CA PRO D 391 11.49 -19.39 26.80
C PRO D 391 11.10 -20.60 25.96
N PHE D 392 9.85 -21.05 26.12
CA PHE D 392 9.51 -22.41 25.69
C PHE D 392 9.91 -22.65 24.24
N ALA D 393 9.47 -21.79 23.31
CA ALA D 393 9.76 -22.05 21.91
C ALA D 393 11.21 -21.77 21.54
N ALA D 394 11.94 -21.01 22.36
CA ALA D 394 13.29 -20.61 22.00
C ALA D 394 14.34 -21.66 22.33
N THR D 395 14.12 -22.45 23.39
CA THR D 395 15.17 -23.34 23.87
C THR D 395 15.53 -24.41 22.84
N GLY D 396 14.60 -24.77 21.95
CA GLY D 396 14.91 -25.81 20.97
C GLY D 396 16.02 -25.41 20.02
N GLY D 397 15.88 -24.24 19.39
CA GLY D 397 16.93 -23.75 18.53
C GLY D 397 18.26 -23.58 19.24
N ARG D 398 18.21 -23.08 20.47
CA ARG D 398 19.43 -22.95 21.27
C ARG D 398 20.14 -24.29 21.38
N ILE D 399 19.42 -25.31 21.85
CA ILE D 399 20.04 -26.62 22.06
C ILE D 399 20.58 -27.17 20.75
N LEU D 400 19.83 -27.01 19.66
CA LEU D 400 20.25 -27.56 18.37
C LEU D 400 21.54 -26.90 17.90
N ALA D 401 21.53 -25.57 17.78
CA ALA D 401 22.70 -24.84 17.31
C ALA D 401 23.92 -25.19 18.16
N GLN D 402 23.76 -25.15 19.48
CA GLN D 402 24.85 -25.50 20.37
C GLN D 402 25.42 -26.86 20.02
N THR D 403 24.57 -27.90 20.00
CA THR D 403 25.07 -29.25 19.78
C THR D 403 25.82 -29.36 18.46
N ALA D 404 25.28 -28.76 17.40
CA ALA D 404 25.98 -28.81 16.12
C ALA D 404 27.39 -28.23 16.23
N LYS D 405 27.49 -27.05 16.86
CA LYS D 405 28.82 -26.43 16.96
C LYS D 405 29.75 -27.25 17.85
N GLN D 406 29.23 -27.84 18.93
CA GLN D 406 30.07 -28.65 19.79
C GLN D 406 30.67 -29.81 19.02
N LEU D 407 29.85 -30.47 18.19
CA LEU D 407 30.36 -31.55 17.36
C LEU D 407 31.45 -31.04 16.43
N ALA D 408 31.21 -29.91 15.78
CA ALA D 408 32.22 -29.38 14.85
C ALA D 408 33.52 -29.07 15.57
N GLU D 409 33.43 -28.49 16.77
CA GLU D 409 34.61 -28.24 17.61
C GLU D 409 35.43 -29.51 17.78
N LYS D 410 34.78 -30.55 18.30
CA LYS D 410 35.50 -31.79 18.58
C LYS D 410 36.03 -32.44 17.30
N LYS D 411 35.33 -32.25 16.17
CA LYS D 411 35.80 -32.82 14.91
C LYS D 411 37.06 -32.13 14.43
N ALA D 412 37.09 -30.80 14.50
CA ALA D 412 38.28 -30.07 14.10
C ALA D 412 39.47 -30.42 14.98
N ALA D 413 39.25 -30.50 16.31
CA ALA D 413 40.37 -30.78 17.21
C ALA D 413 40.93 -32.18 16.95
N LYS D 414 40.20 -33.22 17.34
CA LYS D 414 40.60 -34.58 17.00
C LYS D 414 40.33 -34.84 15.52
N LYS D 415 41.39 -35.15 14.77
CA LYS D 415 41.30 -35.29 13.32
C LYS D 415 41.46 -36.72 12.84
N GLY D 416 41.63 -37.68 13.73
CA GLY D 416 41.76 -39.07 13.33
C GLY D 416 40.44 -39.66 12.90
N GLY D 417 40.52 -40.83 12.26
CA GLY D 417 39.33 -41.53 11.81
C GLY D 417 38.30 -41.69 12.89
N GLY D 418 37.04 -41.36 12.60
CA GLY D 418 35.98 -41.49 13.57
C GLY D 418 34.67 -40.85 13.17
N PRO D 419 33.55 -41.44 13.62
CA PRO D 419 32.26 -40.75 13.54
C PRO D 419 31.86 -40.10 14.85
N LEU D 420 31.43 -38.84 14.80
CA LEU D 420 31.06 -38.08 15.99
C LEU D 420 29.56 -37.87 16.03
N ARG D 421 28.98 -38.05 17.22
CA ARG D 421 27.53 -37.97 17.37
C ARG D 421 27.12 -37.22 18.62
N GLY D 422 25.93 -36.64 18.53
CA GLY D 422 25.31 -35.98 19.64
C GLY D 422 23.84 -36.35 19.69
N LEU D 423 23.29 -36.37 20.89
CA LEU D 423 21.92 -36.78 21.12
C LEU D 423 21.22 -35.68 21.89
N ILE D 424 20.14 -35.15 21.31
CA ILE D 424 19.31 -34.15 21.96
C ILE D 424 18.08 -34.84 22.50
N SER D 425 17.69 -34.49 23.72
CA SER D 425 16.45 -35.00 24.29
C SER D 425 15.77 -33.89 25.08
N ILE D 426 14.52 -33.59 24.74
CA ILE D 426 13.77 -32.51 25.36
C ILE D 426 12.43 -33.05 25.85
N CYS D 427 12.16 -32.86 27.12
CA CYS D 427 10.82 -33.08 27.67
C CYS D 427 9.95 -31.86 27.38
N ALA D 428 8.64 -32.09 27.28
CA ALA D 428 7.69 -31.04 26.96
C ALA D 428 6.38 -31.29 27.69
N ALA D 429 5.71 -30.20 28.01
CA ALA D 429 4.46 -30.26 28.75
C ALA D 429 3.32 -30.67 27.83
N GLY D 430 2.19 -31.02 28.44
CA GLY D 430 1.21 -31.79 27.71
C GLY D 430 1.61 -33.24 27.56
N GLY D 431 2.59 -33.69 28.33
CA GLY D 431 3.03 -35.07 28.32
C GLY D 431 3.70 -35.49 27.04
N GLN D 432 4.65 -34.70 26.53
CA GLN D 432 5.29 -35.00 25.25
C GLN D 432 6.80 -34.83 25.37
N GLY D 433 7.48 -35.18 24.28
CA GLY D 433 8.92 -35.09 24.23
C GLY D 433 9.51 -35.35 22.86
N VAL D 434 10.63 -34.71 22.56
CA VAL D 434 11.30 -34.79 21.26
C VAL D 434 12.74 -35.17 21.48
N ALA D 435 13.25 -36.12 20.70
CA ALA D 435 14.66 -36.46 20.71
C ALA D 435 15.17 -36.46 19.27
N ALA D 436 16.45 -36.14 19.13
CA ALA D 436 17.07 -36.05 17.81
C ALA D 436 18.52 -36.51 17.91
N ILE D 437 19.09 -36.85 16.75
CA ILE D 437 20.50 -37.24 16.67
C ILE D 437 21.18 -36.34 15.66
N LEU D 438 22.37 -35.85 16.02
CA LEU D 438 23.19 -35.01 15.17
C LEU D 438 24.50 -35.73 14.89
N GLU D 439 24.96 -35.67 13.64
CA GLU D 439 26.18 -36.33 13.21
C GLU D 439 27.18 -35.32 12.67
N ALA D 440 28.45 -35.68 12.76
CA ALA D 440 29.50 -34.82 12.21
C ALA D 440 30.55 -35.64 11.46
#